data_2M7V
#
_entry.id   2M7V
#
loop_
_entity.id
_entity.type
_entity.pdbx_description
1 polymer 'Methyl-accepting chemotaxis protein'
2 non-polymer PHYCOVIOLOBILIN
#
_entity_poly.entity_id   1
_entity_poly.type   'polypeptide(L)'
_entity_poly.pdbx_seq_one_letter_code
;MAAVQLSELRDRQAIFETLVAKGRELLACDRVIVYAFDDNYVGTVVAESVAEGWPQARDQVIEDPCFREHWVEAYRQGRI
QATTDIFKAGLTECHLNQLRPLKVRANLVVPMVIDDQLFGLLIAHQASEPRQWQEIEIDQFSELASTGSLVLERLHFLEQ
TIASL
;
_entity_poly.pdbx_strand_id   A
#
loop_
_chem_comp.id
_chem_comp.type
_chem_comp.name
_chem_comp.formula
PVN non-polymer PHYCOVIOLOBILIN 'C33 H40 N4 O6'
#
# COMPACT_ATOMS: atom_id res chain seq x y z
N MET A 1 -31.43 -11.23 -1.09
CA MET A 1 -31.07 -10.29 0.03
C MET A 1 -29.57 -10.04 0.01
N ALA A 2 -29.18 -8.78 0.12
CA ALA A 2 -27.77 -8.41 0.11
C ALA A 2 -27.59 -6.96 0.56
N ALA A 3 -28.58 -6.45 1.28
CA ALA A 3 -28.52 -5.06 1.76
C ALA A 3 -28.38 -4.10 0.59
N VAL A 4 -29.35 -3.20 0.44
CA VAL A 4 -29.30 -2.23 -0.64
C VAL A 4 -27.97 -1.49 -0.66
N GLN A 5 -27.44 -1.21 0.53
CA GLN A 5 -26.17 -0.51 0.64
C GLN A 5 -25.09 -1.24 -0.14
N LEU A 6 -25.09 -2.56 -0.06
CA LEU A 6 -24.11 -3.37 -0.77
C LEU A 6 -24.24 -3.19 -2.27
N SER A 7 -25.47 -3.25 -2.76
CA SER A 7 -25.72 -3.09 -4.19
C SER A 7 -25.29 -1.70 -4.66
N GLU A 8 -25.56 -0.70 -3.81
CA GLU A 8 -25.19 0.67 -4.15
C GLU A 8 -23.72 0.92 -3.89
N LEU A 9 -22.99 -0.15 -3.59
CA LEU A 9 -21.55 -0.03 -3.32
C LEU A 9 -20.80 0.35 -4.60
N ARG A 10 -20.34 1.59 -4.65
CA ARG A 10 -19.60 2.08 -5.81
C ARG A 10 -18.57 3.12 -5.39
N ASP A 11 -18.30 3.20 -4.10
CA ASP A 11 -17.33 4.16 -3.58
C ASP A 11 -15.91 3.72 -3.90
N ARG A 12 -15.12 4.64 -4.46
CA ARG A 12 -13.74 4.33 -4.81
C ARG A 12 -12.98 3.83 -3.59
N GLN A 13 -13.38 4.30 -2.41
CA GLN A 13 -12.72 3.90 -1.18
C GLN A 13 -13.05 2.44 -0.84
N ALA A 14 -14.25 2.02 -1.23
CA ALA A 14 -14.69 0.64 -0.96
C ALA A 14 -13.71 -0.36 -1.55
N ILE A 15 -13.46 -0.23 -2.85
CA ILE A 15 -12.55 -1.15 -3.53
C ILE A 15 -11.16 -1.10 -2.92
N PHE A 16 -10.78 0.09 -2.42
CA PHE A 16 -9.47 0.27 -1.82
C PHE A 16 -9.45 -0.30 -0.40
N GLU A 17 -10.43 0.09 0.40
CA GLU A 17 -10.53 -0.40 1.77
C GLU A 17 -10.56 -1.92 1.81
N THR A 18 -10.96 -2.52 0.70
CA THR A 18 -11.05 -3.98 0.62
C THR A 18 -9.65 -4.59 0.52
N LEU A 19 -8.92 -4.20 -0.51
CA LEU A 19 -7.57 -4.74 -0.70
C LEU A 19 -6.83 -4.86 0.62
N VAL A 20 -6.71 -3.74 1.33
CA VAL A 20 -6.03 -3.74 2.62
C VAL A 20 -6.68 -4.72 3.58
N ALA A 21 -8.02 -4.80 3.53
CA ALA A 21 -8.75 -5.71 4.39
C ALA A 21 -8.27 -7.15 4.19
N LYS A 22 -8.08 -7.54 2.93
CA LYS A 22 -7.59 -8.87 2.62
C LYS A 22 -6.11 -9.00 2.98
N GLY A 23 -5.35 -7.95 2.68
CA GLY A 23 -3.92 -7.96 2.98
C GLY A 23 -3.65 -8.40 4.42
N ARG A 24 -4.36 -7.77 5.35
CA ARG A 24 -4.19 -8.11 6.77
C ARG A 24 -4.47 -9.59 7.00
N GLU A 25 -5.53 -10.10 6.37
CA GLU A 25 -5.90 -11.50 6.54
C GLU A 25 -4.96 -12.40 5.73
N LEU A 26 -4.55 -11.91 4.56
CA LEU A 26 -3.66 -12.68 3.70
C LEU A 26 -2.28 -12.79 4.32
N LEU A 27 -1.65 -11.64 4.57
CA LEU A 27 -0.32 -11.61 5.17
C LEU A 27 -0.39 -12.06 6.63
N ALA A 28 -1.55 -11.87 7.24
CA ALA A 28 -1.72 -12.19 8.66
C ALA A 28 -0.78 -11.35 9.52
N CYS A 29 -0.66 -10.07 9.18
CA CYS A 29 0.21 -9.16 9.93
C CYS A 29 -0.56 -8.49 11.05
N ASP A 30 -0.04 -7.36 11.52
CA ASP A 30 -0.67 -6.64 12.63
C ASP A 30 -1.15 -5.27 12.16
N ARG A 31 -0.47 -4.73 11.15
CA ARG A 31 -0.84 -3.41 10.63
C ARG A 31 -0.54 -3.33 9.13
N VAL A 32 -1.42 -2.66 8.40
CA VAL A 32 -1.26 -2.52 6.96
C VAL A 32 -1.81 -1.17 6.48
N ILE A 33 -1.17 -0.58 5.49
CA ILE A 33 -1.61 0.71 4.96
C ILE A 33 -1.43 0.77 3.45
N VAL A 34 -2.29 1.53 2.79
CA VAL A 34 -2.21 1.69 1.34
C VAL A 34 -1.77 3.10 0.98
N TYR A 35 -0.80 3.21 0.07
CA TYR A 35 -0.29 4.51 -0.32
C TYR A 35 0.11 4.51 -1.79
N ALA A 36 -0.12 5.62 -2.47
CA ALA A 36 0.24 5.75 -3.87
C ALA A 36 0.90 7.10 -4.13
N PHE A 37 1.55 7.23 -5.27
CA PHE A 37 2.24 8.47 -5.61
C PHE A 37 1.45 9.25 -6.66
N ASP A 38 0.76 10.30 -6.21
CA ASP A 38 -0.01 11.14 -7.12
C ASP A 38 0.91 11.98 -7.99
N ASP A 39 0.39 13.09 -8.50
CA ASP A 39 1.17 13.98 -9.35
C ASP A 39 1.98 14.96 -8.50
N ASN A 40 2.14 14.63 -7.22
CA ASN A 40 2.87 15.50 -6.32
C ASN A 40 3.97 14.72 -5.59
N TYR A 41 4.18 13.48 -6.01
CA TYR A 41 5.20 12.65 -5.40
C TYR A 41 4.90 12.43 -3.92
N VAL A 42 3.66 12.67 -3.54
CA VAL A 42 3.24 12.50 -2.15
C VAL A 42 2.44 11.21 -1.99
N GLY A 43 2.71 10.47 -0.92
CA GLY A 43 1.99 9.22 -0.65
C GLY A 43 0.50 9.48 -0.45
N THR A 44 -0.27 9.28 -1.51
CA THR A 44 -1.71 9.49 -1.45
C THR A 44 -2.32 8.64 -0.34
N VAL A 45 -3.17 9.26 0.47
CA VAL A 45 -3.82 8.56 1.58
C VAL A 45 -5.01 7.74 1.07
N VAL A 46 -4.71 6.68 0.33
CA VAL A 46 -5.77 5.82 -0.21
C VAL A 46 -6.62 5.25 0.91
N ALA A 47 -6.01 4.38 1.73
CA ALA A 47 -6.72 3.77 2.84
C ALA A 47 -5.75 3.37 3.94
N GLU A 48 -6.19 3.47 5.19
CA GLU A 48 -5.35 3.09 6.32
C GLU A 48 -6.05 2.06 7.19
N SER A 49 -5.34 0.99 7.53
CA SER A 49 -5.91 -0.07 8.36
C SER A 49 -4.94 -0.45 9.47
N VAL A 50 -5.35 -0.19 10.71
CA VAL A 50 -4.51 -0.52 11.86
C VAL A 50 -5.27 -1.41 12.85
N ALA A 51 -4.65 -2.52 13.23
CA ALA A 51 -5.27 -3.44 14.17
C ALA A 51 -5.62 -2.72 15.47
N GLU A 52 -6.42 -3.37 16.30
CA GLU A 52 -6.84 -2.78 17.57
C GLU A 52 -5.63 -2.51 18.46
N GLY A 53 -5.67 -1.40 19.19
CA GLY A 53 -4.59 -1.06 20.11
C GLY A 53 -3.68 0.00 19.49
N TRP A 54 -3.57 -0.02 18.17
CA TRP A 54 -2.74 0.95 17.47
C TRP A 54 -3.60 2.08 16.88
N PRO A 55 -3.11 3.28 16.92
CA PRO A 55 -3.84 4.46 16.39
C PRO A 55 -3.85 4.50 14.86
N GLN A 56 -4.71 5.34 14.29
CA GLN A 56 -4.81 5.46 12.85
C GLN A 56 -3.67 6.32 12.30
N ALA A 57 -2.84 5.73 11.45
CA ALA A 57 -1.71 6.45 10.88
C ALA A 57 -2.17 7.40 9.77
N ARG A 58 -3.44 7.27 9.39
CA ARG A 58 -3.99 8.11 8.33
C ARG A 58 -3.75 9.59 8.64
N ASP A 59 -3.59 9.90 9.92
CA ASP A 59 -3.37 11.28 10.34
C ASP A 59 -1.99 11.75 9.92
N GLN A 60 -1.16 10.82 9.47
CA GLN A 60 0.20 11.15 9.03
C GLN A 60 0.31 11.05 7.52
N VAL A 61 0.56 12.19 6.86
CA VAL A 61 0.70 12.20 5.42
C VAL A 61 2.17 12.04 5.03
N ILE A 62 2.49 10.92 4.39
CA ILE A 62 3.86 10.65 3.99
C ILE A 62 4.46 11.87 3.30
N GLU A 63 5.35 12.57 4.01
CA GLU A 63 5.99 13.75 3.45
C GLU A 63 7.13 13.36 2.53
N ASP A 64 7.80 12.26 2.86
CA ASP A 64 8.92 11.79 2.06
C ASP A 64 8.42 11.23 0.73
N PRO A 65 8.81 11.84 -0.35
CA PRO A 65 8.42 11.40 -1.73
C PRO A 65 9.31 10.27 -2.24
N CYS A 66 10.54 10.23 -1.74
CA CYS A 66 11.48 9.19 -2.16
C CYS A 66 11.74 9.28 -3.67
N PHE A 67 11.08 10.22 -4.32
CA PHE A 67 11.25 10.41 -5.76
C PHE A 67 12.70 10.69 -6.09
N ARG A 68 13.37 11.45 -5.22
CA ARG A 68 14.78 11.79 -5.44
C ARG A 68 15.60 10.55 -5.73
N GLU A 69 16.67 10.71 -6.49
CA GLU A 69 17.53 9.59 -6.84
C GLU A 69 16.72 8.48 -7.50
N HIS A 70 17.38 7.33 -7.73
CA HIS A 70 16.70 6.20 -8.36
C HIS A 70 15.86 5.44 -7.34
N TRP A 71 14.61 5.15 -7.70
CA TRP A 71 13.72 4.43 -6.81
C TRP A 71 12.44 4.04 -7.54
N VAL A 72 11.79 5.02 -8.17
CA VAL A 72 10.56 4.76 -8.91
C VAL A 72 10.79 3.71 -9.99
N GLU A 73 11.97 3.75 -10.60
CA GLU A 73 12.31 2.79 -11.65
C GLU A 73 12.37 1.38 -11.08
N ALA A 74 12.77 1.27 -9.82
CA ALA A 74 12.87 -0.04 -9.16
C ALA A 74 11.54 -0.78 -9.25
N TYR A 75 10.45 -0.08 -8.93
CA TYR A 75 9.13 -0.68 -8.99
C TYR A 75 8.65 -0.77 -10.43
N ARG A 76 9.16 0.13 -11.27
CA ARG A 76 8.76 0.15 -12.68
C ARG A 76 9.09 -1.18 -13.36
N GLN A 77 9.99 -1.95 -12.74
CA GLN A 77 10.40 -3.23 -13.30
C GLN A 77 9.80 -4.38 -12.50
N GLY A 78 9.04 -4.06 -11.47
CA GLY A 78 8.39 -5.07 -10.65
C GLY A 78 9.37 -5.64 -9.62
N ARG A 79 10.20 -4.76 -9.07
CA ARG A 79 11.18 -5.18 -8.06
C ARG A 79 10.48 -5.49 -6.74
N ILE A 80 11.01 -6.47 -6.02
CA ILE A 80 10.45 -6.85 -4.73
C ILE A 80 11.36 -6.40 -3.59
N GLN A 81 10.81 -5.64 -2.66
CA GLN A 81 11.59 -5.13 -1.53
C GLN A 81 11.11 -5.73 -0.22
N ALA A 82 12.00 -6.45 0.47
CA ALA A 82 11.64 -7.04 1.75
C ALA A 82 12.69 -6.67 2.81
N THR A 83 12.35 -5.69 3.65
CA THR A 83 13.26 -5.25 4.70
C THR A 83 12.73 -5.65 6.07
N THR A 84 13.34 -6.67 6.67
CA THR A 84 12.93 -7.13 7.99
C THR A 84 12.90 -5.96 8.98
N ASP A 85 13.60 -4.89 8.64
CA ASP A 85 13.68 -3.72 9.51
C ASP A 85 14.32 -2.55 8.78
N ILE A 86 13.55 -1.47 8.59
CA ILE A 86 14.07 -0.29 7.93
C ILE A 86 15.13 0.39 8.79
N PHE A 87 15.38 -0.19 9.96
CA PHE A 87 16.36 0.39 10.89
C PHE A 87 17.78 0.13 10.39
N LYS A 88 17.96 -1.00 9.70
CA LYS A 88 19.27 -1.35 9.17
C LYS A 88 19.39 -0.90 7.72
N ALA A 89 18.68 0.17 7.37
CA ALA A 89 18.66 0.65 6.00
C ALA A 89 18.84 2.16 5.97
N GLY A 90 19.62 2.65 5.00
CA GLY A 90 19.81 4.08 4.84
C GLY A 90 20.08 4.76 6.17
N LEU A 91 21.01 4.21 6.93
CA LEU A 91 21.40 4.79 8.21
C LEU A 91 21.93 6.21 8.01
N THR A 92 21.93 6.99 9.08
CA THR A 92 22.45 8.36 9.01
C THR A 92 21.64 9.18 8.00
N GLU A 93 20.39 8.79 7.79
CA GLU A 93 19.52 9.50 6.86
C GLU A 93 18.09 9.49 7.37
N CYS A 94 17.25 10.35 6.78
CA CYS A 94 15.85 10.42 7.16
C CYS A 94 15.17 9.07 6.96
N HIS A 95 14.64 8.51 8.03
CA HIS A 95 13.99 7.20 7.96
C HIS A 95 13.31 6.87 9.29
N LEU A 96 14.10 6.39 10.25
CA LEU A 96 13.57 6.06 11.56
C LEU A 96 12.74 7.22 12.12
N ASN A 97 13.20 8.44 11.86
CA ASN A 97 12.54 9.62 12.41
C ASN A 97 11.08 9.66 11.97
N GLN A 98 10.83 9.36 10.70
CA GLN A 98 9.47 9.41 10.17
C GLN A 98 8.83 8.02 10.20
N LEU A 99 9.64 7.01 10.53
CA LEU A 99 9.15 5.63 10.56
C LEU A 99 8.95 5.16 11.99
N ARG A 100 9.59 5.85 12.93
CA ARG A 100 9.50 5.47 14.33
C ARG A 100 8.08 5.68 14.85
N PRO A 101 7.50 6.82 14.54
CA PRO A 101 6.15 7.19 15.03
C PRO A 101 5.10 6.13 14.70
N LEU A 102 5.11 5.66 13.46
CA LEU A 102 4.13 4.67 13.01
C LEU A 102 4.36 3.33 13.72
N LYS A 103 5.46 3.24 14.45
CA LYS A 103 5.77 2.03 15.20
C LYS A 103 5.92 0.84 14.25
N VAL A 104 6.32 1.12 13.01
CA VAL A 104 6.51 0.07 12.02
C VAL A 104 7.81 -0.68 12.28
N ARG A 105 7.68 -1.92 12.74
CA ARG A 105 8.85 -2.75 13.03
C ARG A 105 9.19 -3.63 11.84
N ALA A 106 8.23 -3.77 10.92
CA ALA A 106 8.42 -4.59 9.74
C ALA A 106 8.01 -3.82 8.48
N ASN A 107 8.79 -3.96 7.42
CA ASN A 107 8.48 -3.26 6.17
C ASN A 107 8.46 -4.22 4.99
N LEU A 108 7.31 -4.31 4.34
CA LEU A 108 7.17 -5.17 3.16
C LEU A 108 6.47 -4.39 2.05
N VAL A 109 7.06 -4.37 0.86
CA VAL A 109 6.49 -3.63 -0.25
C VAL A 109 6.40 -4.49 -1.51
N VAL A 110 5.38 -4.23 -2.32
CA VAL A 110 5.19 -4.96 -3.56
C VAL A 110 4.72 -4.01 -4.66
N PRO A 111 5.34 -4.07 -5.80
CA PRO A 111 5.05 -3.13 -6.93
C PRO A 111 3.70 -3.40 -7.59
N MET A 112 2.95 -2.33 -7.82
CA MET A 112 1.67 -2.44 -8.51
C MET A 112 1.59 -1.42 -9.65
N VAL A 113 1.48 -1.92 -10.88
CA VAL A 113 1.49 -1.05 -12.04
C VAL A 113 0.23 -1.23 -12.88
N ILE A 114 -0.10 -0.20 -13.65
CA ILE A 114 -1.28 -0.25 -14.52
C ILE A 114 -0.89 0.11 -15.95
N ASP A 115 -1.28 -0.72 -16.90
CA ASP A 115 -0.94 -0.48 -18.30
C ASP A 115 0.51 -0.04 -18.43
N ASP A 116 1.41 -0.80 -17.79
CA ASP A 116 2.83 -0.48 -17.84
C ASP A 116 3.09 0.91 -17.25
N GLN A 117 2.38 1.21 -16.16
CA GLN A 117 2.55 2.50 -15.50
C GLN A 117 2.49 2.34 -13.98
N LEU A 118 3.19 3.21 -13.27
CA LEU A 118 3.22 3.15 -11.81
C LEU A 118 1.98 3.82 -11.23
N PHE A 119 1.26 3.09 -10.38
CA PHE A 119 0.04 3.61 -9.76
C PHE A 119 0.24 3.77 -8.26
N GLY A 120 0.65 2.69 -7.61
CA GLY A 120 0.85 2.70 -6.17
C GLY A 120 1.48 1.39 -5.69
N LEU A 121 1.66 1.27 -4.38
CA LEU A 121 2.26 0.07 -3.81
C LEU A 121 1.60 -0.26 -2.48
N LEU A 122 1.41 -1.56 -2.22
CA LEU A 122 0.80 -2.00 -0.97
C LEU A 122 1.88 -2.35 0.05
N ILE A 123 1.79 -1.76 1.24
CA ILE A 123 2.77 -2.00 2.28
C ILE A 123 2.13 -2.61 3.51
N ALA A 124 2.82 -3.56 4.13
CA ALA A 124 2.32 -4.20 5.34
C ALA A 124 3.34 -4.08 6.46
N HIS A 125 2.99 -3.33 7.51
CA HIS A 125 3.89 -3.13 8.64
C HIS A 125 3.37 -3.86 9.87
N GLN A 126 4.25 -4.66 10.49
CA GLN A 126 3.92 -5.32 11.74
C GLN A 126 4.35 -4.46 12.93
N ALA A 127 3.37 -4.03 13.72
CA ALA A 127 3.64 -3.14 14.84
C ALA A 127 3.92 -3.93 16.11
N SER A 128 3.79 -5.25 16.01
CA SER A 128 4.00 -6.11 17.17
C SER A 128 5.41 -6.70 17.16
N GLU A 129 5.95 -6.89 15.96
CA GLU A 129 7.28 -7.48 15.82
C GLU A 129 7.60 -7.73 14.35
N PRO A 130 8.85 -7.66 14.00
CA PRO A 130 9.32 -7.90 12.60
C PRO A 130 9.23 -9.37 12.21
N ARG A 131 8.55 -9.65 11.11
CA ARG A 131 8.36 -11.02 10.66
C ARG A 131 9.03 -11.25 9.31
N GLN A 132 9.64 -12.41 9.16
CA GLN A 132 10.26 -12.77 7.88
C GLN A 132 9.19 -13.22 6.88
N TRP A 133 9.05 -12.48 5.79
CA TRP A 133 8.03 -12.78 4.80
C TRP A 133 8.23 -14.19 4.24
N GLN A 134 7.13 -14.84 3.88
CA GLN A 134 7.21 -16.18 3.29
C GLN A 134 7.21 -16.09 1.78
N GLU A 135 8.03 -16.92 1.14
CA GLU A 135 8.12 -16.93 -0.32
C GLU A 135 6.72 -16.99 -0.94
N ILE A 136 5.86 -17.81 -0.37
CA ILE A 136 4.49 -17.95 -0.85
C ILE A 136 3.66 -16.73 -0.46
N GLU A 137 3.93 -16.20 0.74
CA GLU A 137 3.19 -15.04 1.23
C GLU A 137 3.47 -13.82 0.37
N ILE A 138 4.70 -13.69 -0.10
CA ILE A 138 5.08 -12.56 -0.94
C ILE A 138 4.38 -12.62 -2.29
N ASP A 139 4.42 -13.79 -2.92
CA ASP A 139 3.77 -13.96 -4.22
C ASP A 139 2.27 -13.72 -4.11
N GLN A 140 1.65 -14.31 -3.09
CA GLN A 140 0.21 -14.16 -2.89
C GLN A 140 -0.13 -12.69 -2.65
N PHE A 141 0.65 -12.02 -1.82
CA PHE A 141 0.41 -10.62 -1.50
C PHE A 141 0.61 -9.75 -2.75
N SER A 142 1.67 -10.04 -3.50
CA SER A 142 1.93 -9.33 -4.74
C SER A 142 0.77 -9.49 -5.71
N GLU A 143 0.13 -10.66 -5.67
CA GLU A 143 -1.02 -10.91 -6.52
C GLU A 143 -2.19 -10.00 -6.13
N LEU A 144 -2.37 -9.80 -4.84
CA LEU A 144 -3.43 -8.93 -4.34
C LEU A 144 -3.27 -7.53 -4.91
N ALA A 145 -2.04 -7.03 -4.91
CA ALA A 145 -1.77 -5.70 -5.44
C ALA A 145 -2.01 -5.67 -6.94
N SER A 146 -1.51 -6.69 -7.64
CA SER A 146 -1.69 -6.76 -9.09
C SER A 146 -3.16 -6.76 -9.45
N THR A 147 -3.99 -7.34 -8.57
CA THR A 147 -5.43 -7.41 -8.81
C THR A 147 -6.02 -6.01 -8.91
N GLY A 148 -5.64 -5.15 -7.97
CA GLY A 148 -6.14 -3.77 -7.96
C GLY A 148 -6.00 -3.15 -9.34
N SER A 149 -4.91 -3.47 -10.03
CA SER A 149 -4.68 -2.95 -11.37
C SER A 149 -5.82 -3.35 -12.31
N LEU A 150 -6.31 -4.58 -12.14
CA LEU A 150 -7.42 -5.07 -12.94
C LEU A 150 -8.62 -4.13 -12.84
N VAL A 151 -9.00 -3.81 -11.60
CA VAL A 151 -10.14 -2.95 -11.38
C VAL A 151 -9.84 -1.53 -11.83
N LEU A 152 -8.74 -0.98 -11.35
CA LEU A 152 -8.35 0.39 -11.69
C LEU A 152 -8.30 0.55 -13.20
N GLU A 153 -7.72 -0.43 -13.87
CA GLU A 153 -7.60 -0.38 -15.34
C GLU A 153 -8.97 -0.19 -15.97
N ARG A 154 -9.98 -0.87 -15.44
CA ARG A 154 -11.33 -0.76 -15.97
C ARG A 154 -11.96 0.57 -15.59
N LEU A 155 -11.91 0.89 -14.31
CA LEU A 155 -12.50 2.14 -13.81
C LEU A 155 -11.71 3.34 -14.32
N HIS A 156 -10.39 3.31 -14.10
CA HIS A 156 -9.54 4.42 -14.52
C HIS A 156 -9.85 4.82 -15.96
N PHE A 157 -10.11 3.83 -16.81
CA PHE A 157 -10.42 4.10 -18.20
C PHE A 157 -11.88 4.50 -18.39
N LEU A 158 -12.78 3.67 -17.85
CA LEU A 158 -14.21 3.94 -17.99
C LEU A 158 -14.58 5.26 -17.32
N GLU A 159 -14.05 5.48 -16.12
CA GLU A 159 -14.33 6.71 -15.38
C GLU A 159 -13.88 7.93 -16.19
N GLN A 160 -12.67 7.87 -16.73
CA GLN A 160 -12.14 8.97 -17.51
C GLN A 160 -12.90 9.12 -18.82
N THR A 161 -13.12 7.99 -19.51
CA THR A 161 -13.82 8.02 -20.79
C THR A 161 -15.21 8.60 -20.63
N ILE A 162 -15.83 8.35 -19.48
CA ILE A 162 -17.18 8.85 -19.22
C ILE A 162 -17.22 10.36 -19.35
N ALA A 163 -16.25 11.03 -18.74
CA ALA A 163 -16.17 12.48 -18.80
C ALA A 163 -16.04 12.97 -20.24
N SER A 164 -15.27 12.23 -21.03
CA SER A 164 -15.08 12.58 -22.43
C SER A 164 -16.37 12.41 -23.22
N LEU A 165 -17.33 11.70 -22.64
CA LEU A 165 -18.60 11.47 -23.30
C LEU A 165 -19.22 12.79 -23.74
C31 PVN B . 14.97 10.37 3.57
C32 PVN B . 13.46 10.61 3.72
C3 PVN B . 15.49 10.50 2.11
C2 PVN B . 15.82 11.69 1.45
C21 PVN B . 15.74 13.12 1.99
C1 PVN B . 16.25 11.40 0.16
O1 PVN B . 16.57 12.23 -0.69
N1 PVN B . 16.27 10.10 -0.06
C4 PVN B . 15.76 9.36 1.10
C5 PVN B . 14.55 8.53 0.60
C6 PVN B . 14.69 6.98 0.69
C7 PVN B . 15.60 6.27 -0.07
C41 PVN B . 16.55 6.96 -1.08
N2 PVN B . 14.03 6.07 1.46
C9 PVN B . 14.46 4.80 1.22
C8 PVN B . 15.48 4.91 0.23
C51 PVN B . 16.36 3.80 -0.44
C52 PVN B . 17.88 3.79 -0.18
C53 PVN B . 18.81 3.97 -1.40
O54 PVN B . 19.04 2.97 -2.14
O55 PVN B . 19.31 5.10 -1.61
C10 PVN B . 14.10 3.53 1.74
C11 PVN B . 12.71 3.13 1.78
C12 PVN B . 12.17 1.99 2.39
C61 PVN B . 13.01 0.95 3.18
C62 PVN B . 12.97 -0.55 2.85
C63 PVN B . 14.02 -0.93 1.79
O64 PVN B . 14.96 -1.67 2.16
O65 PVN B . 13.87 -0.47 0.63
N3 PVN B . 11.65 3.76 1.23
C14 PVN B . 10.46 3.14 1.43
C13 PVN B . 10.78 2.00 2.17
C71 PVN B . 9.75 0.96 2.66
C15 PVN B . 9.18 3.57 0.97
C16 PVN B . 8.60 4.76 1.50
C17 PVN B . 7.48 4.59 2.36
C81 PVN B . 6.82 3.25 2.77
N4 PVN B . 8.76 6.10 1.46
C19 PVN B . 7.84 6.73 2.21
O19 PVN B . 7.76 7.94 2.35
C18 PVN B . 6.99 5.81 2.81
C91 PVN B . 5.77 6.01 3.75
C92 PVN B . 5.81 5.36 5.15
H321 PVN B . 13.14 10.20 4.56
H322 PVN B . 13.30 11.60 3.75
HC4 PVN B . 16.43 8.65 1.59
H211 PVN B . 14.92 13.57 1.66
H212 PVN B . 15.75 13.10 2.99
H213 PVN B . 16.55 13.63 1.68
HN1 PVN B . 16.58 9.60 -0.88
H5C1 PVN B . 13.69 8.82 1.22
H5C2 PVN B . 14.35 8.80 -0.44
HN2 PVN B . 13.31 6.32 2.10
H411 PVN B . 17.10 7.64 -0.61
H412 PVN B . 17.17 6.26 -1.47
H413 PVN B . 16.03 7.38 -1.81
H101 PVN B . 14.87 2.85 2.12
H511 PVN B . 16.24 3.92 -1.43
H512 PVN B . 15.99 2.91 -0.15
H521 PVN B . 18.08 4.53 0.46
H522 PVN B . 18.11 2.91 0.24
H611 PVN B . 12.69 1.01 4.13
H612 PVN B . 13.97 1.23 3.12
H621 PVN B . 12.06 -0.78 2.49
H622 PVN B . 13.13 -1.07 3.69
H151 PVN B . 8.70 3.05 0.27
H711 PVN B . 8.87 1.42 2.83
H712 PVN B . 9.62 0.26 1.96
H713 PVN B . 10.06 0.54 3.51
HN4 PVN B . 9.47 6.59 0.95
H811 PVN B . 7.39 2.49 2.46
H812 PVN B . 6.78 3.21 3.78
H813 PVN B . 5.91 3.18 2.39
H911 PVN B . 5.67 7.00 3.90
H912 PVN B . 4.97 5.66 3.28
H921 PVN B . 5.89 6.07 5.85
H922 PVN B . 4.95 4.86 5.30
H923 PVN B . 6.58 4.73 5.22
H323 PVN B . 12.98 10.22 2.93
HXT PVN B . 15.12 9.31 3.84
N MET A 1 -21.28 -7.43 11.28
CA MET A 1 -21.25 -7.38 9.80
C MET A 1 -22.66 -7.16 9.26
N ALA A 2 -23.65 -7.62 10.00
CA ALA A 2 -25.04 -7.46 9.59
C ALA A 2 -25.43 -5.99 9.61
N ALA A 3 -24.65 -5.18 10.31
CA ALA A 3 -24.93 -3.75 10.40
C ALA A 3 -25.15 -3.16 9.02
N VAL A 4 -25.57 -1.90 8.97
CA VAL A 4 -25.82 -1.23 7.71
C VAL A 4 -24.60 -0.42 7.28
N GLN A 5 -23.63 -0.32 8.17
CA GLN A 5 -22.41 0.44 7.88
C GLN A 5 -21.82 -0.01 6.54
N LEU A 6 -21.86 -1.31 6.29
CA LEU A 6 -21.33 -1.85 5.04
C LEU A 6 -22.06 -1.25 3.84
N SER A 7 -23.35 -1.02 4.01
CA SER A 7 -24.15 -0.46 2.92
C SER A 7 -23.62 0.91 2.51
N GLU A 8 -23.08 1.65 3.48
CA GLU A 8 -22.53 2.97 3.21
C GLU A 8 -21.20 2.85 2.46
N LEU A 9 -20.80 1.62 2.17
CA LEU A 9 -19.55 1.39 1.45
C LEU A 9 -19.82 1.08 -0.02
N ARG A 10 -19.45 2.01 -0.90
CA ARG A 10 -19.66 1.82 -2.33
C ARG A 10 -19.03 2.95 -3.12
N ASP A 11 -17.69 2.97 -3.15
CA ASP A 11 -16.97 4.01 -3.87
C ASP A 11 -15.52 3.60 -4.11
N ARG A 12 -14.73 4.52 -4.67
CA ARG A 12 -13.33 4.23 -4.95
C ARG A 12 -12.62 3.76 -3.68
N GLN A 13 -13.05 4.30 -2.54
CA GLN A 13 -12.44 3.93 -1.26
C GLN A 13 -12.78 2.49 -0.90
N ALA A 14 -13.99 2.06 -1.26
CA ALA A 14 -14.43 0.70 -0.95
C ALA A 14 -13.46 -0.33 -1.52
N ILE A 15 -13.22 -0.24 -2.83
CA ILE A 15 -12.33 -1.17 -3.50
C ILE A 15 -10.94 -1.13 -2.88
N PHE A 16 -10.55 0.04 -2.39
CA PHE A 16 -9.23 0.20 -1.78
C PHE A 16 -9.22 -0.35 -0.35
N GLU A 17 -10.20 0.08 0.44
CA GLU A 17 -10.29 -0.37 1.82
C GLU A 17 -10.34 -1.90 1.89
N THR A 18 -10.79 -2.52 0.80
CA THR A 18 -10.90 -3.97 0.75
C THR A 18 -9.52 -4.61 0.65
N LEU A 19 -8.79 -4.27 -0.41
CA LEU A 19 -7.46 -4.82 -0.62
C LEU A 19 -6.72 -4.96 0.71
N VAL A 20 -6.58 -3.83 1.41
CA VAL A 20 -5.90 -3.83 2.70
C VAL A 20 -6.56 -4.80 3.67
N ALA A 21 -7.89 -4.87 3.61
CA ALA A 21 -8.64 -5.78 4.48
C ALA A 21 -8.16 -7.22 4.29
N LYS A 22 -8.01 -7.63 3.03
CA LYS A 22 -7.56 -8.97 2.73
C LYS A 22 -6.07 -9.13 3.07
N GLY A 23 -5.29 -8.11 2.72
CA GLY A 23 -3.85 -8.15 3.00
C GLY A 23 -3.59 -8.56 4.44
N ARG A 24 -4.29 -7.92 5.37
CA ARG A 24 -4.12 -8.23 6.79
C ARG A 24 -4.40 -9.70 7.06
N GLU A 25 -5.46 -10.22 6.46
CA GLU A 25 -5.83 -11.62 6.64
C GLU A 25 -4.89 -12.53 5.86
N LEU A 26 -4.51 -12.09 4.66
CA LEU A 26 -3.63 -12.87 3.81
C LEU A 26 -2.24 -12.97 4.43
N LEU A 27 -1.62 -11.82 4.67
CA LEU A 27 -0.29 -11.79 5.28
C LEU A 27 -0.36 -12.21 6.74
N ALA A 28 -1.52 -12.02 7.35
CA ALA A 28 -1.69 -12.32 8.76
C ALA A 28 -0.76 -11.47 9.62
N CYS A 29 -0.65 -10.19 9.27
CA CYS A 29 0.22 -9.28 10.00
C CYS A 29 -0.56 -8.60 11.13
N ASP A 30 -0.05 -7.46 11.60
CA ASP A 30 -0.69 -6.74 12.68
C ASP A 30 -1.14 -5.35 12.23
N ARG A 31 -0.45 -4.82 11.22
CA ARG A 31 -0.79 -3.50 10.70
C ARG A 31 -0.49 -3.41 9.21
N VAL A 32 -1.35 -2.73 8.47
CA VAL A 32 -1.18 -2.58 7.03
C VAL A 32 -1.75 -1.24 6.56
N ILE A 33 -1.11 -0.64 5.56
CA ILE A 33 -1.56 0.64 5.04
C ILE A 33 -1.37 0.71 3.53
N VAL A 34 -2.23 1.48 2.87
CA VAL A 34 -2.12 1.66 1.42
C VAL A 34 -1.67 3.08 1.10
N TYR A 35 -0.67 3.19 0.24
CA TYR A 35 -0.11 4.50 -0.10
C TYR A 35 0.31 4.54 -1.57
N ALA A 36 0.13 5.69 -2.20
CA ALA A 36 0.55 5.88 -3.58
C ALA A 36 1.17 7.26 -3.76
N PHE A 37 1.83 7.45 -4.90
CA PHE A 37 2.49 8.72 -5.19
C PHE A 37 1.65 9.55 -6.15
N ASP A 38 1.00 10.59 -5.63
CA ASP A 38 0.20 11.47 -6.47
C ASP A 38 1.09 12.34 -7.36
N ASP A 39 0.53 13.44 -7.85
CA ASP A 39 1.28 14.34 -8.70
C ASP A 39 2.01 15.39 -7.87
N ASN A 40 2.12 15.14 -6.57
CA ASN A 40 2.77 16.08 -5.67
C ASN A 40 3.88 15.38 -4.88
N TYR A 41 4.23 14.17 -5.31
CA TYR A 41 5.27 13.41 -4.62
C TYR A 41 4.88 13.15 -3.17
N VAL A 42 3.60 13.33 -2.86
CA VAL A 42 3.11 13.11 -1.51
C VAL A 42 2.41 11.76 -1.40
N GLY A 43 2.70 11.02 -0.33
CA GLY A 43 2.09 9.72 -0.13
C GLY A 43 0.56 9.83 -0.10
N THR A 44 -0.07 9.51 -1.22
CA THR A 44 -1.52 9.57 -1.32
C THR A 44 -2.17 8.74 -0.22
N VAL A 45 -3.15 9.33 0.47
CA VAL A 45 -3.84 8.64 1.55
C VAL A 45 -5.00 7.81 1.00
N VAL A 46 -4.68 6.66 0.43
CA VAL A 46 -5.71 5.78 -0.13
C VAL A 46 -6.56 5.19 0.98
N ALA A 47 -5.96 4.31 1.78
CA ALA A 47 -6.66 3.68 2.89
C ALA A 47 -5.68 3.28 3.99
N GLU A 48 -6.13 3.39 5.24
CA GLU A 48 -5.29 3.02 6.36
C GLU A 48 -6.00 2.00 7.25
N SER A 49 -5.29 0.93 7.60
CA SER A 49 -5.87 -0.12 8.44
C SER A 49 -4.90 -0.49 9.56
N VAL A 50 -5.31 -0.22 10.79
CA VAL A 50 -4.47 -0.53 11.95
C VAL A 50 -5.22 -1.42 12.94
N ALA A 51 -4.61 -2.53 13.32
CA ALA A 51 -5.23 -3.45 14.27
C ALA A 51 -5.57 -2.72 15.58
N GLU A 52 -6.36 -3.36 16.42
CA GLU A 52 -6.77 -2.75 17.68
C GLU A 52 -5.55 -2.47 18.55
N GLY A 53 -5.58 -1.36 19.26
CA GLY A 53 -4.50 -1.01 20.18
C GLY A 53 -3.58 0.04 19.55
N TRP A 54 -3.48 0.01 18.22
CA TRP A 54 -2.66 0.98 17.51
C TRP A 54 -3.53 2.09 16.92
N PRO A 55 -3.00 3.29 16.90
CA PRO A 55 -3.73 4.48 16.36
C PRO A 55 -3.80 4.47 14.84
N GLN A 56 -4.66 5.33 14.28
CA GLN A 56 -4.80 5.42 12.84
C GLN A 56 -3.66 6.23 12.23
N ALA A 57 -2.88 5.60 11.37
CA ALA A 57 -1.76 6.26 10.73
C ALA A 57 -2.24 7.21 9.64
N ARG A 58 -3.52 7.11 9.30
CA ARG A 58 -4.09 7.96 8.27
C ARG A 58 -3.81 9.43 8.56
N ASP A 59 -3.77 9.77 9.84
CA ASP A 59 -3.51 11.15 10.24
C ASP A 59 -2.08 11.56 9.90
N GLN A 60 -1.26 10.56 9.60
CA GLN A 60 0.14 10.83 9.24
C GLN A 60 0.36 10.64 7.74
N VAL A 61 0.73 11.73 7.07
CA VAL A 61 0.97 11.67 5.63
C VAL A 61 2.46 11.58 5.35
N ILE A 62 2.87 10.47 4.73
CA ILE A 62 4.28 10.28 4.39
C ILE A 62 4.86 11.52 3.71
N GLU A 63 5.73 12.22 4.42
CA GLU A 63 6.34 13.43 3.87
C GLU A 63 7.47 13.07 2.91
N ASP A 64 8.08 11.91 3.13
CA ASP A 64 9.18 11.46 2.27
C ASP A 64 8.70 11.32 0.83
N PRO A 65 9.20 12.15 -0.04
CA PRO A 65 8.82 12.14 -1.48
C PRO A 65 9.59 11.07 -2.27
N CYS A 66 8.94 10.51 -3.29
CA CYS A 66 9.59 9.50 -4.12
C CYS A 66 10.35 10.15 -5.26
N PHE A 67 11.68 9.99 -5.25
CA PHE A 67 12.51 10.58 -6.28
C PHE A 67 12.58 9.66 -7.50
N ARG A 68 12.47 10.25 -8.69
CA ARG A 68 12.50 9.47 -9.92
C ARG A 68 13.94 9.17 -10.32
N GLU A 69 14.86 9.32 -9.37
CA GLU A 69 16.27 9.06 -9.63
C GLU A 69 16.48 7.62 -10.08
N HIS A 70 15.77 6.70 -9.44
CA HIS A 70 15.89 5.29 -9.78
C HIS A 70 14.92 4.45 -8.94
N TRP A 71 14.64 4.91 -7.73
CA TRP A 71 13.76 4.19 -6.83
C TRP A 71 12.42 3.91 -7.52
N VAL A 72 11.84 4.93 -8.13
CA VAL A 72 10.57 4.78 -8.82
C VAL A 72 10.68 3.75 -9.93
N GLU A 73 11.80 3.80 -10.65
CA GLU A 73 12.02 2.85 -11.74
C GLU A 73 12.13 1.43 -11.21
N ALA A 74 12.64 1.29 -9.99
CA ALA A 74 12.79 -0.02 -9.38
C ALA A 74 11.45 -0.76 -9.38
N TYR A 75 10.39 -0.07 -9.00
CA TYR A 75 9.07 -0.67 -8.98
C TYR A 75 8.49 -0.74 -10.40
N ARG A 76 8.94 0.17 -11.26
CA ARG A 76 8.45 0.21 -12.63
C ARG A 76 8.78 -1.08 -13.36
N GLN A 77 9.69 -1.86 -12.80
CA GLN A 77 10.11 -3.12 -13.42
C GLN A 77 9.54 -4.32 -12.64
N GLY A 78 8.83 -4.02 -11.55
CA GLY A 78 8.23 -5.08 -10.75
C GLY A 78 9.22 -5.62 -9.75
N ARG A 79 10.04 -4.74 -9.19
CA ARG A 79 11.04 -5.14 -8.20
C ARG A 79 10.36 -5.44 -6.86
N ILE A 80 10.90 -6.43 -6.14
CA ILE A 80 10.36 -6.80 -4.84
C ILE A 80 11.28 -6.33 -3.72
N GLN A 81 10.72 -5.54 -2.80
CA GLN A 81 11.51 -5.02 -1.69
C GLN A 81 11.03 -5.61 -0.37
N ALA A 82 11.92 -6.32 0.31
CA ALA A 82 11.60 -6.90 1.60
C ALA A 82 12.63 -6.53 2.65
N THR A 83 12.30 -5.55 3.48
CA THR A 83 13.23 -5.09 4.52
C THR A 83 12.71 -5.49 5.90
N THR A 84 13.31 -6.53 6.47
CA THR A 84 12.91 -6.98 7.80
C THR A 84 12.89 -5.83 8.78
N ASP A 85 13.58 -4.75 8.44
CA ASP A 85 13.64 -3.58 9.31
C ASP A 85 14.28 -2.40 8.58
N ILE A 86 13.50 -1.33 8.42
CA ILE A 86 14.01 -0.13 7.76
C ILE A 86 15.05 0.57 8.64
N PHE A 87 15.30 0.01 9.81
CA PHE A 87 16.23 0.61 10.75
C PHE A 87 17.67 0.38 10.29
N LYS A 88 17.90 -0.74 9.61
CA LYS A 88 19.23 -1.05 9.10
C LYS A 88 19.35 -0.65 7.64
N ALA A 89 18.61 0.38 7.24
CA ALA A 89 18.59 0.82 5.85
C ALA A 89 18.77 2.33 5.77
N GLY A 90 19.51 2.78 4.75
CA GLY A 90 19.69 4.20 4.53
C GLY A 90 19.96 4.93 5.85
N LEU A 91 20.87 4.39 6.64
CA LEU A 91 21.26 5.03 7.90
C LEU A 91 21.72 6.45 7.65
N THR A 92 21.83 7.23 8.73
CA THR A 92 22.27 8.61 8.63
C THR A 92 21.41 9.37 7.62
N GLU A 93 20.15 8.96 7.51
CA GLU A 93 19.23 9.61 6.58
C GLU A 93 17.81 9.62 7.16
N CYS A 94 16.96 10.47 6.60
CA CYS A 94 15.57 10.54 7.04
C CYS A 94 14.88 9.20 6.85
N HIS A 95 14.32 8.66 7.93
CA HIS A 95 13.66 7.36 7.88
C HIS A 95 12.96 7.05 9.19
N LEU A 96 13.73 6.58 10.17
CA LEU A 96 13.18 6.29 11.48
C LEU A 96 12.34 7.46 12.00
N ASN A 97 12.75 8.68 11.66
CA ASN A 97 12.05 9.86 12.11
C ASN A 97 10.58 9.82 11.71
N GLN A 98 10.33 9.37 10.48
CA GLN A 98 8.96 9.30 9.97
C GLN A 98 8.44 7.87 10.03
N LEU A 99 9.33 6.93 10.35
CA LEU A 99 8.96 5.53 10.39
C LEU A 99 8.84 5.03 11.83
N ARG A 100 9.60 5.65 12.72
CA ARG A 100 9.61 5.24 14.11
C ARG A 100 8.26 5.52 14.77
N PRO A 101 7.69 6.65 14.46
CA PRO A 101 6.37 7.07 15.04
C PRO A 101 5.27 6.06 14.74
N LEU A 102 5.21 5.60 13.50
CA LEU A 102 4.18 4.63 13.10
C LEU A 102 4.42 3.30 13.78
N LYS A 103 5.53 3.19 14.51
CA LYS A 103 5.84 1.96 15.23
C LYS A 103 5.99 0.79 14.27
N VAL A 104 6.35 1.09 13.03
CA VAL A 104 6.55 0.06 12.02
C VAL A 104 7.87 -0.68 12.27
N ARG A 105 7.76 -1.94 12.73
CA ARG A 105 8.94 -2.74 13.01
C ARG A 105 9.28 -3.61 11.81
N ALA A 106 8.34 -3.73 10.89
CA ALA A 106 8.53 -4.54 9.68
C ALA A 106 8.07 -3.78 8.45
N ASN A 107 8.81 -3.91 7.36
CA ASN A 107 8.45 -3.23 6.13
C ASN A 107 8.41 -4.20 4.95
N LEU A 108 7.24 -4.30 4.31
CA LEU A 108 7.09 -5.16 3.14
C LEU A 108 6.38 -4.39 2.03
N VAL A 109 6.97 -4.39 0.84
CA VAL A 109 6.40 -3.65 -0.28
C VAL A 109 6.32 -4.52 -1.53
N VAL A 110 5.30 -4.26 -2.34
CA VAL A 110 5.12 -5.00 -3.58
C VAL A 110 4.65 -4.06 -4.68
N PRO A 111 5.25 -4.15 -5.85
CA PRO A 111 4.96 -3.23 -6.99
C PRO A 111 3.60 -3.49 -7.62
N MET A 112 2.86 -2.44 -7.88
CA MET A 112 1.56 -2.55 -8.56
C MET A 112 1.50 -1.61 -9.75
N VAL A 113 1.32 -2.18 -10.94
CA VAL A 113 1.32 -1.39 -12.16
C VAL A 113 0.01 -1.57 -12.93
N ILE A 114 -0.39 -0.51 -13.64
CA ILE A 114 -1.60 -0.55 -14.45
C ILE A 114 -1.26 -0.34 -15.92
N ASP A 115 -1.78 -1.22 -16.78
CA ASP A 115 -1.51 -1.12 -18.20
C ASP A 115 -0.06 -0.74 -18.44
N ASP A 116 0.84 -1.31 -17.64
CA ASP A 116 2.26 -1.02 -17.77
C ASP A 116 2.58 0.38 -17.22
N GLN A 117 1.97 0.71 -16.09
CA GLN A 117 2.19 2.00 -15.47
C GLN A 117 2.08 1.91 -13.95
N LEU A 118 3.13 2.31 -13.25
CA LEU A 118 3.14 2.26 -11.79
C LEU A 118 2.06 3.18 -11.23
N PHE A 119 1.20 2.62 -10.37
CA PHE A 119 0.11 3.38 -9.78
C PHE A 119 0.33 3.58 -8.29
N GLY A 120 0.70 2.49 -7.61
CA GLY A 120 0.91 2.54 -6.17
C GLY A 120 1.50 1.23 -5.66
N LEU A 121 1.73 1.16 -4.36
CA LEU A 121 2.31 -0.04 -3.75
C LEU A 121 1.61 -0.37 -2.44
N LEU A 122 1.43 -1.67 -2.18
CA LEU A 122 0.81 -2.10 -0.94
C LEU A 122 1.87 -2.37 0.12
N ILE A 123 1.78 -1.66 1.24
CA ILE A 123 2.76 -1.81 2.32
C ILE A 123 2.12 -2.45 3.55
N ALA A 124 2.82 -3.41 4.13
CA ALA A 124 2.33 -4.08 5.33
C ALA A 124 3.36 -3.99 6.45
N HIS A 125 3.02 -3.28 7.52
CA HIS A 125 3.93 -3.13 8.64
C HIS A 125 3.43 -3.90 9.87
N GLN A 126 4.31 -4.72 10.45
CA GLN A 126 3.98 -5.41 11.69
C GLN A 126 4.39 -4.58 12.89
N ALA A 127 3.39 -4.12 13.66
CA ALA A 127 3.66 -3.24 14.79
C ALA A 127 3.95 -4.06 16.05
N SER A 128 3.82 -5.37 15.93
CA SER A 128 4.04 -6.25 17.08
C SER A 128 5.46 -6.78 17.09
N GLU A 129 6.01 -6.97 15.89
CA GLU A 129 7.36 -7.51 15.77
C GLU A 129 7.71 -7.74 14.29
N PRO A 130 8.97 -7.65 13.95
CA PRO A 130 9.44 -7.88 12.56
C PRO A 130 9.38 -9.36 12.16
N ARG A 131 8.71 -9.64 11.05
CA ARG A 131 8.54 -11.02 10.62
C ARG A 131 9.21 -11.24 9.26
N GLN A 132 9.85 -12.38 9.10
CA GLN A 132 10.46 -12.73 7.81
C GLN A 132 9.40 -13.19 6.82
N TRP A 133 9.25 -12.43 5.74
CA TRP A 133 8.22 -12.74 4.76
C TRP A 133 8.41 -14.15 4.21
N GLN A 134 7.31 -14.80 3.86
CA GLN A 134 7.37 -16.14 3.28
C GLN A 134 7.34 -16.07 1.75
N GLU A 135 8.16 -16.90 1.12
CA GLU A 135 8.22 -16.95 -0.34
C GLU A 135 6.82 -16.98 -0.93
N ILE A 136 5.95 -17.81 -0.34
CA ILE A 136 4.58 -17.93 -0.83
C ILE A 136 3.76 -16.71 -0.43
N GLU A 137 4.04 -16.17 0.75
CA GLU A 137 3.31 -15.01 1.25
C GLU A 137 3.59 -13.79 0.38
N ILE A 138 4.82 -13.67 -0.10
CA ILE A 138 5.20 -12.54 -0.94
C ILE A 138 4.50 -12.61 -2.29
N ASP A 139 4.55 -13.78 -2.93
CA ASP A 139 3.91 -13.96 -4.22
C ASP A 139 2.41 -13.77 -4.12
N GLN A 140 1.80 -14.40 -3.12
CA GLN A 140 0.36 -14.30 -2.93
C GLN A 140 -0.04 -12.85 -2.63
N PHE A 141 0.72 -12.20 -1.75
CA PHE A 141 0.43 -10.82 -1.39
C PHE A 141 0.58 -9.91 -2.61
N SER A 142 1.61 -10.14 -3.40
CA SER A 142 1.82 -9.36 -4.62
C SER A 142 0.64 -9.52 -5.57
N GLU A 143 0.11 -10.74 -5.65
CA GLU A 143 -1.05 -11.00 -6.49
C GLU A 143 -2.21 -10.11 -6.07
N LEU A 144 -2.40 -9.95 -4.77
CA LEU A 144 -3.47 -9.11 -4.25
C LEU A 144 -3.33 -7.68 -4.80
N ALA A 145 -2.12 -7.16 -4.76
CA ALA A 145 -1.87 -5.80 -5.26
C ALA A 145 -2.13 -5.72 -6.75
N SER A 146 -1.62 -6.71 -7.49
CA SER A 146 -1.81 -6.75 -8.94
C SER A 146 -3.29 -6.81 -9.28
N THR A 147 -4.06 -7.46 -8.42
CA THR A 147 -5.49 -7.62 -8.66
C THR A 147 -6.17 -6.26 -8.82
N GLY A 148 -5.92 -5.37 -7.86
CA GLY A 148 -6.50 -4.03 -7.90
C GLY A 148 -6.21 -3.37 -9.25
N SER A 149 -5.03 -3.60 -9.78
CA SER A 149 -4.65 -3.03 -11.07
C SER A 149 -5.60 -3.48 -12.16
N LEU A 150 -6.09 -4.71 -12.04
CA LEU A 150 -7.02 -5.26 -13.03
C LEU A 150 -8.27 -4.39 -13.13
N VAL A 151 -8.89 -4.14 -11.98
CA VAL A 151 -10.11 -3.34 -11.96
C VAL A 151 -9.80 -1.88 -12.27
N LEU A 152 -8.75 -1.36 -11.65
CA LEU A 152 -8.35 0.03 -11.89
C LEU A 152 -8.08 0.27 -13.37
N GLU A 153 -7.47 -0.72 -14.02
CA GLU A 153 -7.15 -0.62 -15.43
C GLU A 153 -8.38 -0.24 -16.24
N ARG A 154 -9.46 -1.00 -16.06
CA ARG A 154 -10.70 -0.74 -16.78
C ARG A 154 -11.46 0.43 -16.16
N LEU A 155 -11.48 0.47 -14.83
CA LEU A 155 -12.20 1.53 -14.12
C LEU A 155 -11.51 2.88 -14.35
N HIS A 156 -10.22 2.94 -14.03
CA HIS A 156 -9.47 4.18 -14.17
C HIS A 156 -9.69 4.78 -15.56
N PHE A 157 -9.65 3.93 -16.58
CA PHE A 157 -9.83 4.38 -17.95
C PHE A 157 -11.30 4.61 -18.26
N LEU A 158 -12.12 3.62 -17.94
CA LEU A 158 -13.56 3.72 -18.19
C LEU A 158 -14.12 5.01 -17.61
N GLU A 159 -13.81 5.27 -16.35
CA GLU A 159 -14.27 6.50 -15.70
C GLU A 159 -13.77 7.73 -16.45
N GLN A 160 -12.53 7.67 -16.91
CA GLN A 160 -11.94 8.78 -17.65
C GLN A 160 -12.65 8.99 -18.98
N THR A 161 -12.79 7.91 -19.74
CA THR A 161 -13.44 7.99 -21.05
C THR A 161 -14.86 8.53 -20.92
N ILE A 162 -15.49 8.24 -19.77
CA ILE A 162 -16.85 8.69 -19.54
C ILE A 162 -16.94 10.21 -19.65
N ALA A 163 -15.99 10.90 -19.02
CA ALA A 163 -15.96 12.36 -19.05
C ALA A 163 -15.90 12.86 -20.49
N SER A 164 -15.02 12.28 -21.28
CA SER A 164 -14.87 12.67 -22.68
C SER A 164 -16.12 12.29 -23.47
N LEU A 165 -16.80 11.24 -23.03
CA LEU A 165 -18.01 10.79 -23.70
C LEU A 165 -19.17 11.75 -23.44
C31 PVN B . 14.53 10.50 3.52
C32 PVN B . 13.03 10.75 3.70
C3 PVN B . 15.01 10.62 2.04
C2 PVN B . 15.30 11.80 1.35
C21 PVN B . 15.25 13.23 1.87
C1 PVN B . 15.69 11.49 0.06
O1 PVN B . 15.98 12.30 -0.82
N1 PVN B . 15.70 10.18 -0.15
C4 PVN B . 15.24 9.45 1.03
C5 PVN B . 14.01 8.62 0.59
C6 PVN B . 14.25 7.09 0.45
C7 PVN B . 15.06 6.55 -0.53
C41 PVN B . 15.81 7.42 -1.56
N2 PVN B . 13.75 6.03 1.16
C9 PVN B . 14.21 4.84 0.70
C8 PVN B . 15.06 5.15 -0.40
C51 PVN B . 15.87 4.20 -1.34
C52 PVN B . 16.81 3.13 -0.70
C53 PVN B . 18.08 3.62 0.02
O54 PVN B . 18.36 3.14 1.14
O55 PVN B . 18.78 4.48 -0.55
C10 PVN B . 14.00 3.49 1.09
C11 PVN B . 12.66 2.95 1.12
C12 PVN B . 12.17 1.92 1.94
C61 PVN B . 13.04 1.17 2.99
C62 PVN B . 13.28 -0.35 2.94
C63 PVN B . 14.55 -0.69 2.16
O64 PVN B . 14.50 -0.66 0.90
O65 PVN B . 15.57 -0.98 2.83
N3 PVN B . 11.60 3.32 0.37
C14 PVN B . 10.46 2.63 0.63
C13 PVN B . 10.82 1.73 1.63
C71 PVN B . 9.85 0.71 2.28
C15 PVN B . 9.19 2.79 0.01
C16 PVN B . 8.35 3.89 0.37
C17 PVN B . 7.32 3.65 1.28
C81 PVN B . 6.98 2.29 1.95
N4 PVN B . 8.24 5.22 0.09
C19 PVN B . 7.21 5.75 0.76
O19 PVN B . 6.86 6.93 0.71
C18 PVN B . 6.57 4.79 1.55
C91 PVN B . 5.36 4.89 2.50
C92 PVN B . 5.60 4.93 4.03
H321 PVN B . 12.89 11.72 3.93
H322 PVN B . 12.55 10.55 2.85
HC4 PVN B . 15.93 8.75 1.51
H211 PVN B . 15.61 13.86 1.18
H212 PVN B . 14.31 13.48 2.08
H213 PVN B . 15.79 13.30 2.71
HN1 PVN B . 15.98 9.68 -0.97
H5C1 PVN B . 13.25 8.76 1.36
H5C2 PVN B . 13.64 9.01 -0.36
HN2 PVN B . 13.14 6.14 1.94
H411 PVN B . 16.79 7.34 -1.41
H412 PVN B . 15.60 7.10 -2.49
H413 PVN B . 15.53 8.37 -1.46
H101 PVN B . 14.85 2.86 1.36
H511 PVN B . 16.48 4.80 -1.88
H512 PVN B . 15.23 3.73 -1.94
H521 PVN B . 16.25 2.62 -0.04
H522 PVN B . 17.10 2.51 -1.43
H611 PVN B . 12.60 1.33 3.88
H612 PVN B . 13.95 1.60 2.98
H621 PVN B . 12.49 -0.77 2.48
H622 PVN B . 13.35 -0.70 3.87
H151 PVN B . 8.88 2.14 -0.69
H711 PVN B . 9.68 -0.04 1.63
H712 PVN B . 10.26 0.34 3.12
H713 PVN B . 8.98 1.14 2.49
HN4 PVN B . 8.80 5.75 -0.54
H811 PVN B . 7.56 1.57 1.57
H812 PVN B . 7.15 2.36 2.93
H813 PVN B . 6.02 2.07 1.79
H911 PVN B . 4.87 5.72 2.27
H912 PVN B . 4.78 4.09 2.32
H921 PVN B . 6.43 4.41 4.25
H922 PVN B . 5.75 5.88 4.30
H923 PVN B . 4.82 4.56 4.51
H323 PVN B . 12.68 10.18 4.44
HXT PVN B . 14.68 9.45 3.79
N MET A 1 -33.27 -5.74 -4.49
CA MET A 1 -33.54 -4.64 -3.52
C MET A 1 -32.98 -5.02 -2.15
N ALA A 2 -32.70 -6.31 -1.98
CA ALA A 2 -32.16 -6.78 -0.70
C ALA A 2 -30.78 -6.17 -0.44
N ALA A 3 -30.48 -5.92 0.82
CA ALA A 3 -29.21 -5.34 1.20
C ALA A 3 -29.01 -3.98 0.53
N VAL A 4 -28.59 -2.99 1.31
CA VAL A 4 -28.36 -1.66 0.79
C VAL A 4 -26.88 -1.31 0.80
N GLN A 5 -26.50 -0.31 0.00
CA GLN A 5 -25.10 0.11 -0.07
C GLN A 5 -24.28 -0.93 -0.82
N LEU A 6 -24.45 -2.20 -0.46
CA LEU A 6 -23.71 -3.28 -1.10
C LEU A 6 -23.89 -3.21 -2.62
N SER A 7 -25.13 -3.07 -3.06
CA SER A 7 -25.44 -2.99 -4.48
C SER A 7 -25.02 -1.63 -5.03
N GLU A 8 -25.21 -0.58 -4.25
CA GLU A 8 -24.85 0.76 -4.66
C GLU A 8 -23.37 1.03 -4.40
N LEU A 9 -22.63 -0.03 -4.09
CA LEU A 9 -21.20 0.10 -3.83
C LEU A 9 -20.46 0.61 -5.05
N ARG A 10 -20.01 1.86 -4.98
CA ARG A 10 -19.28 2.45 -6.09
C ARG A 10 -18.24 3.45 -5.59
N ASP A 11 -17.95 3.39 -4.30
CA ASP A 11 -16.97 4.28 -3.69
C ASP A 11 -15.55 3.81 -3.99
N ARG A 12 -14.74 4.70 -4.56
CA ARG A 12 -13.36 4.36 -4.89
C ARG A 12 -12.62 3.87 -3.65
N GLN A 13 -13.02 4.38 -2.49
CA GLN A 13 -12.38 3.99 -1.24
C GLN A 13 -12.72 2.55 -0.88
N ALA A 14 -13.94 2.14 -1.21
CA ALA A 14 -14.39 0.78 -0.90
C ALA A 14 -13.45 -0.24 -1.52
N ILE A 15 -13.26 -0.16 -2.82
CA ILE A 15 -12.39 -1.11 -3.52
C ILE A 15 -10.99 -1.09 -2.94
N PHE A 16 -10.58 0.06 -2.40
CA PHE A 16 -9.25 0.20 -1.81
C PHE A 16 -9.23 -0.39 -0.40
N GLU A 17 -10.21 0.01 0.41
CA GLU A 17 -10.30 -0.48 1.78
C GLU A 17 -10.35 -2.00 1.81
N THR A 18 -10.83 -2.59 0.72
CA THR A 18 -10.94 -4.05 0.64
C THR A 18 -9.55 -4.69 0.52
N LEU A 19 -8.84 -4.33 -0.54
CA LEU A 19 -7.51 -4.88 -0.77
C LEU A 19 -6.75 -5.01 0.54
N VAL A 20 -6.61 -3.90 1.25
CA VAL A 20 -5.90 -3.89 2.53
C VAL A 20 -6.57 -4.85 3.51
N ALA A 21 -7.90 -4.91 3.47
CA ALA A 21 -8.64 -5.80 4.36
C ALA A 21 -8.17 -7.24 4.19
N LYS A 22 -8.02 -7.67 2.94
CA LYS A 22 -7.55 -9.02 2.66
C LYS A 22 -6.07 -9.17 3.01
N GLY A 23 -5.28 -8.15 2.69
CA GLY A 23 -3.86 -8.17 2.98
C GLY A 23 -3.61 -8.57 4.43
N ARG A 24 -4.31 -7.92 5.35
CA ARG A 24 -4.15 -8.21 6.77
C ARG A 24 -4.44 -9.68 7.05
N GLU A 25 -5.50 -10.19 6.44
CA GLU A 25 -5.88 -11.59 6.63
C GLU A 25 -4.96 -12.51 5.84
N LEU A 26 -4.57 -12.08 4.65
CA LEU A 26 -3.69 -12.88 3.80
C LEU A 26 -2.30 -12.98 4.42
N LEU A 27 -1.66 -11.82 4.65
CA LEU A 27 -0.34 -11.80 5.25
C LEU A 27 -0.40 -12.21 6.72
N ALA A 28 -1.57 -12.01 7.33
CA ALA A 28 -1.73 -12.28 8.75
C ALA A 28 -0.78 -11.42 9.58
N CYS A 29 -0.67 -10.15 9.21
CA CYS A 29 0.22 -9.24 9.93
C CYS A 29 -0.53 -8.56 11.06
N ASP A 30 0.01 -7.43 11.53
CA ASP A 30 -0.60 -6.70 12.63
C ASP A 30 -1.07 -5.32 12.17
N ARG A 31 -0.41 -4.78 11.16
CA ARG A 31 -0.77 -3.47 10.63
C ARG A 31 -0.48 -3.40 9.13
N VAL A 32 -1.36 -2.71 8.40
CA VAL A 32 -1.19 -2.57 6.96
C VAL A 32 -1.76 -1.23 6.50
N ILE A 33 -1.13 -0.64 5.50
CA ILE A 33 -1.58 0.65 4.98
C ILE A 33 -1.40 0.71 3.46
N VAL A 34 -2.25 1.51 2.81
CA VAL A 34 -2.16 1.68 1.36
C VAL A 34 -1.67 3.08 1.02
N TYR A 35 -0.67 3.15 0.16
CA TYR A 35 -0.10 4.44 -0.23
C TYR A 35 0.41 4.39 -1.67
N ALA A 36 0.29 5.52 -2.36
CA ALA A 36 0.75 5.61 -3.74
C ALA A 36 1.43 6.95 -3.98
N PHE A 37 2.09 7.09 -5.13
CA PHE A 37 2.77 8.33 -5.46
C PHE A 37 1.93 9.17 -6.41
N ASP A 38 1.29 10.21 -5.89
CA ASP A 38 0.48 11.09 -6.71
C ASP A 38 1.37 11.94 -7.61
N ASP A 39 0.81 13.05 -8.11
CA ASP A 39 1.56 13.94 -8.99
C ASP A 39 2.30 14.99 -8.18
N ASN A 40 2.42 14.77 -6.88
CA ASN A 40 3.08 15.72 -5.99
C ASN A 40 4.17 15.02 -5.19
N TYR A 41 4.52 13.80 -5.60
CA TYR A 41 5.55 13.04 -4.90
C TYR A 41 5.16 12.80 -3.44
N VAL A 42 3.87 12.98 -3.15
CA VAL A 42 3.37 12.77 -1.79
C VAL A 42 2.61 11.45 -1.70
N GLY A 43 2.85 10.72 -0.62
CA GLY A 43 2.18 9.44 -0.41
C GLY A 43 0.69 9.63 -0.17
N THR A 44 -0.09 9.61 -1.25
CA THR A 44 -1.53 9.78 -1.14
C THR A 44 -2.12 8.78 -0.16
N VAL A 45 -3.00 9.26 0.71
CA VAL A 45 -3.61 8.40 1.72
C VAL A 45 -4.80 7.65 1.13
N VAL A 46 -4.51 6.61 0.36
CA VAL A 46 -5.56 5.78 -0.23
C VAL A 46 -6.43 5.16 0.86
N ALA A 47 -5.83 4.25 1.63
CA ALA A 47 -6.55 3.60 2.72
C ALA A 47 -5.58 3.20 3.83
N GLU A 48 -6.02 3.34 5.06
CA GLU A 48 -5.20 2.97 6.22
C GLU A 48 -5.91 1.96 7.10
N SER A 49 -5.22 0.87 7.43
CA SER A 49 -5.80 -0.18 8.26
C SER A 49 -4.84 -0.56 9.38
N VAL A 50 -5.25 -0.28 10.61
CA VAL A 50 -4.42 -0.61 11.77
C VAL A 50 -5.20 -1.46 12.76
N ALA A 51 -4.60 -2.58 13.17
CA ALA A 51 -5.25 -3.47 14.13
C ALA A 51 -5.60 -2.72 15.41
N GLU A 52 -6.43 -3.33 16.24
CA GLU A 52 -6.86 -2.70 17.49
C GLU A 52 -5.65 -2.42 18.38
N GLY A 53 -5.70 -1.29 19.08
CA GLY A 53 -4.62 -0.94 20.01
C GLY A 53 -3.69 0.08 19.38
N TRP A 54 -3.56 0.04 18.06
CA TRP A 54 -2.70 0.98 17.35
C TRP A 54 -3.53 2.11 16.75
N PRO A 55 -3.00 3.30 16.76
CA PRO A 55 -3.69 4.50 16.22
C PRO A 55 -3.75 4.50 14.69
N GLN A 56 -4.57 5.37 14.14
CA GLN A 56 -4.71 5.46 12.69
C GLN A 56 -3.57 6.26 12.08
N ALA A 57 -2.81 5.61 11.19
CA ALA A 57 -1.67 6.27 10.55
C ALA A 57 -2.16 7.24 9.47
N ARG A 58 -3.45 7.15 9.13
CA ARG A 58 -4.02 7.99 8.10
C ARG A 58 -3.77 9.46 8.42
N ASP A 59 -3.77 9.79 9.71
CA ASP A 59 -3.55 11.17 10.14
C ASP A 59 -2.13 11.62 9.83
N GLN A 60 -1.27 10.65 9.51
CA GLN A 60 0.11 10.96 9.17
C GLN A 60 0.36 10.84 7.68
N VAL A 61 0.69 11.96 7.05
CA VAL A 61 0.96 11.96 5.61
C VAL A 61 2.46 11.99 5.35
N ILE A 62 2.94 10.97 4.63
CA ILE A 62 4.36 10.88 4.31
C ILE A 62 4.88 12.21 3.78
N GLU A 63 5.68 12.89 4.59
CA GLU A 63 6.22 14.18 4.21
C GLU A 63 7.42 13.99 3.26
N ASP A 64 8.05 12.82 3.33
CA ASP A 64 9.20 12.54 2.49
C ASP A 64 8.82 12.62 1.01
N PRO A 65 9.36 13.59 0.33
CA PRO A 65 9.10 13.79 -1.13
C PRO A 65 9.96 12.88 -2.00
N CYS A 66 9.34 12.28 -3.01
CA CYS A 66 10.06 11.39 -3.92
C CYS A 66 10.65 12.17 -5.09
N PHE A 67 11.95 12.10 -5.27
CA PHE A 67 12.62 12.80 -6.35
C PHE A 67 12.59 11.96 -7.63
N ARG A 68 11.70 10.97 -7.66
CA ARG A 68 11.59 10.09 -8.82
C ARG A 68 12.89 9.32 -9.04
N GLU A 69 13.93 10.03 -9.47
CA GLU A 69 15.22 9.40 -9.72
C GLU A 69 15.04 8.06 -10.39
N HIS A 70 14.94 7.00 -9.58
CA HIS A 70 14.77 5.66 -10.12
C HIS A 70 13.93 4.80 -9.16
N TRP A 71 13.74 5.30 -7.95
CA TRP A 71 12.96 4.58 -6.95
C TRP A 71 11.55 4.32 -7.46
N VAL A 72 10.92 5.38 -7.99
CA VAL A 72 9.56 5.26 -8.51
C VAL A 72 9.51 4.23 -9.64
N GLU A 73 10.47 4.30 -10.54
CA GLU A 73 10.54 3.37 -11.66
C GLU A 73 10.91 1.97 -11.17
N ALA A 74 11.59 1.91 -10.03
CA ALA A 74 12.01 0.64 -9.47
C ALA A 74 10.82 -0.31 -9.33
N TYR A 75 9.76 0.18 -8.68
CA TYR A 75 8.56 -0.62 -8.49
C TYR A 75 7.83 -0.81 -9.82
N ARG A 76 7.89 0.19 -10.68
CA ARG A 76 7.24 0.12 -11.99
C ARG A 76 7.84 -1.00 -12.82
N GLN A 77 8.99 -1.50 -12.39
CA GLN A 77 9.67 -2.57 -13.12
C GLN A 77 9.38 -3.93 -12.47
N GLY A 78 8.57 -3.91 -11.42
CA GLY A 78 8.23 -5.15 -10.73
C GLY A 78 9.30 -5.54 -9.72
N ARG A 79 9.91 -4.54 -9.09
CA ARG A 79 10.95 -4.78 -8.11
C ARG A 79 10.34 -5.20 -6.78
N ILE A 80 10.91 -6.24 -6.16
CA ILE A 80 10.43 -6.71 -4.88
C ILE A 80 11.38 -6.30 -3.76
N GLN A 81 10.86 -5.60 -2.77
CA GLN A 81 11.67 -5.13 -1.65
C GLN A 81 11.20 -5.75 -0.34
N ALA A 82 12.09 -6.50 0.32
CA ALA A 82 11.77 -7.11 1.60
C ALA A 82 12.82 -6.75 2.64
N THR A 83 12.50 -5.76 3.49
CA THR A 83 13.43 -5.32 4.52
C THR A 83 12.92 -5.71 5.90
N THR A 84 13.51 -6.75 6.47
CA THR A 84 13.11 -7.21 7.80
C THR A 84 13.12 -6.05 8.79
N ASP A 85 13.82 -4.97 8.43
CA ASP A 85 13.92 -3.81 9.31
C ASP A 85 14.57 -2.64 8.56
N ILE A 86 13.82 -1.56 8.40
CA ILE A 86 14.34 -0.38 7.73
C ILE A 86 15.39 0.31 8.59
N PHE A 87 15.66 -0.27 9.76
CA PHE A 87 16.62 0.32 10.69
C PHE A 87 18.05 0.09 10.20
N LYS A 88 18.25 -1.03 9.51
CA LYS A 88 19.58 -1.36 8.99
C LYS A 88 19.68 -0.96 7.52
N ALA A 89 18.94 0.06 7.14
CA ALA A 89 18.91 0.50 5.75
C ALA A 89 19.12 2.01 5.65
N GLY A 90 19.87 2.44 4.64
CA GLY A 90 20.09 3.86 4.41
C GLY A 90 20.37 4.58 5.72
N LEU A 91 21.21 3.97 6.56
CA LEU A 91 21.57 4.58 7.84
C LEU A 91 21.89 6.07 7.65
N THR A 92 22.05 6.77 8.76
CA THR A 92 22.39 8.19 8.71
C THR A 92 21.48 8.92 7.73
N GLU A 93 20.22 8.50 7.68
CA GLU A 93 19.25 9.13 6.78
C GLU A 93 17.86 9.13 7.41
N CYS A 94 16.98 9.98 6.88
CA CYS A 94 15.60 10.04 7.37
C CYS A 94 14.91 8.70 7.19
N HIS A 95 14.36 8.17 8.27
CA HIS A 95 13.70 6.88 8.23
C HIS A 95 13.03 6.56 9.57
N LEU A 96 13.83 6.10 10.53
CA LEU A 96 13.31 5.80 11.86
C LEU A 96 12.50 6.98 12.41
N ASN A 97 12.95 8.20 12.09
CA ASN A 97 12.29 9.39 12.60
C ASN A 97 10.82 9.41 12.18
N GLN A 98 10.55 9.05 10.93
CA GLN A 98 9.18 9.07 10.41
C GLN A 98 8.57 7.67 10.45
N LEU A 99 9.41 6.67 10.75
CA LEU A 99 8.95 5.29 10.77
C LEU A 99 8.84 4.78 12.21
N ARG A 100 9.55 5.43 13.12
CA ARG A 100 9.55 5.01 14.51
C ARG A 100 8.20 5.30 15.16
N PRO A 101 7.64 6.44 14.85
CA PRO A 101 6.33 6.88 15.42
C PRO A 101 5.22 5.88 15.12
N LEU A 102 5.15 5.42 13.88
CA LEU A 102 4.13 4.46 13.48
C LEU A 102 4.47 3.07 14.00
N LYS A 103 5.54 2.98 14.78
CA LYS A 103 5.96 1.71 15.35
C LYS A 103 6.25 0.69 14.25
N VAL A 104 6.61 1.20 13.07
CA VAL A 104 6.91 0.33 11.93
C VAL A 104 8.26 -0.36 12.13
N ARG A 105 8.23 -1.64 12.48
CA ARG A 105 9.46 -2.40 12.66
C ARG A 105 9.68 -3.36 11.49
N ALA A 106 8.62 -3.59 10.72
CA ALA A 106 8.71 -4.49 9.57
C ALA A 106 8.27 -3.76 8.31
N ASN A 107 9.02 -3.92 7.22
CA ASN A 107 8.68 -3.26 5.97
C ASN A 107 8.61 -4.26 4.82
N LEU A 108 7.43 -4.38 4.24
CA LEU A 108 7.24 -5.26 3.08
C LEU A 108 6.52 -4.51 1.97
N VAL A 109 7.11 -4.50 0.78
CA VAL A 109 6.53 -3.76 -0.34
C VAL A 109 6.40 -4.63 -1.58
N VAL A 110 5.36 -4.38 -2.36
CA VAL A 110 5.14 -5.12 -3.60
C VAL A 110 4.62 -4.18 -4.69
N PRO A 111 5.23 -4.21 -5.84
CA PRO A 111 4.92 -3.26 -6.95
C PRO A 111 3.57 -3.56 -7.61
N MET A 112 2.78 -2.52 -7.80
CA MET A 112 1.50 -2.65 -8.50
C MET A 112 1.41 -1.64 -9.63
N VAL A 113 1.29 -2.15 -10.86
CA VAL A 113 1.30 -1.28 -12.03
C VAL A 113 0.04 -1.49 -12.87
N ILE A 114 -0.30 -0.48 -13.67
CA ILE A 114 -1.46 -0.56 -14.56
C ILE A 114 -1.06 -0.16 -15.97
N ASP A 115 -1.42 -0.99 -16.94
CA ASP A 115 -1.07 -0.72 -18.32
C ASP A 115 0.39 -0.26 -18.43
N ASP A 116 1.28 -1.03 -17.82
CA ASP A 116 2.70 -0.70 -17.85
C ASP A 116 2.94 0.67 -17.22
N GLN A 117 2.26 0.94 -16.12
CA GLN A 117 2.42 2.20 -15.42
C GLN A 117 2.22 2.02 -13.92
N LEU A 118 2.97 2.80 -13.13
CA LEU A 118 2.86 2.70 -11.68
C LEU A 118 1.64 3.46 -11.18
N PHE A 119 0.82 2.80 -10.38
CA PHE A 119 -0.38 3.42 -9.84
C PHE A 119 -0.29 3.55 -8.32
N GLY A 120 0.12 2.46 -7.66
CA GLY A 120 0.25 2.47 -6.21
C GLY A 120 1.02 1.23 -5.73
N LEU A 121 1.20 1.13 -4.42
CA LEU A 121 1.92 0.00 -3.85
C LEU A 121 1.28 -0.42 -2.53
N LEU A 122 1.20 -1.73 -2.32
CA LEU A 122 0.63 -2.26 -1.09
C LEU A 122 1.73 -2.56 -0.08
N ILE A 123 1.68 -1.88 1.07
CA ILE A 123 2.70 -2.06 2.10
C ILE A 123 2.09 -2.65 3.36
N ALA A 124 2.81 -3.59 3.97
CA ALA A 124 2.35 -4.22 5.21
C ALA A 124 3.42 -4.08 6.29
N HIS A 125 3.10 -3.33 7.34
CA HIS A 125 4.04 -3.12 8.43
C HIS A 125 3.58 -3.83 9.69
N GLN A 126 4.49 -4.59 10.30
CA GLN A 126 4.20 -5.22 11.59
C GLN A 126 4.58 -4.30 12.74
N ALA A 127 3.58 -3.88 13.51
CA ALA A 127 3.79 -2.93 14.59
C ALA A 127 4.09 -3.67 15.89
N SER A 128 3.94 -5.00 15.86
CA SER A 128 4.16 -5.81 17.05
C SER A 128 5.57 -6.35 17.08
N GLU A 129 6.15 -6.57 15.91
CA GLU A 129 7.50 -7.12 15.81
C GLU A 129 7.85 -7.41 14.36
N PRO A 130 9.09 -7.29 14.00
CA PRO A 130 9.58 -7.57 12.62
C PRO A 130 9.50 -9.06 12.28
N ARG A 131 8.84 -9.36 11.16
CA ARG A 131 8.63 -10.75 10.76
C ARG A 131 9.27 -11.02 9.41
N GLN A 132 9.86 -12.20 9.26
CA GLN A 132 10.44 -12.60 7.97
C GLN A 132 9.34 -13.07 7.02
N TRP A 133 9.20 -12.38 5.90
CA TRP A 133 8.15 -12.71 4.94
C TRP A 133 8.33 -14.14 4.43
N GLN A 134 7.21 -14.82 4.18
CA GLN A 134 7.27 -16.17 3.63
C GLN A 134 7.22 -16.14 2.11
N GLU A 135 8.05 -16.97 1.48
CA GLU A 135 8.12 -17.01 0.03
C GLU A 135 6.72 -17.04 -0.58
N ILE A 136 5.84 -17.82 0.02
CA ILE A 136 4.48 -17.94 -0.48
C ILE A 136 3.69 -16.67 -0.19
N GLU A 137 3.99 -16.03 0.95
CA GLU A 137 3.29 -14.81 1.34
C GLU A 137 3.62 -13.68 0.38
N ILE A 138 4.86 -13.63 -0.07
CA ILE A 138 5.30 -12.58 -0.99
C ILE A 138 4.58 -12.71 -2.33
N ASP A 139 4.57 -13.93 -2.88
CA ASP A 139 3.91 -14.16 -4.15
C ASP A 139 2.40 -13.94 -4.04
N GLN A 140 1.80 -14.56 -3.02
CA GLN A 140 0.36 -14.44 -2.81
C GLN A 140 -0.02 -12.99 -2.57
N PHE A 141 0.72 -12.32 -1.70
CA PHE A 141 0.46 -10.91 -1.40
C PHE A 141 0.62 -10.04 -2.64
N SER A 142 1.66 -10.34 -3.41
CA SER A 142 1.90 -9.60 -4.65
C SER A 142 0.73 -9.78 -5.61
N GLU A 143 0.19 -11.00 -5.66
CA GLU A 143 -0.97 -11.27 -6.50
C GLU A 143 -2.14 -10.38 -6.12
N LEU A 144 -2.32 -10.18 -4.82
CA LEU A 144 -3.40 -9.32 -4.33
C LEU A 144 -3.26 -7.92 -4.90
N ALA A 145 -2.03 -7.41 -4.93
CA ALA A 145 -1.77 -6.09 -5.46
C ALA A 145 -2.05 -6.05 -6.96
N SER A 146 -1.58 -7.07 -7.67
CA SER A 146 -1.80 -7.15 -9.11
C SER A 146 -3.29 -7.14 -9.43
N THR A 147 -4.09 -7.69 -8.52
CA THR A 147 -5.53 -7.75 -8.72
C THR A 147 -6.12 -6.35 -8.75
N GLY A 148 -5.68 -5.50 -7.82
CA GLY A 148 -6.15 -4.12 -7.77
C GLY A 148 -6.09 -3.47 -9.15
N SER A 149 -5.04 -3.77 -9.89
CA SER A 149 -4.89 -3.24 -11.25
C SER A 149 -6.08 -3.63 -12.11
N LEU A 150 -6.53 -4.87 -11.96
CA LEU A 150 -7.68 -5.35 -12.71
C LEU A 150 -8.88 -4.42 -12.53
N VAL A 151 -9.13 -4.02 -11.28
CA VAL A 151 -10.26 -3.16 -10.98
C VAL A 151 -9.97 -1.73 -11.41
N LEU A 152 -8.82 -1.21 -11.00
CA LEU A 152 -8.45 0.16 -11.33
C LEU A 152 -8.32 0.33 -12.85
N GLU A 153 -7.70 -0.65 -13.50
CA GLU A 153 -7.51 -0.59 -14.94
C GLU A 153 -8.84 -0.33 -15.65
N ARG A 154 -9.84 -1.14 -15.32
CA ARG A 154 -11.15 -0.99 -15.95
C ARG A 154 -11.91 0.19 -15.33
N LEU A 155 -11.83 0.32 -14.01
CA LEU A 155 -12.51 1.40 -13.32
C LEU A 155 -11.87 2.75 -13.63
N HIS A 156 -10.59 2.87 -13.27
CA HIS A 156 -9.87 4.12 -13.50
C HIS A 156 -10.10 4.63 -14.92
N PHE A 157 -10.08 3.72 -15.88
CA PHE A 157 -10.27 4.08 -17.28
C PHE A 157 -11.74 4.35 -17.57
N LEU A 158 -12.59 3.39 -17.19
CA LEU A 158 -14.03 3.53 -17.43
C LEU A 158 -14.54 4.86 -16.90
N GLU A 159 -14.20 5.18 -15.66
CA GLU A 159 -14.61 6.44 -15.06
C GLU A 159 -14.16 7.61 -15.92
N GLN A 160 -12.96 7.51 -16.48
CA GLN A 160 -12.42 8.57 -17.32
C GLN A 160 -13.23 8.71 -18.61
N THR A 161 -13.56 7.57 -19.22
CA THR A 161 -14.33 7.57 -20.46
C THR A 161 -15.67 8.27 -20.26
N ILE A 162 -16.23 8.12 -19.06
CA ILE A 162 -17.52 8.73 -18.77
C ILE A 162 -17.49 10.22 -19.04
N ALA A 163 -16.47 10.89 -18.52
CA ALA A 163 -16.34 12.33 -18.71
C ALA A 163 -16.14 12.66 -20.19
N SER A 164 -15.39 11.80 -20.88
CA SER A 164 -15.13 12.00 -22.30
C SER A 164 -16.41 11.79 -23.12
N LEU A 165 -17.38 11.11 -22.52
CA LEU A 165 -18.64 10.84 -23.20
C LEU A 165 -19.80 11.44 -22.42
C31 PVN B . 14.36 10.24 3.81
C32 PVN B . 12.91 10.60 4.12
C3 PVN B . 14.76 10.49 2.32
C2 PVN B . 15.10 11.71 1.73
C21 PVN B . 15.15 13.10 2.39
C1 PVN B . 15.40 11.51 0.39
O1 PVN B . 15.70 12.40 -0.41
N1 PVN B . 15.29 10.25 0.05
C4 PVN B . 14.87 9.42 1.18
C5 PVN B . 13.59 8.69 0.75
C6 PVN B . 13.74 7.19 0.36
C7 PVN B . 14.39 6.79 -0.80
C41 PVN B . 15.00 7.80 -1.79
N2 PVN B . 13.34 6.05 0.98
C9 PVN B . 13.69 4.94 0.29
C8 PVN B . 14.37 5.40 -0.87
C51 PVN B . 15.01 4.58 -2.05
C52 PVN B . 16.42 3.98 -1.86
C53 PVN B . 17.62 4.77 -2.45
O54 PVN B . 17.68 6.00 -2.26
O55 PVN B . 18.48 4.13 -3.09
C10 PVN B . 13.49 3.54 0.51
C11 PVN B . 12.17 3.02 0.72
C12 PVN B . 11.77 2.03 1.63
C61 PVN B . 12.75 1.32 2.62
C62 PVN B . 13.68 2.11 3.54
C63 PVN B . 15.14 2.07 3.05
O64 PVN B . 15.66 0.95 2.89
O65 PVN B . 15.69 3.17 2.81
N3 PVN B . 11.03 3.36 0.07
C14 PVN B . 9.93 2.69 0.48
C13 PVN B . 10.39 1.84 1.49
C71 PVN B . 9.49 0.85 2.27
C15 PVN B . 8.60 2.84 -0.01
C16 PVN B . 7.82 3.97 0.38
C17 PVN B . 6.86 3.77 1.39
C81 PVN B . 6.57 2.46 2.15
N4 PVN B . 7.68 5.27 0.04
C19 PVN B . 6.73 5.86 0.80
O19 PVN B . 6.39 7.03 0.71
C18 PVN B . 6.17 4.94 1.69
C91 PVN B . 5.04 5.10 2.74
C92 PVN B . 5.44 5.25 4.23
H321 PVN B . 12.37 10.59 3.28
H322 PVN B . 12.53 9.91 4.75
HC4 PVN B . 15.55 8.65 1.55
H211 PVN B . 15.31 13.80 1.70
H212 PVN B . 14.29 13.28 2.87
H213 PVN B . 15.89 13.10 3.07
HN1 PVN B . 15.48 9.81 -0.83
H5C1 PVN B . 12.89 8.72 1.60
H5C2 PVN B . 13.14 9.23 -0.09
HN2 PVN B . 12.84 6.05 1.85
H411 PVN B . 15.48 7.32 -2.52
H412 PVN B . 14.26 8.35 -2.21
H413 PVN B . 15.63 8.42 -1.32
H101 PVN B . 14.35 2.87 0.52
H511 PVN B . 15.09 5.23 -2.82
H512 PVN B . 14.38 3.83 -2.29
H521 PVN B . 16.58 3.89 -0.88
H522 PVN B . 16.42 3.08 -2.28
H611 PVN B . 13.36 0.77 2.03
H612 PVN B . 12.20 0.72 3.20
H621 PVN B . 13.65 1.69 4.46
H622 PVN B . 13.38 3.05 3.59
H151 PVN B . 8.22 2.16 -0.63
H711 PVN B . 8.62 1.29 2.47
H712 PVN B . 9.35 0.02 1.74
H713 PVN B . 9.93 0.62 3.14
HN4 PVN B . 8.20 5.78 -0.65
H811 PVN B . 5.60 2.25 2.11
H812 PVN B . 7.09 1.71 1.71
H813 PVN B . 6.86 2.54 3.10
H911 PVN B . 4.53 5.91 2.51
H912 PVN B . 4.46 4.29 2.68
H921 PVN B . 6.34 4.84 4.37
H922 PVN B . 5.50 6.22 4.46
H923 PVN B . 4.77 4.80 4.80
H323 PVN B . 12.86 11.51 4.54
HXT PVN B . 14.44 9.16 3.95
N MET A 1 -25.36 -6.77 10.80
CA MET A 1 -26.59 -7.31 10.15
C MET A 1 -27.04 -6.37 9.03
N ALA A 2 -26.55 -6.62 7.82
CA ALA A 2 -26.90 -5.79 6.68
C ALA A 2 -26.56 -4.33 6.95
N ALA A 3 -27.56 -3.56 7.39
CA ALA A 3 -27.35 -2.15 7.69
C ALA A 3 -26.90 -1.40 6.44
N VAL A 4 -27.62 -0.32 6.11
CA VAL A 4 -27.28 0.47 4.94
C VAL A 4 -25.83 0.93 5.00
N GLN A 5 -25.27 0.96 6.21
CA GLN A 5 -23.89 1.39 6.39
C GLN A 5 -22.96 0.59 5.47
N LEU A 6 -23.15 -0.72 5.44
CA LEU A 6 -22.32 -1.58 4.61
C LEU A 6 -22.58 -1.30 3.12
N SER A 7 -23.84 -1.03 2.79
CA SER A 7 -24.22 -0.76 1.41
C SER A 7 -23.49 0.49 0.90
N GLU A 8 -23.28 1.45 1.79
CA GLU A 8 -22.60 2.69 1.42
C GLU A 8 -21.14 2.41 1.08
N LEU A 9 -20.68 1.20 1.38
CA LEU A 9 -19.30 0.83 1.12
C LEU A 9 -19.17 0.22 -0.28
N ARG A 10 -19.28 1.06 -1.30
CA ARG A 10 -19.16 0.60 -2.69
C ARG A 10 -18.41 1.63 -3.53
N ASP A 11 -18.00 2.72 -2.90
CA ASP A 11 -17.28 3.77 -3.61
C ASP A 11 -15.83 3.36 -3.85
N ARG A 12 -15.02 4.29 -4.33
CA ARG A 12 -13.62 4.01 -4.60
C ARG A 12 -12.91 3.52 -3.34
N GLN A 13 -13.35 4.01 -2.19
CA GLN A 13 -12.75 3.61 -0.93
C GLN A 13 -13.07 2.16 -0.62
N ALA A 14 -14.25 1.70 -1.05
CA ALA A 14 -14.66 0.33 -0.79
C ALA A 14 -13.70 -0.66 -1.45
N ILE A 15 -13.48 -0.48 -2.75
CA ILE A 15 -12.59 -1.38 -3.49
C ILE A 15 -11.18 -1.31 -2.93
N PHE A 16 -10.78 -0.12 -2.47
CA PHE A 16 -9.44 0.07 -1.93
C PHE A 16 -9.36 -0.46 -0.50
N GLU A 17 -10.29 -0.04 0.34
CA GLU A 17 -10.31 -0.49 1.73
C GLU A 17 -10.38 -2.02 1.79
N THR A 18 -10.85 -2.64 0.71
CA THR A 18 -10.97 -4.08 0.66
C THR A 18 -9.58 -4.73 0.54
N LEU A 19 -8.86 -4.37 -0.52
CA LEU A 19 -7.53 -4.93 -0.74
C LEU A 19 -6.77 -5.04 0.57
N VAL A 20 -6.64 -3.93 1.28
CA VAL A 20 -5.93 -3.91 2.56
C VAL A 20 -6.58 -4.88 3.54
N ALA A 21 -7.91 -4.95 3.50
CA ALA A 21 -8.64 -5.85 4.39
C ALA A 21 -8.15 -7.28 4.20
N LYS A 22 -7.99 -7.70 2.96
CA LYS A 22 -7.50 -9.04 2.65
C LYS A 22 -6.02 -9.16 3.00
N GLY A 23 -5.25 -8.13 2.67
CA GLY A 23 -3.82 -8.14 2.94
C GLY A 23 -3.54 -8.54 4.39
N ARG A 24 -4.21 -7.87 5.32
CA ARG A 24 -4.03 -8.17 6.74
C ARG A 24 -4.34 -9.63 7.02
N GLU A 25 -5.44 -10.13 6.46
CA GLU A 25 -5.83 -11.52 6.68
C GLU A 25 -4.89 -12.46 5.91
N LEU A 26 -4.49 -12.04 4.72
CA LEU A 26 -3.60 -12.86 3.90
C LEU A 26 -2.22 -12.95 4.55
N LEU A 27 -1.59 -11.79 4.77
CA LEU A 27 -0.28 -11.76 5.40
C LEU A 27 -0.38 -12.13 6.87
N ALA A 28 -1.55 -11.91 7.46
CA ALA A 28 -1.74 -12.15 8.88
C ALA A 28 -0.80 -11.29 9.71
N CYS A 29 -0.67 -10.03 9.35
CA CYS A 29 0.22 -9.11 10.06
C CYS A 29 -0.55 -8.39 11.17
N ASP A 30 -0.01 -7.26 11.61
CA ASP A 30 -0.63 -6.51 12.70
C ASP A 30 -1.10 -5.14 12.21
N ARG A 31 -0.42 -4.63 11.18
CA ARG A 31 -0.77 -3.31 10.64
C ARG A 31 -0.50 -3.26 9.13
N VAL A 32 -1.38 -2.60 8.40
CA VAL A 32 -1.22 -2.48 6.96
C VAL A 32 -1.81 -1.14 6.48
N ILE A 33 -1.18 -0.56 5.47
CA ILE A 33 -1.65 0.71 4.92
C ILE A 33 -1.48 0.75 3.41
N VAL A 34 -2.33 1.53 2.75
CA VAL A 34 -2.26 1.66 1.29
C VAL A 34 -1.83 3.09 0.92
N TYR A 35 -0.87 3.18 0.02
CA TYR A 35 -0.36 4.49 -0.40
C TYR A 35 0.04 4.46 -1.87
N ALA A 36 -0.14 5.59 -2.54
CA ALA A 36 0.26 5.70 -3.95
C ALA A 36 0.95 7.04 -4.20
N PHE A 37 1.64 7.13 -5.32
CA PHE A 37 2.37 8.36 -5.66
C PHE A 37 1.53 9.25 -6.56
N ASP A 38 0.92 10.27 -5.97
CA ASP A 38 0.10 11.21 -6.75
C ASP A 38 0.99 12.14 -7.57
N ASP A 39 0.44 13.28 -7.95
CA ASP A 39 1.20 14.25 -8.74
C ASP A 39 1.87 15.28 -7.83
N ASN A 40 1.94 14.96 -6.55
CA ASN A 40 2.54 15.87 -5.58
C ASN A 40 3.64 15.17 -4.79
N TYR A 41 4.31 14.23 -5.42
CA TYR A 41 5.38 13.48 -4.76
C TYR A 41 4.96 13.08 -3.34
N VAL A 42 3.66 13.12 -3.08
CA VAL A 42 3.15 12.75 -1.76
C VAL A 42 2.41 11.42 -1.84
N GLY A 43 2.55 10.63 -0.78
CA GLY A 43 1.89 9.32 -0.72
C GLY A 43 0.41 9.48 -0.44
N THR A 44 -0.37 9.76 -1.48
CA THR A 44 -1.81 9.93 -1.33
C THR A 44 -2.38 8.88 -0.39
N VAL A 45 -3.36 9.27 0.41
CA VAL A 45 -3.96 8.36 1.38
C VAL A 45 -5.12 7.60 0.74
N VAL A 46 -4.82 6.42 0.20
CA VAL A 46 -5.85 5.58 -0.41
C VAL A 46 -6.69 4.91 0.68
N ALA A 47 -6.08 3.98 1.41
CA ALA A 47 -6.77 3.29 2.48
C ALA A 47 -5.79 2.91 3.59
N GLU A 48 -6.22 3.09 4.83
CA GLU A 48 -5.38 2.76 5.98
C GLU A 48 -6.10 1.80 6.92
N SER A 49 -5.40 0.74 7.33
CA SER A 49 -5.98 -0.25 8.22
C SER A 49 -5.01 -0.58 9.35
N VAL A 50 -5.39 -0.25 10.58
CA VAL A 50 -4.54 -0.53 11.73
C VAL A 50 -5.29 -1.38 12.75
N ALA A 51 -4.68 -2.49 13.14
CA ALA A 51 -5.29 -3.40 14.11
C ALA A 51 -5.58 -2.66 15.41
N GLU A 52 -6.36 -3.28 16.28
CA GLU A 52 -6.73 -2.67 17.56
C GLU A 52 -5.48 -2.42 18.40
N GLY A 53 -5.49 -1.33 19.14
CA GLY A 53 -4.37 -0.99 20.02
C GLY A 53 -3.49 0.09 19.40
N TRP A 54 -3.43 0.10 18.07
CA TRP A 54 -2.65 1.10 17.37
C TRP A 54 -3.56 2.20 16.81
N PRO A 55 -3.12 3.42 16.91
CA PRO A 55 -3.91 4.60 16.43
C PRO A 55 -3.90 4.71 14.90
N GLN A 56 -4.70 5.63 14.37
CA GLN A 56 -4.78 5.81 12.93
C GLN A 56 -3.67 6.74 12.45
N ALA A 57 -2.83 6.25 11.56
CA ALA A 57 -1.72 7.04 11.03
C ALA A 57 -2.23 8.07 10.03
N ARG A 58 -3.52 7.98 9.69
CA ARG A 58 -4.11 8.90 8.74
C ARG A 58 -3.78 10.34 9.10
N ASP A 59 -3.68 10.62 10.39
CA ASP A 59 -3.37 11.96 10.87
C ASP A 59 -1.94 12.35 10.48
N GLN A 60 -1.14 11.34 10.14
CA GLN A 60 0.24 11.59 9.74
C GLN A 60 0.41 11.40 8.23
N VAL A 61 0.75 12.48 7.54
CA VAL A 61 0.95 12.42 6.10
C VAL A 61 2.44 12.32 5.77
N ILE A 62 2.82 11.21 5.14
CA ILE A 62 4.21 11.00 4.77
C ILE A 62 4.78 12.24 4.07
N GLU A 63 6.01 12.59 4.42
CA GLU A 63 6.65 13.76 3.82
C GLU A 63 7.74 13.34 2.83
N ASP A 64 8.38 12.21 3.12
CA ASP A 64 9.44 11.71 2.26
C ASP A 64 8.87 11.28 0.91
N PRO A 65 9.25 11.95 -0.14
CA PRO A 65 8.77 11.64 -1.52
C PRO A 65 9.57 10.51 -2.16
N CYS A 66 10.86 10.74 -2.36
CA CYS A 66 11.72 9.73 -2.97
C CYS A 66 11.23 9.39 -4.37
N PHE A 67 10.12 9.99 -4.77
CA PHE A 67 9.55 9.76 -6.09
C PHE A 67 10.50 10.23 -7.18
N ARG A 68 11.11 11.40 -6.96
CA ARG A 68 12.04 11.96 -7.94
C ARG A 68 13.14 10.96 -8.26
N GLU A 69 13.58 10.22 -7.25
CA GLU A 69 14.63 9.24 -7.45
C GLU A 69 14.20 8.17 -8.46
N HIS A 70 15.18 7.52 -9.07
CA HIS A 70 14.89 6.49 -10.07
C HIS A 70 14.21 5.29 -9.42
N TRP A 71 14.27 5.23 -8.08
CA TRP A 71 13.66 4.14 -7.35
C TRP A 71 12.26 3.84 -7.88
N VAL A 72 11.59 4.87 -8.37
CA VAL A 72 10.25 4.71 -8.90
C VAL A 72 10.24 3.72 -10.05
N GLU A 73 11.21 3.86 -10.96
CA GLU A 73 11.31 2.97 -12.11
C GLU A 73 11.56 1.53 -11.65
N ALA A 74 12.21 1.39 -10.50
CA ALA A 74 12.53 0.06 -9.97
C ALA A 74 11.25 -0.71 -9.70
N TYR A 75 10.26 -0.03 -9.13
CA TYR A 75 8.98 -0.68 -8.83
C TYR A 75 8.26 -1.06 -10.12
N ARG A 76 8.48 -0.29 -11.17
CA ARG A 76 7.85 -0.55 -12.45
C ARG A 76 8.23 -1.94 -12.97
N GLN A 77 9.54 -2.18 -13.05
CA GLN A 77 10.02 -3.47 -13.53
C GLN A 77 9.56 -4.59 -12.61
N GLY A 78 8.75 -4.25 -11.61
CA GLY A 78 8.20 -5.23 -10.70
C GLY A 78 9.24 -5.64 -9.65
N ARG A 79 10.01 -4.67 -9.18
CA ARG A 79 11.02 -4.94 -8.15
C ARG A 79 10.36 -5.28 -6.83
N ILE A 80 10.89 -6.30 -6.15
CA ILE A 80 10.35 -6.70 -4.86
C ILE A 80 11.28 -6.27 -3.73
N GLN A 81 10.74 -5.52 -2.78
CA GLN A 81 11.54 -5.02 -1.66
C GLN A 81 11.05 -5.64 -0.35
N ALA A 82 11.93 -6.37 0.30
CA ALA A 82 11.60 -6.99 1.59
C ALA A 82 12.66 -6.65 2.63
N THR A 83 12.35 -5.67 3.49
CA THR A 83 13.28 -5.25 4.53
C THR A 83 12.76 -5.65 5.91
N THR A 84 13.35 -6.70 6.48
CA THR A 84 12.95 -7.15 7.80
C THR A 84 12.94 -5.99 8.79
N ASP A 85 13.65 -4.92 8.45
CA ASP A 85 13.74 -3.75 9.32
C ASP A 85 14.39 -2.58 8.59
N ILE A 86 13.65 -1.50 8.42
CA ILE A 86 14.17 -0.32 7.74
C ILE A 86 15.23 0.36 8.61
N PHE A 87 15.50 -0.23 9.77
CA PHE A 87 16.48 0.34 10.69
C PHE A 87 17.90 0.07 10.22
N LYS A 88 18.09 -1.09 9.59
CA LYS A 88 19.41 -1.46 9.08
C LYS A 88 19.54 -1.10 7.60
N ALA A 89 18.81 -0.07 7.19
CA ALA A 89 18.81 0.34 5.79
C ALA A 89 19.02 1.85 5.67
N GLY A 90 20.06 2.25 4.94
CA GLY A 90 20.32 3.66 4.71
C GLY A 90 20.58 4.39 6.02
N LEU A 91 21.38 3.77 6.88
CA LEU A 91 21.72 4.39 8.16
C LEU A 91 22.14 5.84 7.96
N THR A 92 22.28 6.57 9.06
CA THR A 92 22.68 7.97 8.99
C THR A 92 21.81 8.72 7.99
N GLU A 93 20.54 8.36 7.92
CA GLU A 93 19.62 9.01 6.99
C GLU A 93 18.22 9.06 7.59
N CYS A 94 17.37 9.91 7.02
CA CYS A 94 15.99 10.03 7.49
C CYS A 94 15.26 8.69 7.37
N HIS A 95 14.70 8.23 8.48
CA HIS A 95 14.00 6.95 8.48
C HIS A 95 13.25 6.75 9.79
N LEU A 96 13.97 6.31 10.82
CA LEU A 96 13.36 6.12 12.13
C LEU A 96 12.55 7.34 12.53
N ASN A 97 13.01 8.52 12.11
CA ASN A 97 12.35 9.76 12.49
C ASN A 97 10.89 9.76 12.05
N GLN A 98 10.65 9.28 10.82
CA GLN A 98 9.29 9.24 10.29
C GLN A 98 8.73 7.82 10.33
N LEU A 99 9.59 6.87 10.69
CA LEU A 99 9.19 5.46 10.69
C LEU A 99 9.04 4.96 12.12
N ARG A 100 9.74 5.60 13.05
CA ARG A 100 9.72 5.17 14.44
C ARG A 100 8.35 5.43 15.06
N PRO A 101 7.76 6.53 14.71
CA PRO A 101 6.43 6.96 15.26
C PRO A 101 5.34 5.93 14.95
N LEU A 102 5.30 5.47 13.71
CA LEU A 102 4.28 4.51 13.30
C LEU A 102 4.54 3.15 13.95
N LYS A 103 5.67 3.02 14.63
CA LYS A 103 6.00 1.78 15.32
C LYS A 103 6.18 0.65 14.32
N VAL A 104 6.54 1.00 13.08
CA VAL A 104 6.75 0.01 12.05
C VAL A 104 8.09 -0.70 12.24
N ARG A 105 8.03 -1.97 12.62
CA ARG A 105 9.24 -2.76 12.83
C ARG A 105 9.51 -3.65 11.63
N ALA A 106 8.50 -3.80 10.77
CA ALA A 106 8.64 -4.63 9.58
C ALA A 106 8.17 -3.85 8.35
N ASN A 107 8.91 -3.98 7.25
CA ASN A 107 8.55 -3.28 6.02
C ASN A 107 8.50 -4.24 4.84
N LEU A 108 7.32 -4.36 4.24
CA LEU A 108 7.14 -5.20 3.07
C LEU A 108 6.41 -4.43 1.97
N VAL A 109 6.98 -4.42 0.77
CA VAL A 109 6.39 -3.67 -0.33
C VAL A 109 6.27 -4.52 -1.58
N VAL A 110 5.24 -4.26 -2.37
CA VAL A 110 5.03 -4.99 -3.62
C VAL A 110 4.55 -4.03 -4.71
N PRO A 111 5.17 -4.06 -5.85
CA PRO A 111 4.89 -3.10 -6.95
C PRO A 111 3.55 -3.37 -7.63
N MET A 112 2.79 -2.31 -7.89
CA MET A 112 1.53 -2.42 -8.61
C MET A 112 1.51 -1.44 -9.78
N VAL A 113 1.40 -1.97 -10.99
CA VAL A 113 1.46 -1.13 -12.18
C VAL A 113 0.21 -1.32 -13.04
N ILE A 114 -0.16 -0.27 -13.76
CA ILE A 114 -1.31 -0.32 -14.65
C ILE A 114 -0.94 0.20 -16.03
N ASP A 115 -1.27 -0.57 -17.06
CA ASP A 115 -0.93 -0.16 -18.43
C ASP A 115 0.49 0.37 -18.49
N ASP A 116 1.46 -0.49 -18.21
CA ASP A 116 2.86 -0.10 -18.26
C ASP A 116 3.07 1.21 -17.53
N GLN A 117 2.36 1.39 -16.41
CA GLN A 117 2.49 2.60 -15.62
C GLN A 117 2.39 2.28 -14.13
N LEU A 118 2.98 3.14 -13.31
CA LEU A 118 2.94 2.93 -11.86
C LEU A 118 1.71 3.61 -11.25
N PHE A 119 1.00 2.87 -10.41
CA PHE A 119 -0.20 3.40 -9.77
C PHE A 119 0.01 3.57 -8.27
N GLY A 120 0.41 2.49 -7.61
CA GLY A 120 0.62 2.53 -6.17
C GLY A 120 1.29 1.25 -5.69
N LEU A 121 1.46 1.12 -4.38
CA LEU A 121 2.09 -0.06 -3.80
C LEU A 121 1.45 -0.40 -2.46
N LEU A 122 1.28 -1.69 -2.21
CA LEU A 122 0.69 -2.15 -0.94
C LEU A 122 1.79 -2.48 0.06
N ILE A 123 1.73 -1.85 1.22
CA ILE A 123 2.73 -2.08 2.25
C ILE A 123 2.09 -2.69 3.51
N ALA A 124 2.81 -3.63 4.12
CA ALA A 124 2.32 -4.26 5.35
C ALA A 124 3.39 -4.14 6.44
N HIS A 125 3.07 -3.39 7.49
CA HIS A 125 4.00 -3.20 8.60
C HIS A 125 3.53 -3.94 9.84
N GLN A 126 4.41 -4.76 10.40
CA GLN A 126 4.12 -5.44 11.66
C GLN A 126 4.47 -4.56 12.85
N ALA A 127 3.45 -4.18 13.62
CA ALA A 127 3.65 -3.28 14.75
C ALA A 127 3.95 -4.07 16.02
N SER A 128 3.79 -5.39 15.94
CA SER A 128 4.00 -6.24 17.09
C SER A 128 5.43 -6.77 17.13
N GLU A 129 6.01 -6.95 15.94
CA GLU A 129 7.37 -7.48 15.84
C GLU A 129 7.74 -7.73 14.38
N PRO A 130 8.99 -7.60 14.06
CA PRO A 130 9.48 -7.84 12.66
C PRO A 130 9.44 -9.32 12.27
N ARG A 131 8.77 -9.60 11.15
CA ARG A 131 8.58 -10.97 10.72
C ARG A 131 9.26 -11.20 9.37
N GLN A 132 9.89 -12.36 9.21
CA GLN A 132 10.49 -12.72 7.93
C GLN A 132 9.43 -13.18 6.94
N TRP A 133 9.29 -12.45 5.84
CA TRP A 133 8.26 -12.76 4.85
C TRP A 133 8.43 -14.19 4.34
N GLN A 134 7.32 -14.84 4.03
CA GLN A 134 7.35 -16.19 3.50
C GLN A 134 7.33 -16.18 1.97
N GLU A 135 8.17 -17.01 1.36
CA GLU A 135 8.23 -17.08 -0.10
C GLU A 135 6.84 -17.12 -0.70
N ILE A 136 5.96 -17.93 -0.09
CA ILE A 136 4.60 -18.06 -0.58
C ILE A 136 3.79 -16.80 -0.26
N GLU A 137 4.07 -16.20 0.89
CA GLU A 137 3.36 -15.00 1.31
C GLU A 137 3.65 -13.85 0.37
N ILE A 138 4.87 -13.79 -0.14
CA ILE A 138 5.27 -12.72 -1.04
C ILE A 138 4.49 -12.82 -2.35
N ASP A 139 4.46 -14.01 -2.94
CA ASP A 139 3.76 -14.22 -4.20
C ASP A 139 2.27 -13.97 -4.03
N GLN A 140 1.69 -14.58 -3.00
CA GLN A 140 0.25 -14.43 -2.76
C GLN A 140 -0.09 -12.97 -2.49
N PHE A 141 0.71 -12.31 -1.65
CA PHE A 141 0.47 -10.91 -1.33
C PHE A 141 0.65 -10.04 -2.56
N SER A 142 1.71 -10.31 -3.32
CA SER A 142 1.96 -9.57 -4.56
C SER A 142 0.80 -9.75 -5.53
N GLU A 143 0.24 -10.96 -5.56
CA GLU A 143 -0.91 -11.24 -6.41
C GLU A 143 -2.09 -10.33 -6.04
N LEU A 144 -2.27 -10.13 -4.73
CA LEU A 144 -3.35 -9.27 -4.26
C LEU A 144 -3.20 -7.87 -4.85
N ALA A 145 -1.97 -7.37 -4.89
CA ALA A 145 -1.71 -6.05 -5.43
C ALA A 145 -1.94 -6.03 -6.94
N SER A 146 -1.46 -7.07 -7.62
CA SER A 146 -1.62 -7.16 -9.06
C SER A 146 -3.11 -7.21 -9.43
N THR A 147 -3.91 -7.81 -8.55
CA THR A 147 -5.33 -7.94 -8.81
C THR A 147 -5.97 -6.56 -9.00
N GLY A 148 -5.73 -5.67 -8.04
CA GLY A 148 -6.28 -4.32 -8.12
C GLY A 148 -5.96 -3.68 -9.46
N SER A 149 -4.76 -3.93 -9.97
CA SER A 149 -4.36 -3.37 -11.26
C SER A 149 -5.29 -3.83 -12.36
N LEU A 150 -5.84 -5.04 -12.21
CA LEU A 150 -6.75 -5.58 -13.20
C LEU A 150 -8.01 -4.72 -13.31
N VAL A 151 -8.66 -4.48 -12.18
CA VAL A 151 -9.88 -3.69 -12.17
C VAL A 151 -9.57 -2.22 -12.41
N LEU A 152 -8.56 -1.71 -11.71
CA LEU A 152 -8.18 -0.31 -11.84
C LEU A 152 -7.94 0.05 -13.30
N GLU A 153 -7.37 -0.91 -14.05
CA GLU A 153 -7.10 -0.67 -15.46
C GLU A 153 -8.38 -0.37 -16.23
N ARG A 154 -9.32 -1.30 -16.18
CA ARG A 154 -10.59 -1.12 -16.88
C ARG A 154 -11.42 -0.02 -16.21
N LEU A 155 -11.41 0.00 -14.88
CA LEU A 155 -12.19 0.98 -14.13
C LEU A 155 -11.65 2.39 -14.39
N HIS A 156 -10.36 2.58 -14.16
CA HIS A 156 -9.74 3.88 -14.36
C HIS A 156 -10.09 4.44 -15.73
N PHE A 157 -10.26 3.55 -16.70
CA PHE A 157 -10.58 3.97 -18.07
C PHE A 157 -12.06 4.34 -18.17
N LEU A 158 -12.93 3.46 -17.68
CA LEU A 158 -14.36 3.69 -17.74
C LEU A 158 -14.73 4.98 -17.02
N GLU A 159 -14.17 5.17 -15.82
CA GLU A 159 -14.45 6.37 -15.03
C GLU A 159 -14.01 7.61 -15.79
N GLN A 160 -12.79 7.58 -16.32
CA GLN A 160 -12.27 8.72 -17.05
C GLN A 160 -13.02 8.93 -18.36
N THR A 161 -13.16 7.85 -19.13
CA THR A 161 -13.84 7.93 -20.42
C THR A 161 -15.27 8.45 -20.24
N ILE A 162 -15.88 8.14 -19.11
CA ILE A 162 -17.25 8.57 -18.83
C ILE A 162 -17.33 10.09 -18.80
N ALA A 163 -16.30 10.73 -18.25
CA ALA A 163 -16.27 12.18 -18.16
C ALA A 163 -16.23 12.80 -19.55
N SER A 164 -15.60 12.09 -20.48
CA SER A 164 -15.49 12.59 -21.85
C SER A 164 -16.84 12.51 -22.56
N LEU A 165 -17.82 11.88 -21.90
CA LEU A 165 -19.15 11.74 -22.47
C LEU A 165 -19.08 10.95 -23.77
C31 PVN B . 14.92 10.19 3.85
C32 PVN B . 13.46 10.63 4.03
C3 PVN B . 15.44 10.35 2.40
C2 PVN B . 15.88 11.54 1.79
C21 PVN B . 15.96 12.94 2.40
C1 PVN B . 16.27 11.28 0.48
O1 PVN B . 16.69 12.10 -0.32
N1 PVN B . 16.12 9.99 0.18
C4 PVN B . 15.58 9.24 1.31
C5 PVN B . 14.28 8.55 0.81
C6 PVN B . 14.35 7.01 0.58
C7 PVN B . 15.12 6.45 -0.43
C41 PVN B . 15.96 7.31 -1.41
N2 PVN B . 13.76 5.99 1.24
C9 PVN B . 14.10 4.78 0.71
C8 PVN B . 14.98 5.06 -0.38
C51 PVN B . 15.70 4.08 -1.37
C52 PVN B . 14.85 3.05 -2.14
C53 PVN B . 15.23 1.55 -1.97
O54 PVN B . 14.32 0.70 -1.99
O55 PVN B . 16.43 1.27 -1.83
C10 PVN B . 13.75 3.43 1.03
C11 PVN B . 12.38 3.06 1.20
C12 PVN B . 11.87 1.91 1.81
C61 PVN B . 12.77 0.78 2.41
C62 PVN B . 13.89 1.08 3.40
C63 PVN B . 15.28 0.98 2.73
O64 PVN B . 15.99 2.00 2.74
O65 PVN B . 15.59 -0.12 2.23
N3 PVN B . 11.27 3.76 0.82
C14 PVN B . 10.10 3.16 1.12
C13 PVN B . 10.47 1.97 1.75
C71 PVN B . 9.46 0.92 2.30
C15 PVN B . 8.79 3.64 0.84
C16 PVN B . 8.33 4.85 1.45
C17 PVN B . 7.23 4.76 2.33
C81 PVN B . 6.46 3.47 2.71
N4 PVN B . 8.63 6.18 1.45
C19 PVN B . 7.80 6.85 2.26
O19 PVN B . 7.85 8.06 2.46
C18 PVN B . 6.88 6.00 2.85
C91 PVN B . 5.72 6.27 3.85
C92 PVN B . 5.72 5.54 5.20
H321 PVN B . 12.97 10.54 3.17
H322 PVN B . 13.02 10.04 4.71
HC4 PVN B . 16.18 8.45 1.75
H211 PVN B . 15.08 13.40 2.31
H212 PVN B . 16.21 12.86 3.36
H213 PVN B . 16.68 13.45 1.93
HN1 PVN B . 16.33 9.52 -0.68
H5C1 PVN B . 13.51 8.74 1.58
H5C2 PVN B . 13.96 9.04 -0.12
HN2 PVN B . 13.15 6.11 2.02
H411 PVN B . 15.91 6.91 -2.32
H412 PVN B . 15.56 8.24 -1.45
H413 PVN B . 16.90 7.35 -1.10
H101 PVN B . 14.54 2.69 1.14
H511 PVN B . 16.35 3.56 -0.81
H512 PVN B . 16.20 4.64 -2.03
H521 PVN B . 13.91 3.14 -1.83
H522 PVN B . 14.92 3.26 -3.11
H611 PVN B . 13.22 0.36 1.61
H612 PVN B . 12.16 0.13 2.85
H621 PVN B . 13.84 0.42 4.15
H622 PVN B . 13.77 2.01 3.75
H151 PVN B . 8.19 3.14 0.22
H711 PVN B . 8.61 1.39 2.55
H712 PVN B . 9.28 0.23 1.60
H713 PVN B . 9.84 0.48 3.11
HN4 PVN B . 9.37 6.62 0.95
H811 PVN B . 5.48 3.65 2.74
H812 PVN B . 6.63 2.77 2.01
H813 PVN B . 6.77 3.14 3.60
H911 PVN B . 5.72 7.25 4.04
H912 PVN B . 4.87 6.02 3.38
H921 PVN B . 5.72 6.21 5.94
H922 PVN B . 4.89 4.99 5.27
H923 PVN B . 6.53 4.96 5.28
H323 PVN B . 13.42 11.59 4.33
HXT PVN B . 14.92 9.12 4.04
N MET A 1 -32.18 -9.53 4.09
CA MET A 1 -32.12 -8.35 5.00
C MET A 1 -30.66 -7.93 5.19
N ALA A 2 -30.38 -6.64 4.95
CA ALA A 2 -29.03 -6.13 5.10
C ALA A 2 -29.05 -4.66 5.52
N ALA A 3 -27.97 -4.20 6.13
CA ALA A 3 -27.88 -2.83 6.57
C ALA A 3 -27.64 -1.89 5.39
N VAL A 4 -28.53 -0.91 5.23
CA VAL A 4 -28.41 0.04 4.14
C VAL A 4 -27.03 0.68 4.13
N GLN A 5 -26.52 0.98 5.33
CA GLN A 5 -25.20 1.60 5.45
C GLN A 5 -24.14 0.74 4.77
N LEU A 6 -24.29 -0.58 4.87
CA LEU A 6 -23.33 -1.49 4.26
C LEU A 6 -23.32 -1.32 2.75
N SER A 7 -24.49 -1.11 2.17
CA SER A 7 -24.60 -0.92 0.73
C SER A 7 -23.95 0.40 0.30
N GLU A 8 -23.91 1.35 1.22
CA GLU A 8 -23.32 2.64 0.94
C GLU A 8 -21.88 2.49 0.49
N LEU A 9 -21.37 1.26 0.56
CA LEU A 9 -19.99 1.00 0.16
C LEU A 9 -19.94 0.52 -1.29
N ARG A 10 -19.30 1.31 -2.14
CA ARG A 10 -19.18 0.96 -3.56
C ARG A 10 -18.27 1.94 -4.28
N ASP A 11 -18.06 3.11 -3.67
CA ASP A 11 -17.21 4.13 -4.26
C ASP A 11 -15.77 3.64 -4.37
N ARG A 12 -14.89 4.50 -4.86
CA ARG A 12 -13.49 4.15 -5.00
C ARG A 12 -12.91 3.69 -3.67
N GLN A 13 -13.43 4.22 -2.59
CA GLN A 13 -12.95 3.88 -1.25
C GLN A 13 -13.28 2.42 -0.93
N ALA A 14 -14.45 1.97 -1.34
CA ALA A 14 -14.88 0.61 -1.08
C ALA A 14 -13.88 -0.39 -1.65
N ILE A 15 -13.60 -0.27 -2.95
CA ILE A 15 -12.68 -1.18 -3.61
C ILE A 15 -11.29 -1.10 -2.99
N PHE A 16 -10.93 0.09 -2.51
CA PHE A 16 -9.62 0.29 -1.89
C PHE A 16 -9.61 -0.26 -0.46
N GLU A 17 -10.63 0.10 0.31
CA GLU A 17 -10.74 -0.36 1.69
C GLU A 17 -10.73 -1.89 1.74
N THR A 18 -11.11 -2.51 0.64
CA THR A 18 -11.17 -3.98 0.57
C THR A 18 -9.76 -4.55 0.48
N LEU A 19 -9.03 -4.17 -0.56
CA LEU A 19 -7.67 -4.69 -0.76
C LEU A 19 -6.93 -4.79 0.58
N VAL A 20 -6.80 -3.66 1.25
CA VAL A 20 -6.09 -3.62 2.53
C VAL A 20 -6.72 -4.60 3.52
N ALA A 21 -8.05 -4.68 3.50
CA ALA A 21 -8.75 -5.59 4.40
C ALA A 21 -8.25 -7.02 4.24
N LYS A 22 -8.03 -7.43 3.00
CA LYS A 22 -7.53 -8.76 2.72
C LYS A 22 -6.04 -8.85 3.05
N GLY A 23 -5.31 -7.79 2.77
CA GLY A 23 -3.87 -7.77 3.01
C GLY A 23 -3.55 -8.22 4.43
N ARG A 24 -4.21 -7.61 5.40
CA ARG A 24 -3.97 -7.94 6.80
C ARG A 24 -4.32 -9.40 7.06
N GLU A 25 -5.42 -9.87 6.48
CA GLU A 25 -5.85 -11.25 6.67
C GLU A 25 -4.95 -12.20 5.90
N LEU A 26 -4.57 -11.81 4.69
CA LEU A 26 -3.71 -12.64 3.85
C LEU A 26 -2.32 -12.75 4.45
N LEU A 27 -1.68 -11.60 4.67
CA LEU A 27 -0.34 -11.58 5.24
C LEU A 27 -0.37 -12.00 6.71
N ALA A 28 -1.53 -11.84 7.34
CA ALA A 28 -1.66 -12.15 8.76
C ALA A 28 -0.69 -11.30 9.59
N CYS A 29 -0.57 -10.03 9.23
CA CYS A 29 0.33 -9.13 9.95
C CYS A 29 -0.40 -8.43 11.08
N ASP A 30 0.15 -7.30 11.54
CA ASP A 30 -0.45 -6.55 12.63
C ASP A 30 -0.93 -5.19 12.15
N ARG A 31 -0.27 -4.65 11.14
CA ARG A 31 -0.65 -3.36 10.60
C ARG A 31 -0.36 -3.28 9.09
N VAL A 32 -1.27 -2.64 8.35
CA VAL A 32 -1.11 -2.52 6.91
C VAL A 32 -1.80 -1.25 6.42
N ILE A 33 -1.24 -0.65 5.36
CA ILE A 33 -1.79 0.58 4.82
C ILE A 33 -1.60 0.65 3.31
N VAL A 34 -2.45 1.41 2.64
CA VAL A 34 -2.33 1.60 1.20
C VAL A 34 -1.93 3.04 0.89
N TYR A 35 -0.93 3.20 0.02
CA TYR A 35 -0.43 4.52 -0.31
C TYR A 35 -0.03 4.58 -1.78
N ALA A 36 -0.26 5.74 -2.41
CA ALA A 36 0.13 5.93 -3.79
C ALA A 36 0.73 7.32 -3.99
N PHE A 37 1.37 7.53 -5.14
CA PHE A 37 1.99 8.82 -5.42
C PHE A 37 1.08 9.67 -6.30
N ASP A 38 0.41 10.64 -5.68
CA ASP A 38 -0.47 11.53 -6.41
C ASP A 38 0.35 12.53 -7.24
N ASP A 39 -0.28 13.64 -7.60
CA ASP A 39 0.40 14.65 -8.41
C ASP A 39 1.19 15.60 -7.52
N ASN A 40 1.42 15.18 -6.28
CA ASN A 40 2.16 16.01 -5.33
C ASN A 40 3.31 15.23 -4.71
N TYR A 41 3.54 14.02 -5.22
CA TYR A 41 4.62 13.18 -4.71
C TYR A 41 4.36 12.80 -3.25
N VAL A 42 3.11 12.92 -2.84
CA VAL A 42 2.73 12.59 -1.46
C VAL A 42 1.98 11.28 -1.41
N GLY A 43 2.29 10.45 -0.42
CA GLY A 43 1.64 9.17 -0.26
C GLY A 43 0.12 9.33 -0.16
N THR A 44 -0.56 9.22 -1.30
CA THR A 44 -2.01 9.37 -1.34
C THR A 44 -2.66 8.57 -0.21
N VAL A 45 -3.49 9.23 0.57
CA VAL A 45 -4.17 8.57 1.69
C VAL A 45 -5.35 7.74 1.19
N VAL A 46 -5.05 6.69 0.45
CA VAL A 46 -6.09 5.81 -0.08
C VAL A 46 -6.90 5.20 1.06
N ALA A 47 -6.26 4.34 1.85
CA ALA A 47 -6.93 3.71 2.98
C ALA A 47 -5.91 3.34 4.05
N GLU A 48 -6.32 3.45 5.31
CA GLU A 48 -5.46 3.11 6.43
C GLU A 48 -6.14 2.09 7.34
N SER A 49 -5.39 1.06 7.72
CA SER A 49 -5.93 0.02 8.59
C SER A 49 -4.91 -0.37 9.65
N VAL A 50 -5.26 -0.16 10.91
CA VAL A 50 -4.37 -0.50 12.02
C VAL A 50 -5.07 -1.42 13.01
N ALA A 51 -4.41 -2.52 13.35
CA ALA A 51 -4.97 -3.47 14.30
C ALA A 51 -5.28 -2.79 15.63
N GLU A 52 -6.04 -3.47 16.48
CA GLU A 52 -6.42 -2.92 17.77
C GLU A 52 -5.18 -2.62 18.60
N GLY A 53 -5.21 -1.50 19.34
CA GLY A 53 -4.12 -1.15 20.22
C GLY A 53 -3.24 -0.07 19.59
N TRP A 54 -3.18 -0.06 18.26
CA TRP A 54 -2.40 0.94 17.55
C TRP A 54 -3.30 2.04 16.99
N PRO A 55 -2.83 3.25 17.00
CA PRO A 55 -3.60 4.42 16.50
C PRO A 55 -3.70 4.44 14.98
N GLN A 56 -4.60 5.27 14.46
CA GLN A 56 -4.79 5.37 13.02
C GLN A 56 -3.65 6.17 12.39
N ALA A 57 -2.94 5.53 11.45
CA ALA A 57 -1.83 6.19 10.79
C ALA A 57 -2.33 7.18 9.75
N ARG A 58 -3.63 7.12 9.46
CA ARG A 58 -4.23 8.02 8.48
C ARG A 58 -3.87 9.47 8.79
N ASP A 59 -3.78 9.79 10.08
CA ASP A 59 -3.44 11.15 10.49
C ASP A 59 -1.99 11.46 10.14
N GLN A 60 -1.19 10.43 9.94
CA GLN A 60 0.21 10.60 9.59
C GLN A 60 0.44 10.29 8.12
N VAL A 61 0.89 11.31 7.37
CA VAL A 61 1.16 11.13 5.96
C VAL A 61 2.66 11.21 5.68
N ILE A 62 3.17 10.22 4.96
CA ILE A 62 4.60 10.17 4.65
C ILE A 62 5.04 11.46 3.97
N GLU A 63 6.07 12.09 4.53
CA GLU A 63 6.58 13.33 3.96
C GLU A 63 7.56 13.05 2.83
N ASP A 64 8.34 11.97 2.99
CA ASP A 64 9.31 11.59 1.98
C ASP A 64 8.63 11.24 0.67
N PRO A 65 8.90 11.97 -0.37
CA PRO A 65 8.30 11.74 -1.72
C PRO A 65 9.01 10.61 -2.47
N CYS A 66 8.28 9.52 -2.72
CA CYS A 66 8.85 8.38 -3.42
C CYS A 66 9.15 8.74 -4.88
N PHE A 67 8.32 9.60 -5.46
CA PHE A 67 8.50 10.02 -6.85
C PHE A 67 9.91 10.56 -7.05
N ARG A 68 10.35 11.42 -6.14
CA ARG A 68 11.68 12.01 -6.25
C ARG A 68 12.76 10.93 -6.19
N GLU A 69 12.52 9.91 -5.36
CA GLU A 69 13.49 8.83 -5.21
C GLU A 69 13.70 8.12 -6.55
N HIS A 70 14.93 7.69 -6.80
CA HIS A 70 15.25 6.98 -8.04
C HIS A 70 14.70 5.56 -7.99
N TRP A 71 14.44 5.07 -6.79
CA TRP A 71 13.91 3.72 -6.62
C TRP A 71 12.63 3.54 -7.44
N VAL A 72 12.02 4.65 -7.83
CA VAL A 72 10.79 4.60 -8.62
C VAL A 72 10.91 3.59 -9.74
N GLU A 73 12.05 3.58 -10.42
CA GLU A 73 12.28 2.65 -11.52
C GLU A 73 12.34 1.21 -10.99
N ALA A 74 12.78 1.07 -9.74
CA ALA A 74 12.87 -0.26 -9.13
C ALA A 74 11.53 -0.98 -9.21
N TYR A 75 10.45 -0.26 -8.90
CA TYR A 75 9.12 -0.84 -8.97
C TYR A 75 8.63 -0.92 -10.41
N ARG A 76 9.14 -0.01 -11.25
CA ARG A 76 8.74 0.02 -12.65
C ARG A 76 9.07 -1.30 -13.33
N GLN A 77 9.98 -2.07 -12.73
CA GLN A 77 10.39 -3.33 -13.31
C GLN A 77 9.79 -4.50 -12.54
N GLY A 78 9.06 -4.18 -11.47
CA GLY A 78 8.42 -5.21 -10.66
C GLY A 78 9.40 -5.79 -9.64
N ARG A 79 10.24 -4.94 -9.09
CA ARG A 79 11.23 -5.37 -8.11
C ARG A 79 10.56 -5.65 -6.76
N ILE A 80 11.10 -6.61 -6.03
CA ILE A 80 10.55 -6.97 -4.72
C ILE A 80 11.48 -6.48 -3.61
N GLN A 81 10.92 -5.68 -2.69
CA GLN A 81 11.71 -5.14 -1.59
C GLN A 81 11.23 -5.71 -0.27
N ALA A 82 12.12 -6.41 0.43
CA ALA A 82 11.79 -6.97 1.74
C ALA A 82 12.83 -6.57 2.77
N THR A 83 12.50 -5.60 3.61
CA THR A 83 13.41 -5.13 4.65
C THR A 83 12.90 -5.51 6.02
N THR A 84 13.52 -6.52 6.62
CA THR A 84 13.12 -6.96 7.96
C THR A 84 13.10 -5.78 8.93
N ASP A 85 13.80 -4.72 8.57
CA ASP A 85 13.87 -3.53 9.42
C ASP A 85 14.51 -2.37 8.67
N ILE A 86 13.75 -1.30 8.49
CA ILE A 86 14.26 -0.12 7.80
C ILE A 86 15.31 0.59 8.65
N PHE A 87 15.58 0.03 9.82
CA PHE A 87 16.54 0.62 10.74
C PHE A 87 17.97 0.35 10.28
N LYS A 88 18.17 -0.80 9.65
CA LYS A 88 19.50 -1.17 9.16
C LYS A 88 19.63 -0.83 7.68
N ALA A 89 18.88 0.19 7.24
CA ALA A 89 18.89 0.58 5.83
C ALA A 89 19.09 2.08 5.70
N GLY A 90 20.13 2.47 4.97
CA GLY A 90 20.40 3.88 4.72
C GLY A 90 20.63 4.64 6.02
N LEU A 91 21.44 4.04 6.90
CA LEU A 91 21.78 4.68 8.16
C LEU A 91 22.21 6.13 7.94
N THR A 92 22.34 6.88 9.03
CA THR A 92 22.75 8.27 8.94
C THR A 92 21.90 9.02 7.93
N GLU A 93 20.64 8.64 7.83
CA GLU A 93 19.72 9.29 6.90
C GLU A 93 18.32 9.35 7.48
N CYS A 94 17.48 10.21 6.91
CA CYS A 94 16.10 10.32 7.37
C CYS A 94 15.36 8.99 7.21
N HIS A 95 14.77 8.52 8.30
CA HIS A 95 14.07 7.24 8.28
C HIS A 95 13.28 7.03 9.57
N LEU A 96 13.98 6.60 10.61
CA LEU A 96 13.34 6.41 11.91
C LEU A 96 12.48 7.62 12.28
N ASN A 97 12.91 8.79 11.83
CA ASN A 97 12.20 10.03 12.16
C ASN A 97 10.74 9.95 11.72
N GLN A 98 10.51 9.42 10.53
CA GLN A 98 9.16 9.30 9.99
C GLN A 98 8.68 7.86 10.07
N LEU A 99 9.58 6.95 10.46
CA LEU A 99 9.24 5.54 10.50
C LEU A 99 9.08 5.07 11.95
N ARG A 100 9.78 5.73 12.85
CA ARG A 100 9.75 5.33 14.26
C ARG A 100 8.37 5.62 14.86
N PRO A 101 7.81 6.75 14.51
CA PRO A 101 6.47 7.17 15.03
C PRO A 101 5.39 6.14 14.74
N LEU A 102 5.35 5.66 13.51
CA LEU A 102 4.34 4.69 13.11
C LEU A 102 4.59 3.35 13.80
N LYS A 103 5.71 3.25 14.50
CA LYS A 103 6.03 2.03 15.23
C LYS A 103 6.16 0.85 14.26
N VAL A 104 6.52 1.15 13.02
CA VAL A 104 6.69 0.11 12.02
C VAL A 104 7.99 -0.64 12.23
N ARG A 105 7.90 -1.89 12.68
CA ARG A 105 9.09 -2.69 12.93
C ARG A 105 9.41 -3.56 11.71
N ALA A 106 8.42 -3.71 10.83
CA ALA A 106 8.61 -4.52 9.63
C ALA A 106 8.19 -3.74 8.39
N ASN A 107 8.97 -3.86 7.32
CA ASN A 107 8.64 -3.15 6.09
C ASN A 107 8.61 -4.11 4.90
N LEU A 108 7.44 -4.25 4.28
CA LEU A 108 7.30 -5.09 3.11
C LEU A 108 6.59 -4.33 2.00
N VAL A 109 7.17 -4.33 0.80
CA VAL A 109 6.58 -3.61 -0.32
C VAL A 109 6.49 -4.50 -1.56
N VAL A 110 5.44 -4.27 -2.35
CA VAL A 110 5.24 -5.02 -3.58
C VAL A 110 4.77 -4.09 -4.69
N PRO A 111 5.39 -4.17 -5.84
CA PRO A 111 5.10 -3.25 -6.98
C PRO A 111 3.75 -3.55 -7.65
N MET A 112 2.97 -2.50 -7.87
CA MET A 112 1.70 -2.63 -8.56
C MET A 112 1.65 -1.69 -9.76
N VAL A 113 1.49 -2.25 -10.95
CA VAL A 113 1.52 -1.45 -12.17
C VAL A 113 0.26 -1.68 -13.00
N ILE A 114 -0.05 -0.70 -13.85
CA ILE A 114 -1.22 -0.80 -14.72
C ILE A 114 -0.83 -0.44 -16.15
N ASP A 115 -1.22 -1.29 -17.11
CA ASP A 115 -0.90 -1.05 -18.50
C ASP A 115 0.55 -0.59 -18.64
N ASP A 116 1.47 -1.34 -18.04
CA ASP A 116 2.88 -1.00 -18.10
C ASP A 116 3.13 0.39 -17.50
N GLN A 117 2.43 0.68 -16.42
CA GLN A 117 2.58 1.98 -15.75
C GLN A 117 2.50 1.82 -14.24
N LEU A 118 3.23 2.67 -13.52
CA LEU A 118 3.24 2.61 -12.07
C LEU A 118 2.05 3.39 -11.49
N PHE A 119 1.32 2.74 -10.59
CA PHE A 119 0.15 3.36 -9.99
C PHE A 119 0.36 3.57 -8.49
N GLY A 120 0.72 2.50 -7.79
CA GLY A 120 0.93 2.56 -6.36
C GLY A 120 1.53 1.27 -5.83
N LEU A 121 1.72 1.20 -4.52
CA LEU A 121 2.31 0.00 -3.91
C LEU A 121 1.62 -0.29 -2.58
N LEU A 122 1.46 -1.58 -2.28
CA LEU A 122 0.85 -1.99 -1.02
C LEU A 122 1.94 -2.33 0.00
N ILE A 123 1.87 -1.69 1.16
CA ILE A 123 2.86 -1.91 2.21
C ILE A 123 2.23 -2.51 3.46
N ALA A 124 2.94 -3.47 4.07
CA ALA A 124 2.45 -4.10 5.28
C ALA A 124 3.48 -3.98 6.40
N HIS A 125 3.13 -3.24 7.45
CA HIS A 125 4.04 -3.05 8.57
C HIS A 125 3.53 -3.79 9.80
N GLN A 126 4.41 -4.60 10.40
CA GLN A 126 4.08 -5.28 11.65
C GLN A 126 4.46 -4.41 12.84
N ALA A 127 3.47 -4.05 13.64
CA ALA A 127 3.70 -3.17 14.77
C ALA A 127 4.00 -3.98 16.03
N SER A 128 3.88 -5.29 15.91
CA SER A 128 4.09 -6.18 17.06
C SER A 128 5.52 -6.71 17.05
N GLU A 129 6.07 -6.90 15.86
CA GLU A 129 7.42 -7.44 15.72
C GLU A 129 7.75 -7.68 14.26
N PRO A 130 9.00 -7.60 13.90
CA PRO A 130 9.46 -7.83 12.51
C PRO A 130 9.40 -9.31 12.12
N ARG A 131 8.71 -9.60 11.02
CA ARG A 131 8.53 -10.98 10.58
C ARG A 131 9.18 -11.19 9.21
N GLN A 132 9.79 -12.35 9.03
CA GLN A 132 10.38 -12.70 7.73
C GLN A 132 9.29 -13.16 6.77
N TRP A 133 9.12 -12.42 5.69
CA TRP A 133 8.07 -12.73 4.72
C TRP A 133 8.27 -14.14 4.16
N GLN A 134 7.16 -14.82 3.88
CA GLN A 134 7.23 -16.16 3.30
C GLN A 134 7.17 -16.09 1.79
N GLU A 135 7.99 -16.91 1.14
CA GLU A 135 8.04 -16.94 -0.32
C GLU A 135 6.63 -16.97 -0.90
N ILE A 136 5.77 -17.79 -0.30
CA ILE A 136 4.39 -17.91 -0.77
C ILE A 136 3.59 -16.68 -0.38
N GLU A 137 3.90 -16.11 0.77
CA GLU A 137 3.17 -14.94 1.26
C GLU A 137 3.43 -13.74 0.35
N ILE A 138 4.66 -13.64 -0.16
CA ILE A 138 5.03 -12.55 -1.04
C ILE A 138 4.27 -12.64 -2.36
N ASP A 139 4.27 -13.82 -2.95
CA ASP A 139 3.57 -14.04 -4.21
C ASP A 139 2.08 -13.80 -4.05
N GLN A 140 1.50 -14.39 -3.02
CA GLN A 140 0.07 -14.25 -2.76
C GLN A 140 -0.29 -12.79 -2.51
N PHE A 141 0.52 -12.12 -1.70
CA PHE A 141 0.28 -10.71 -1.39
C PHE A 141 0.47 -9.84 -2.62
N SER A 142 1.54 -10.12 -3.37
CA SER A 142 1.81 -9.39 -4.60
C SER A 142 0.65 -9.55 -5.58
N GLU A 143 0.07 -10.75 -5.59
CA GLU A 143 -1.08 -11.01 -6.45
C GLU A 143 -2.25 -10.10 -6.07
N LEU A 144 -2.43 -9.88 -4.78
CA LEU A 144 -3.49 -9.00 -4.30
C LEU A 144 -3.34 -7.60 -4.89
N ALA A 145 -2.11 -7.10 -4.91
CA ALA A 145 -1.84 -5.78 -5.46
C ALA A 145 -2.10 -5.78 -6.97
N SER A 146 -1.62 -6.81 -7.64
CA SER A 146 -1.82 -6.93 -9.09
C SER A 146 -3.30 -6.93 -9.42
N THR A 147 -4.11 -7.48 -8.52
CA THR A 147 -5.56 -7.55 -8.73
C THR A 147 -6.14 -6.14 -8.84
N GLY A 148 -5.72 -5.25 -7.96
CA GLY A 148 -6.18 -3.87 -7.98
C GLY A 148 -6.11 -3.30 -9.39
N SER A 149 -5.05 -3.66 -10.12
CA SER A 149 -4.89 -3.21 -11.50
C SER A 149 -6.11 -3.61 -12.33
N LEU A 150 -6.62 -4.80 -12.09
CA LEU A 150 -7.80 -5.27 -12.80
C LEU A 150 -8.96 -4.30 -12.62
N VAL A 151 -9.22 -3.92 -11.37
CA VAL A 151 -10.31 -3.01 -11.07
C VAL A 151 -9.94 -1.59 -11.49
N LEU A 152 -8.79 -1.13 -11.03
CA LEU A 152 -8.33 0.22 -11.35
C LEU A 152 -8.36 0.45 -12.86
N GLU A 153 -7.78 -0.49 -13.61
CA GLU A 153 -7.75 -0.38 -15.06
C GLU A 153 -9.16 -0.22 -15.63
N ARG A 154 -10.12 -0.90 -15.01
CA ARG A 154 -11.50 -0.84 -15.47
C ARG A 154 -12.13 0.50 -15.10
N LEU A 155 -11.99 0.89 -13.85
CA LEU A 155 -12.58 2.15 -13.39
C LEU A 155 -11.74 3.34 -13.85
N HIS A 156 -10.44 3.27 -13.62
CA HIS A 156 -9.55 4.36 -13.99
C HIS A 156 -9.82 4.82 -15.42
N PHE A 157 -10.00 3.86 -16.32
CA PHE A 157 -10.27 4.18 -17.72
C PHE A 157 -11.75 4.49 -17.93
N LEU A 158 -12.61 3.59 -17.47
CA LEU A 158 -14.04 3.77 -17.65
C LEU A 158 -14.51 5.08 -17.02
N GLU A 159 -14.06 5.34 -15.80
CA GLU A 159 -14.43 6.56 -15.09
C GLU A 159 -13.96 7.79 -15.87
N GLN A 160 -12.73 7.72 -16.37
CA GLN A 160 -12.18 8.83 -17.14
C GLN A 160 -12.92 9.01 -18.46
N THR A 161 -13.05 7.91 -19.20
CA THR A 161 -13.74 7.95 -20.49
C THR A 161 -15.16 8.48 -20.34
N ILE A 162 -15.77 8.19 -19.20
CA ILE A 162 -17.14 8.63 -18.94
C ILE A 162 -17.23 10.15 -19.04
N ALA A 163 -16.26 10.84 -18.45
CA ALA A 163 -16.25 12.30 -18.47
C ALA A 163 -16.19 12.81 -19.90
N SER A 164 -15.25 12.27 -20.68
CA SER A 164 -15.10 12.68 -22.07
C SER A 164 -16.33 12.27 -22.87
N LEU A 165 -16.95 11.16 -22.48
CA LEU A 165 -18.13 10.67 -23.17
C LEU A 165 -18.76 9.51 -22.41
C31 PVN B . 15.07 10.36 3.80
C32 PVN B . 13.60 10.78 3.87
C3 PVN B . 15.66 10.39 2.35
C2 PVN B . 16.19 11.50 1.69
C21 PVN B . 16.32 12.93 2.21
C1 PVN B . 16.60 11.13 0.42
O1 PVN B . 17.07 11.88 -0.43
N1 PVN B . 16.43 9.83 0.21
C4 PVN B . 15.77 9.20 1.35
C5 PVN B . 14.46 8.58 0.82
C6 PVN B . 14.38 7.02 0.81
C7 PVN B . 15.18 6.25 -0.01
C41 PVN B . 16.22 6.87 -0.98
N2 PVN B . 13.59 6.16 1.51
C9 PVN B . 13.85 4.87 1.20
C8 PVN B . 14.87 4.90 0.21
C51 PVN B . 15.58 3.72 -0.55
C52 PVN B . 16.44 2.72 0.27
C53 PVN B . 17.82 3.19 0.77
O54 PVN B . 18.17 2.93 1.95
O55 PVN B . 18.55 3.83 -0.02
C10 PVN B . 13.32 3.62 1.63
C11 PVN B . 11.88 3.44 1.73
C12 PVN B . 11.18 2.23 1.82
C61 PVN B . 11.87 0.83 1.87
C62 PVN B . 12.90 0.47 2.94
C63 PVN B . 14.13 -0.22 2.32
O64 PVN B . 15.24 0.32 2.50
O65 PVN B . 13.94 -1.28 1.70
N3 PVN B . 10.92 4.40 1.71
C14 PVN B . 9.66 3.92 1.81
C13 PVN B . 9.80 2.54 1.88
C71 PVN B . 8.64 1.52 2.00
C15 PVN B . 8.46 4.68 1.84
C16 PVN B . 8.15 5.52 2.96
C17 PVN B . 7.47 4.93 4.03
C81 PVN B . 6.98 3.47 4.14
N4 PVN B . 8.35 6.80 3.33
C19 PVN B . 7.82 7.02 4.55
O19 PVN B . 7.85 8.09 5.16
C18 PVN B . 7.24 5.86 5.05
C91 PVN B . 6.50 5.57 6.39
C92 PVN B . 5.07 5.02 6.34
H321 PVN B . 13.53 11.73 4.17
H322 PVN B . 13.19 10.70 2.96
HC4 PVN B . 16.29 8.40 1.87
H211 PVN B . 15.66 13.10 2.94
H212 PVN B . 17.25 13.08 2.55
H213 PVN B . 16.15 13.58 1.46
HN1 PVN B . 16.69 9.29 -0.59
H5C1 PVN B . 13.64 8.93 1.48
H5C2 PVN B . 14.27 8.95 -0.19
HN2 PVN B . 12.91 6.46 2.18
H411 PVN B . 16.20 7.86 -0.91
H412 PVN B . 17.13 6.54 -0.72
H413 PVN B . 16.01 6.58 -1.91
H101 PVN B . 13.98 2.81 1.91
H511 PVN B . 16.22 4.16 -1.19
H512 PVN B . 14.89 3.21 -1.04
H521 PVN B . 15.91 2.46 1.07
H522 PVN B . 16.59 1.92 -0.30
H611 PVN B . 12.36 0.75 1.00
H612 PVN B . 11.14 0.15 1.93
H621 PVN B . 12.48 -0.15 3.60
H622 PVN B . 13.20 1.30 3.40
H151 PVN B . 7.81 4.63 1.07
H711 PVN B . 9.01 0.60 2.12
H712 PVN B . 8.06 1.76 2.78
H713 PVN B . 8.10 1.54 1.16
HN4 PVN B . 8.82 7.53 2.82
H811 PVN B . 7.25 2.97 3.31
H812 PVN B . 7.43 3.04 4.93
H813 PVN B . 5.99 3.45 4.25
H911 PVN B . 7.06 4.91 6.89
H912 PVN B . 6.47 6.43 6.90
H921 PVN B . 4.76 4.82 7.27
H922 PVN B . 4.47 5.72 5.95
H923 PVN B . 5.04 4.19 5.79
H323 PVN B . 13.11 10.19 4.52
HXT PVN B . 15.09 9.31 4.09
N MET A 1 -25.49 -10.62 6.25
CA MET A 1 -25.81 -10.13 7.63
C MET A 1 -25.72 -8.61 7.66
N ALA A 2 -24.51 -8.10 7.68
CA ALA A 2 -24.30 -6.65 7.72
C ALA A 2 -22.90 -6.30 7.22
N ALA A 3 -21.93 -7.18 7.52
CA ALA A 3 -20.56 -6.94 7.09
C ALA A 3 -20.44 -7.00 5.57
N VAL A 4 -21.34 -7.76 4.95
CA VAL A 4 -21.32 -7.89 3.50
C VAL A 4 -21.81 -6.60 2.83
N GLN A 5 -22.66 -5.86 3.54
CA GLN A 5 -23.20 -4.63 3.01
C GLN A 5 -22.09 -3.68 2.61
N LEU A 6 -21.01 -3.67 3.39
CA LEU A 6 -19.87 -2.80 3.10
C LEU A 6 -19.30 -3.10 1.71
N SER A 7 -19.27 -4.37 1.35
CA SER A 7 -18.75 -4.78 0.06
C SER A 7 -19.70 -4.35 -1.06
N GLU A 8 -20.97 -4.21 -0.72
CA GLU A 8 -21.98 -3.81 -1.70
C GLU A 8 -21.66 -2.44 -2.27
N LEU A 9 -20.98 -1.62 -1.47
CA LEU A 9 -20.62 -0.27 -1.90
C LEU A 9 -19.58 -0.33 -3.03
N ARG A 10 -19.80 0.50 -4.06
CA ARG A 10 -18.88 0.54 -5.19
C ARG A 10 -18.00 1.77 -5.13
N ASP A 11 -18.06 2.48 -3.99
CA ASP A 11 -17.26 3.68 -3.82
C ASP A 11 -15.78 3.39 -4.06
N ARG A 12 -15.06 4.39 -4.55
CA ARG A 12 -13.63 4.23 -4.84
C ARG A 12 -12.90 3.76 -3.59
N GLN A 13 -13.31 4.29 -2.44
CA GLN A 13 -12.68 3.92 -1.17
C GLN A 13 -13.00 2.47 -0.80
N ALA A 14 -14.23 2.05 -1.12
CA ALA A 14 -14.66 0.70 -0.80
C ALA A 14 -13.70 -0.33 -1.40
N ILE A 15 -13.47 -0.23 -2.71
CA ILE A 15 -12.60 -1.18 -3.39
C ILE A 15 -11.19 -1.13 -2.81
N PHE A 16 -10.80 0.04 -2.31
CA PHE A 16 -9.47 0.22 -1.73
C PHE A 16 -9.42 -0.36 -0.32
N GLU A 17 -10.41 0.02 0.50
CA GLU A 17 -10.47 -0.46 1.87
C GLU A 17 -10.49 -1.99 1.90
N THR A 18 -10.95 -2.60 0.81
CA THR A 18 -11.04 -4.05 0.73
C THR A 18 -9.65 -4.66 0.61
N LEU A 19 -8.93 -4.28 -0.44
CA LEU A 19 -7.59 -4.81 -0.66
C LEU A 19 -6.83 -4.93 0.66
N VAL A 20 -6.69 -3.81 1.36
CA VAL A 20 -5.99 -3.80 2.64
C VAL A 20 -6.64 -4.79 3.62
N ALA A 21 -7.97 -4.86 3.57
CA ALA A 21 -8.70 -5.78 4.45
C ALA A 21 -8.20 -7.21 4.28
N LYS A 22 -8.00 -7.60 3.01
CA LYS A 22 -7.49 -8.94 2.73
C LYS A 22 -6.00 -9.03 3.05
N GLY A 23 -5.27 -7.95 2.76
CA GLY A 23 -3.84 -7.94 3.01
C GLY A 23 -3.52 -8.38 4.43
N ARG A 24 -4.16 -7.75 5.41
CA ARG A 24 -3.94 -8.08 6.81
C ARG A 24 -4.31 -9.53 7.09
N GLU A 25 -5.40 -9.99 6.48
CA GLU A 25 -5.85 -11.36 6.67
C GLU A 25 -4.95 -12.33 5.92
N LEU A 26 -4.56 -11.95 4.70
CA LEU A 26 -3.68 -12.79 3.89
C LEU A 26 -2.30 -12.90 4.52
N LEU A 27 -1.67 -11.75 4.76
CA LEU A 27 -0.34 -11.73 5.36
C LEU A 27 -0.42 -12.12 6.82
N ALA A 28 -1.58 -11.91 7.43
CA ALA A 28 -1.75 -12.18 8.85
C ALA A 28 -0.78 -11.33 9.68
N CYS A 29 -0.67 -10.06 9.32
CA CYS A 29 0.24 -9.16 10.03
C CYS A 29 -0.50 -8.44 11.16
N ASP A 30 0.05 -7.31 11.59
CA ASP A 30 -0.53 -6.56 12.69
C ASP A 30 -1.02 -5.19 12.20
N ARG A 31 -0.36 -4.67 11.17
CA ARG A 31 -0.73 -3.36 10.62
C ARG A 31 -0.45 -3.31 9.12
N VAL A 32 -1.33 -2.62 8.39
CA VAL A 32 -1.16 -2.49 6.94
C VAL A 32 -1.71 -1.14 6.47
N ILE A 33 -1.04 -0.56 5.48
CA ILE A 33 -1.47 0.73 4.95
C ILE A 33 -1.33 0.77 3.43
N VAL A 34 -2.22 1.53 2.79
CA VAL A 34 -2.18 1.67 1.34
C VAL A 34 -1.77 3.09 0.95
N TYR A 35 -0.84 3.20 0.02
CA TYR A 35 -0.35 4.51 -0.41
C TYR A 35 0.02 4.49 -1.89
N ALA A 36 -0.23 5.62 -2.56
CA ALA A 36 0.11 5.74 -3.97
C ALA A 36 0.78 7.08 -4.24
N PHE A 37 1.45 7.20 -5.39
CA PHE A 37 2.16 8.42 -5.73
C PHE A 37 1.29 9.30 -6.63
N ASP A 38 0.68 10.32 -6.04
CA ASP A 38 -0.14 11.25 -6.80
C ASP A 38 0.73 12.17 -7.66
N ASP A 39 0.17 13.29 -8.07
CA ASP A 39 0.90 14.25 -8.90
C ASP A 39 1.61 15.28 -8.04
N ASN A 40 1.73 14.98 -6.74
CA ASN A 40 2.37 15.90 -5.81
C ASN A 40 3.51 15.21 -5.08
N TYR A 41 4.02 14.13 -5.66
CA TYR A 41 5.11 13.39 -5.04
C TYR A 41 4.77 13.03 -3.60
N VAL A 42 3.49 13.12 -3.26
CA VAL A 42 3.04 12.78 -1.91
C VAL A 42 2.23 11.49 -1.92
N GLY A 43 2.49 10.64 -0.93
CA GLY A 43 1.79 9.37 -0.83
C GLY A 43 0.30 9.60 -0.52
N THR A 44 -0.50 9.75 -1.57
CA THR A 44 -1.93 9.96 -1.40
C THR A 44 -2.51 8.97 -0.40
N VAL A 45 -3.32 9.46 0.53
CA VAL A 45 -3.92 8.61 1.54
C VAL A 45 -5.08 7.81 0.95
N VAL A 46 -4.76 6.64 0.42
CA VAL A 46 -5.79 5.77 -0.17
C VAL A 46 -6.64 5.13 0.94
N ALA A 47 -6.02 4.22 1.69
CA ALA A 47 -6.72 3.56 2.80
C ALA A 47 -5.74 3.17 3.89
N GLU A 48 -6.16 3.32 5.14
CA GLU A 48 -5.31 2.95 6.26
C GLU A 48 -6.02 1.95 7.17
N SER A 49 -5.32 0.87 7.50
CA SER A 49 -5.89 -0.17 8.37
C SER A 49 -4.91 -0.54 9.46
N VAL A 50 -5.29 -0.26 10.71
CA VAL A 50 -4.43 -0.57 11.85
C VAL A 50 -5.18 -1.44 12.86
N ALA A 51 -4.57 -2.57 13.22
CA ALA A 51 -5.19 -3.48 14.17
C ALA A 51 -5.46 -2.77 15.49
N GLU A 52 -6.23 -3.42 16.36
CA GLU A 52 -6.58 -2.82 17.64
C GLU A 52 -5.33 -2.57 18.48
N GLY A 53 -5.33 -1.47 19.24
CA GLY A 53 -4.21 -1.15 20.10
C GLY A 53 -3.34 -0.07 19.48
N TRP A 54 -3.28 -0.04 18.15
CA TRP A 54 -2.50 0.96 17.44
C TRP A 54 -3.40 2.10 16.96
N PRO A 55 -2.90 3.30 16.98
CA PRO A 55 -3.66 4.51 16.54
C PRO A 55 -3.82 4.57 15.03
N GLN A 56 -4.67 5.50 14.58
CA GLN A 56 -4.90 5.66 13.14
C GLN A 56 -3.76 6.43 12.49
N ALA A 57 -2.99 5.75 11.65
CA ALA A 57 -1.86 6.39 10.99
C ALA A 57 -2.35 7.27 9.83
N ARG A 58 -3.63 7.14 9.49
CA ARG A 58 -4.21 7.91 8.41
C ARG A 58 -3.93 9.40 8.60
N ASP A 59 -3.88 9.83 9.86
CA ASP A 59 -3.65 11.24 10.17
C ASP A 59 -2.21 11.62 9.86
N GLN A 60 -1.37 10.61 9.61
CA GLN A 60 0.03 10.86 9.30
C GLN A 60 0.29 10.67 7.81
N VAL A 61 0.71 11.74 7.15
CA VAL A 61 1.02 11.68 5.72
C VAL A 61 2.53 11.61 5.50
N ILE A 62 2.99 10.51 4.91
CA ILE A 62 4.42 10.34 4.66
C ILE A 62 4.98 11.54 3.92
N GLU A 63 5.89 12.25 4.58
CA GLU A 63 6.49 13.44 3.98
C GLU A 63 7.61 13.03 3.01
N ASP A 64 8.29 11.94 3.33
CA ASP A 64 9.39 11.47 2.50
C ASP A 64 8.87 11.09 1.11
N PRO A 65 9.28 11.82 0.11
CA PRO A 65 8.88 11.55 -1.30
C PRO A 65 9.78 10.51 -1.97
N CYS A 66 9.17 9.61 -2.72
CA CYS A 66 9.92 8.56 -3.41
C CYS A 66 10.00 8.85 -4.90
N PHE A 67 9.07 9.68 -5.39
CA PHE A 67 9.05 10.04 -6.81
C PHE A 67 10.40 10.62 -7.23
N ARG A 68 11.02 11.38 -6.34
CA ARG A 68 12.31 11.99 -6.63
C ARG A 68 13.40 10.93 -6.68
N GLU A 69 14.49 11.26 -7.36
CA GLU A 69 15.62 10.33 -7.47
C GLU A 69 15.16 9.00 -8.07
N HIS A 70 16.09 8.04 -8.14
CA HIS A 70 15.77 6.73 -8.70
C HIS A 70 14.82 5.98 -7.78
N TRP A 71 15.03 4.67 -7.66
CA TRP A 71 14.18 3.84 -6.81
C TRP A 71 12.81 3.64 -7.44
N VAL A 72 12.22 4.75 -7.91
CA VAL A 72 10.90 4.69 -8.53
C VAL A 72 10.89 3.66 -9.65
N GLU A 73 11.95 3.66 -10.47
CA GLU A 73 12.05 2.72 -11.58
C GLU A 73 12.15 1.29 -11.06
N ALA A 74 12.73 1.13 -9.87
CA ALA A 74 12.89 -0.19 -9.28
C ALA A 74 11.56 -0.95 -9.30
N TYR A 75 10.49 -0.26 -8.91
CA TYR A 75 9.17 -0.87 -8.90
C TYR A 75 8.60 -0.96 -10.32
N ARG A 76 9.03 -0.05 -11.18
CA ARG A 76 8.55 -0.03 -12.55
C ARG A 76 8.88 -1.35 -13.25
N GLN A 77 9.81 -2.11 -12.67
CA GLN A 77 10.22 -3.38 -13.26
C GLN A 77 9.60 -4.54 -12.50
N GLY A 78 8.86 -4.23 -11.44
CA GLY A 78 8.22 -5.26 -10.63
C GLY A 78 9.20 -5.83 -9.61
N ARG A 79 10.05 -4.98 -9.07
CA ARG A 79 11.03 -5.41 -8.08
C ARG A 79 10.36 -5.68 -6.74
N ILE A 80 10.90 -6.65 -6.01
CA ILE A 80 10.36 -6.98 -4.69
C ILE A 80 11.30 -6.51 -3.59
N GLN A 81 10.77 -5.69 -2.68
CA GLN A 81 11.57 -5.14 -1.59
C GLN A 81 11.10 -5.71 -0.25
N ALA A 82 11.99 -6.42 0.43
CA ALA A 82 11.67 -6.97 1.74
C ALA A 82 12.74 -6.60 2.75
N THR A 83 12.44 -5.61 3.60
CA THR A 83 13.39 -5.16 4.61
C THR A 83 12.91 -5.55 6.00
N THR A 84 13.54 -6.56 6.58
CA THR A 84 13.18 -7.00 7.92
C THR A 84 13.18 -5.83 8.89
N ASP A 85 13.87 -4.76 8.52
CA ASP A 85 13.96 -3.58 9.38
C ASP A 85 14.55 -2.41 8.60
N ILE A 86 13.77 -1.36 8.43
CA ILE A 86 14.23 -0.17 7.73
C ILE A 86 15.30 0.55 8.55
N PHE A 87 15.57 0.03 9.73
CA PHE A 87 16.56 0.65 10.62
C PHE A 87 17.97 0.35 10.14
N LYS A 88 18.14 -0.80 9.49
CA LYS A 88 19.45 -1.19 8.96
C LYS A 88 19.61 -0.70 7.53
N ALA A 89 18.93 0.40 7.21
CA ALA A 89 18.96 0.93 5.84
C ALA A 89 19.20 2.44 5.86
N GLY A 90 19.97 2.93 4.90
CA GLY A 90 20.22 4.36 4.79
C GLY A 90 20.43 4.98 6.16
N LEU A 91 21.27 4.34 6.97
CA LEU A 91 21.59 4.87 8.29
C LEU A 91 21.88 6.37 8.21
N THR A 92 21.69 7.06 9.33
CA THR A 92 21.98 8.49 9.40
C THR A 92 20.94 9.28 8.61
N GLU A 93 20.57 8.77 7.43
CA GLU A 93 19.60 9.44 6.59
C GLU A 93 18.22 9.45 7.24
N CYS A 94 17.37 10.36 6.81
CA CYS A 94 16.02 10.47 7.36
C CYS A 94 15.24 9.18 7.09
N HIS A 95 14.62 8.65 8.13
CA HIS A 95 13.85 7.41 8.00
C HIS A 95 13.05 7.14 9.27
N LEU A 96 13.71 6.62 10.29
CA LEU A 96 13.07 6.37 11.57
C LEU A 96 12.20 7.57 11.98
N ASN A 97 12.61 8.76 11.56
CA ASN A 97 11.91 9.98 11.93
C ASN A 97 10.44 9.88 11.56
N GLN A 98 10.16 9.39 10.36
CA GLN A 98 8.78 9.27 9.89
C GLN A 98 8.33 7.81 9.97
N LEU A 99 9.26 6.91 10.28
CA LEU A 99 8.96 5.48 10.31
C LEU A 99 8.84 5.01 11.76
N ARG A 100 9.60 5.63 12.65
CA ARG A 100 9.61 5.22 14.05
C ARG A 100 8.26 5.50 14.69
N PRO A 101 7.69 6.63 14.41
CA PRO A 101 6.36 7.05 14.98
C PRO A 101 5.27 6.02 14.71
N LEU A 102 5.21 5.55 13.46
CA LEU A 102 4.19 4.57 13.07
C LEU A 102 4.45 3.23 13.77
N LYS A 103 5.57 3.14 14.46
CA LYS A 103 5.89 1.91 15.20
C LYS A 103 6.04 0.73 14.25
N VAL A 104 6.43 1.03 13.01
CA VAL A 104 6.62 -0.02 12.01
C VAL A 104 7.92 -0.76 12.27
N ARG A 105 7.81 -2.00 12.78
CA ARG A 105 8.99 -2.80 13.08
C ARG A 105 9.34 -3.67 11.88
N ALA A 106 8.42 -3.77 10.92
CA ALA A 106 8.64 -4.58 9.73
C ALA A 106 8.19 -3.82 8.49
N ASN A 107 8.94 -3.96 7.40
CA ASN A 107 8.60 -3.28 6.16
C ASN A 107 8.55 -4.24 4.99
N LEU A 108 7.38 -4.33 4.36
CA LEU A 108 7.21 -5.18 3.18
C LEU A 108 6.50 -4.41 2.08
N VAL A 109 7.08 -4.40 0.88
CA VAL A 109 6.50 -3.65 -0.23
C VAL A 109 6.39 -4.52 -1.48
N VAL A 110 5.36 -4.26 -2.27
CA VAL A 110 5.15 -5.00 -3.51
C VAL A 110 4.68 -4.04 -4.61
N PRO A 111 5.27 -4.13 -5.77
CA PRO A 111 4.99 -3.19 -6.90
C PRO A 111 3.62 -3.45 -7.54
N MET A 112 2.89 -2.37 -7.81
CA MET A 112 1.60 -2.48 -8.48
C MET A 112 1.52 -1.44 -9.60
N VAL A 113 1.40 -1.92 -10.84
CA VAL A 113 1.40 -1.02 -11.99
C VAL A 113 0.15 -1.24 -12.84
N ILE A 114 -0.21 -0.21 -13.60
CA ILE A 114 -1.37 -0.28 -14.47
C ILE A 114 -0.98 0.08 -15.90
N ASP A 115 -1.35 -0.77 -16.86
CA ASP A 115 -1.02 -0.51 -18.25
C ASP A 115 0.43 -0.07 -18.38
N ASP A 116 1.32 -0.78 -17.69
CA ASP A 116 2.75 -0.44 -17.72
C ASP A 116 2.99 0.94 -17.14
N GLN A 117 2.26 1.26 -16.07
CA GLN A 117 2.41 2.56 -15.42
C GLN A 117 2.39 2.40 -13.90
N LEU A 118 3.12 3.26 -13.22
CA LEU A 118 3.18 3.22 -11.76
C LEU A 118 1.94 3.85 -11.15
N PHE A 119 1.26 3.10 -10.30
CA PHE A 119 0.04 3.60 -9.67
C PHE A 119 0.23 3.74 -8.16
N GLY A 120 0.67 2.65 -7.53
CA GLY A 120 0.88 2.65 -6.09
C GLY A 120 1.48 1.33 -5.62
N LEU A 121 1.67 1.20 -4.31
CA LEU A 121 2.23 -0.02 -3.75
C LEU A 121 1.59 -0.35 -2.42
N LEU A 122 1.39 -1.64 -2.16
CA LEU A 122 0.80 -2.07 -0.90
C LEU A 122 1.88 -2.41 0.11
N ILE A 123 1.81 -1.78 1.28
CA ILE A 123 2.82 -2.00 2.31
C ILE A 123 2.19 -2.62 3.56
N ALA A 124 2.88 -3.59 4.14
CA ALA A 124 2.41 -4.23 5.36
C ALA A 124 3.47 -4.13 6.46
N HIS A 125 3.14 -3.39 7.52
CA HIS A 125 4.07 -3.20 8.62
C HIS A 125 3.62 -3.98 9.85
N GLN A 126 4.51 -4.78 10.41
CA GLN A 126 4.23 -5.47 11.66
C GLN A 126 4.61 -4.60 12.86
N ALA A 127 3.61 -4.22 13.64
CA ALA A 127 3.84 -3.33 14.77
C ALA A 127 4.16 -4.14 16.03
N SER A 128 4.03 -5.45 15.92
CA SER A 128 4.26 -6.33 17.07
C SER A 128 5.69 -6.85 17.06
N GLU A 129 6.24 -7.04 15.87
CA GLU A 129 7.59 -7.57 15.72
C GLU A 129 7.92 -7.82 14.26
N PRO A 130 9.16 -7.72 13.90
CA PRO A 130 9.64 -7.97 12.50
C PRO A 130 9.55 -9.44 12.11
N ARG A 131 8.84 -9.72 11.03
CA ARG A 131 8.63 -11.09 10.60
C ARG A 131 9.25 -11.33 9.23
N GLN A 132 9.86 -12.50 9.04
CA GLN A 132 10.42 -12.85 7.75
C GLN A 132 9.33 -13.31 6.79
N TRP A 133 9.14 -12.56 5.70
CA TRP A 133 8.09 -12.85 4.75
C TRP A 133 8.28 -14.25 4.17
N GLN A 134 7.17 -14.92 3.87
CA GLN A 134 7.24 -16.25 3.26
C GLN A 134 7.18 -16.16 1.74
N GLU A 135 7.99 -16.98 1.08
CA GLU A 135 8.03 -16.99 -0.38
C GLU A 135 6.62 -17.04 -0.95
N ILE A 136 5.77 -17.87 -0.35
CA ILE A 136 4.39 -17.99 -0.80
C ILE A 136 3.58 -16.78 -0.36
N GLU A 137 3.90 -16.24 0.81
CA GLU A 137 3.18 -15.08 1.33
C GLU A 137 3.47 -13.84 0.48
N ILE A 138 4.70 -13.72 0.01
CA ILE A 138 5.09 -12.58 -0.81
C ILE A 138 4.40 -12.64 -2.17
N ASP A 139 4.47 -13.80 -2.82
CA ASP A 139 3.86 -13.98 -4.12
C ASP A 139 2.35 -13.77 -4.04
N GLN A 140 1.73 -14.36 -3.03
CA GLN A 140 0.28 -14.24 -2.85
C GLN A 140 -0.09 -12.79 -2.56
N PHE A 141 0.67 -12.15 -1.69
CA PHE A 141 0.40 -10.75 -1.34
C PHE A 141 0.57 -9.85 -2.56
N SER A 142 1.61 -10.09 -3.33
CA SER A 142 1.84 -9.32 -4.55
C SER A 142 0.68 -9.49 -5.52
N GLU A 143 0.17 -10.70 -5.61
CA GLU A 143 -0.99 -10.98 -6.46
C GLU A 143 -2.16 -10.09 -6.07
N LEU A 144 -2.35 -9.90 -4.77
CA LEU A 144 -3.42 -9.05 -4.28
C LEU A 144 -3.28 -7.63 -4.82
N ALA A 145 -2.05 -7.12 -4.81
CA ALA A 145 -1.79 -5.78 -5.32
C ALA A 145 -2.05 -5.72 -6.82
N SER A 146 -1.55 -6.71 -7.55
CA SER A 146 -1.74 -6.76 -8.99
C SER A 146 -3.22 -6.87 -9.34
N THR A 147 -3.97 -7.56 -8.48
CA THR A 147 -5.40 -7.75 -8.73
C THR A 147 -6.09 -6.42 -8.95
N GLY A 148 -5.93 -5.51 -7.99
CA GLY A 148 -6.55 -4.19 -8.09
C GLY A 148 -6.20 -3.53 -9.42
N SER A 149 -4.97 -3.75 -9.88
CA SER A 149 -4.52 -3.16 -11.13
C SER A 149 -5.39 -3.64 -12.29
N LEU A 150 -5.81 -4.90 -12.23
CA LEU A 150 -6.62 -5.48 -13.29
C LEU A 150 -7.90 -4.66 -13.47
N VAL A 151 -8.64 -4.45 -12.38
CA VAL A 151 -9.88 -3.70 -12.45
C VAL A 151 -9.62 -2.22 -12.71
N LEU A 152 -8.75 -1.62 -11.90
CA LEU A 152 -8.44 -0.21 -12.04
C LEU A 152 -8.05 0.10 -13.49
N GLU A 153 -7.41 -0.86 -14.15
CA GLU A 153 -6.98 -0.67 -15.53
C GLU A 153 -8.18 -0.35 -16.42
N ARG A 154 -9.18 -1.23 -16.40
CA ARG A 154 -10.37 -1.05 -17.22
C ARG A 154 -11.36 -0.10 -16.54
N LEU A 155 -11.40 -0.16 -15.21
CA LEU A 155 -12.32 0.69 -14.45
C LEU A 155 -11.94 2.16 -14.58
N HIS A 156 -10.75 2.49 -14.12
CA HIS A 156 -10.28 3.87 -14.15
C HIS A 156 -10.35 4.42 -15.58
N PHE A 157 -9.95 3.62 -16.55
CA PHE A 157 -9.97 4.04 -17.94
C PHE A 157 -11.42 4.21 -18.43
N LEU A 158 -12.27 3.25 -18.09
CA LEU A 158 -13.67 3.31 -18.47
C LEU A 158 -14.26 4.66 -18.12
N GLU A 159 -14.09 5.07 -16.87
CA GLU A 159 -14.60 6.37 -16.43
C GLU A 159 -14.09 7.49 -17.33
N GLN A 160 -12.86 7.34 -17.81
CA GLN A 160 -12.28 8.34 -18.69
C GLN A 160 -13.07 8.44 -19.99
N THR A 161 -13.36 7.29 -20.59
CA THR A 161 -14.11 7.26 -21.85
C THR A 161 -15.44 7.98 -21.70
N ILE A 162 -16.04 7.87 -20.51
CA ILE A 162 -17.33 8.49 -20.26
C ILE A 162 -17.29 9.98 -20.59
N ALA A 163 -16.25 10.65 -20.10
CA ALA A 163 -16.10 12.09 -20.34
C ALA A 163 -15.87 12.36 -21.82
N SER A 164 -15.36 11.36 -22.53
CA SER A 164 -15.09 11.50 -23.96
C SER A 164 -16.39 11.76 -24.72
N LEU A 165 -17.51 11.62 -24.03
CA LEU A 165 -18.81 11.83 -24.66
C LEU A 165 -19.27 13.27 -24.45
C31 PVN B . 14.75 10.70 3.98
C32 PVN B . 13.27 10.98 4.28
C3 PVN B . 15.11 10.89 2.47
C2 PVN B . 15.35 12.10 1.81
C21 PVN B . 15.30 13.51 2.39
C1 PVN B . 15.64 11.85 0.47
O1 PVN B . 15.88 12.70 -0.39
N1 PVN B . 15.64 10.55 0.21
C4 PVN B . 15.29 9.77 1.40
C5 PVN B . 14.06 8.92 1.03
C6 PVN B . 14.29 7.40 0.86
C7 PVN B . 14.99 6.87 -0.21
C41 PVN B . 15.58 7.75 -1.34
N2 PVN B . 13.92 6.33 1.63
C9 PVN B . 14.34 5.15 1.12
C8 PVN B . 15.03 5.47 -0.08
C51 PVN B . 15.74 4.52 -1.12
C52 PVN B . 17.29 4.51 -1.18
C53 PVN B . 18.04 3.92 0.04
O54 PVN B . 18.36 2.70 0.01
O55 PVN B . 18.31 4.68 0.99
C10 PVN B . 14.21 3.80 1.54
C11 PVN B . 12.92 3.16 1.52
C12 PVN B . 12.52 2.02 2.25
C61 PVN B . 13.45 1.25 3.23
C62 PVN B . 13.72 -0.25 3.09
C63 PVN B . 15.08 -0.51 2.43
O64 PVN B . 15.24 -0.13 1.25
O65 PVN B . 15.95 -1.11 3.11
N3 PVN B . 11.83 3.51 0.81
C14 PVN B . 10.75 2.70 0.99
C13 PVN B . 11.18 1.76 1.91
C71 PVN B . 10.31 0.60 2.46
C15 PVN B . 9.47 2.83 0.38
C16 PVN B . 8.58 3.88 0.78
C17 PVN B . 7.61 3.57 1.75
C81 PVN B . 7.40 2.19 2.44
N4 PVN B . 8.35 5.18 0.51
C19 PVN B . 7.34 5.65 1.23
O19 PVN B . 6.91 6.81 1.18
C18 PVN B . 6.80 4.66 2.05
C91 PVN B . 5.64 4.69 3.07
C92 PVN B . 5.97 4.71 4.57
H321 PVN B . 12.90 10.23 4.82
H322 PVN B . 13.20 11.82 4.81
HC4 PVN B . 16.03 9.07 1.79
H211 PVN B . 14.39 13.72 2.72
H212 PVN B . 15.96 13.60 3.13
H213 PVN B . 15.56 14.17 1.67
HN1 PVN B . 15.84 10.09 -0.66
H5C1 PVN B . 13.33 9.05 1.84
H5C2 PVN B . 13.62 9.31 0.11
HN2 PVN B . 13.41 6.44 2.48
H411 PVN B . 15.30 8.69 -1.19
H412 PVN B . 16.58 7.70 -1.29
H413 PVN B . 15.26 7.42 -2.23
H101 PVN B . 15.09 3.24 1.87
H511 PVN B . 15.44 4.84 -2.02
H512 PVN B . 15.42 3.59 -0.95
H521 PVN B . 17.55 3.99 -1.98
H522 PVN B . 17.60 5.46 -1.28
H611 PVN B . 13.02 1.35 4.14
H612 PVN B . 14.34 1.71 3.22
H621 PVN B . 13.00 -0.66 2.52
H622 PVN B . 13.71 -0.67 3.99
H151 PVN B . 9.19 2.18 -0.33
H711 PVN B . 10.10 -0.04 1.71
H712 PVN B . 10.79 0.12 3.20
H713 PVN B . 9.44 0.96 2.80
HN4 PVN B . 8.86 5.76 -0.15
H811 PVN B . 7.93 2.16 3.29
H812 PVN B . 6.42 2.09 2.66
H813 PVN B . 7.70 1.46 1.83
H911 PVN B . 5.09 5.50 2.87
H912 PVN B . 5.09 3.87 2.91
H921 PVN B . 5.22 4.29 5.09
H922 PVN B . 6.81 4.20 4.74
H923 PVN B . 6.08 5.66 4.88
H323 PVN B . 12.76 11.07 3.42
HXT PVN B . 14.90 9.64 4.18
N MET A 1 -29.07 -10.92 4.79
CA MET A 1 -30.55 -10.99 4.91
C MET A 1 -31.13 -9.58 4.98
N ALA A 2 -31.82 -9.18 3.92
CA ALA A 2 -32.43 -7.85 3.87
C ALA A 2 -31.36 -6.77 3.94
N ALA A 3 -30.17 -7.09 3.42
CA ALA A 3 -29.07 -6.13 3.43
C ALA A 3 -29.18 -5.17 2.26
N VAL A 4 -29.45 -3.90 2.56
CA VAL A 4 -29.58 -2.89 1.52
C VAL A 4 -28.31 -2.06 1.41
N GLN A 5 -27.65 -1.83 2.54
CA GLN A 5 -26.42 -1.06 2.55
C GLN A 5 -25.36 -1.71 1.68
N LEU A 6 -25.28 -3.03 1.73
CA LEU A 6 -24.31 -3.78 0.94
C LEU A 6 -24.55 -3.56 -0.55
N SER A 7 -25.82 -3.55 -0.94
CA SER A 7 -26.18 -3.35 -2.34
C SER A 7 -25.79 -1.94 -2.79
N GLU A 8 -26.03 -0.96 -1.93
CA GLU A 8 -25.70 0.42 -2.25
C GLU A 8 -24.19 0.65 -2.16
N LEU A 9 -23.44 -0.43 -1.97
CA LEU A 9 -22.00 -0.33 -1.87
C LEU A 9 -21.39 -0.10 -3.25
N ARG A 10 -20.74 1.04 -3.42
CA ARG A 10 -20.12 1.37 -4.70
C ARG A 10 -19.30 2.65 -4.58
N ASP A 11 -18.12 2.55 -3.96
CA ASP A 11 -17.26 3.71 -3.78
C ASP A 11 -15.80 3.32 -3.99
N ARG A 12 -15.01 4.26 -4.51
CA ARG A 12 -13.59 4.01 -4.76
C ARG A 12 -12.90 3.57 -3.47
N GLN A 13 -13.35 4.11 -2.34
CA GLN A 13 -12.77 3.76 -1.05
C GLN A 13 -13.10 2.32 -0.68
N ALA A 14 -14.31 1.90 -1.01
CA ALA A 14 -14.74 0.54 -0.68
C ALA A 14 -13.80 -0.48 -1.29
N ILE A 15 -13.59 -0.39 -2.61
CA ILE A 15 -12.72 -1.32 -3.30
C ILE A 15 -11.31 -1.26 -2.75
N PHE A 16 -10.91 -0.08 -2.27
CA PHE A 16 -9.58 0.09 -1.71
C PHE A 16 -9.51 -0.44 -0.28
N GLU A 17 -10.48 -0.06 0.54
CA GLU A 17 -10.52 -0.52 1.92
C GLU A 17 -10.56 -2.04 1.99
N THR A 18 -11.03 -2.66 0.91
CA THR A 18 -11.13 -4.11 0.86
C THR A 18 -9.74 -4.74 0.72
N LEU A 19 -9.04 -4.39 -0.35
CA LEU A 19 -7.71 -4.93 -0.60
C LEU A 19 -6.92 -5.05 0.71
N VAL A 20 -6.75 -3.91 1.38
CA VAL A 20 -6.02 -3.90 2.64
C VAL A 20 -6.65 -4.85 3.65
N ALA A 21 -7.97 -4.92 3.65
CA ALA A 21 -8.69 -5.81 4.56
C ALA A 21 -8.23 -7.25 4.37
N LYS A 22 -8.10 -7.67 3.11
CA LYS A 22 -7.65 -9.02 2.81
C LYS A 22 -6.16 -9.17 3.12
N GLY A 23 -5.38 -8.17 2.74
CA GLY A 23 -3.94 -8.19 2.97
C GLY A 23 -3.63 -8.57 4.42
N ARG A 24 -4.30 -7.90 5.35
CA ARG A 24 -4.10 -8.15 6.77
C ARG A 24 -4.40 -9.62 7.09
N GLU A 25 -5.48 -10.14 6.52
CA GLU A 25 -5.87 -11.53 6.75
C GLU A 25 -4.95 -12.48 5.98
N LEU A 26 -4.58 -12.08 4.77
CA LEU A 26 -3.69 -12.90 3.95
C LEU A 26 -2.30 -12.98 4.56
N LEU A 27 -1.69 -11.82 4.78
CA LEU A 27 -0.36 -11.77 5.37
C LEU A 27 -0.42 -12.17 6.85
N ALA A 28 -1.57 -11.94 7.47
CA ALA A 28 -1.71 -12.20 8.89
C ALA A 28 -0.73 -11.35 9.69
N CYS A 29 -0.62 -10.07 9.33
CA CYS A 29 0.29 -9.18 10.01
C CYS A 29 -0.42 -8.46 11.15
N ASP A 30 0.14 -7.33 11.58
CA ASP A 30 -0.43 -6.58 12.70
C ASP A 30 -0.93 -5.22 12.22
N ARG A 31 -0.29 -4.69 11.17
CA ARG A 31 -0.69 -3.39 10.65
C ARG A 31 -0.46 -3.33 9.14
N VAL A 32 -1.37 -2.66 8.43
CA VAL A 32 -1.26 -2.53 6.98
C VAL A 32 -1.86 -1.20 6.52
N ILE A 33 -1.26 -0.59 5.51
CA ILE A 33 -1.74 0.69 5.02
C ILE A 33 -1.60 0.77 3.49
N VAL A 34 -2.47 1.56 2.87
CA VAL A 34 -2.42 1.75 1.42
C VAL A 34 -2.03 3.19 1.10
N TYR A 35 -1.08 3.35 0.18
CA TYR A 35 -0.60 4.68 -0.18
C TYR A 35 -0.28 4.76 -1.67
N ALA A 36 -0.52 5.92 -2.26
CA ALA A 36 -0.20 6.14 -3.67
C ALA A 36 0.41 7.52 -3.86
N PHE A 37 1.03 7.74 -5.00
CA PHE A 37 1.67 9.02 -5.29
C PHE A 37 0.87 9.80 -6.32
N ASP A 38 0.23 10.87 -5.88
CA ASP A 38 -0.55 11.71 -6.78
C ASP A 38 0.37 12.54 -7.67
N ASP A 39 -0.16 13.65 -8.17
CA ASP A 39 0.62 14.53 -9.04
C ASP A 39 1.38 15.58 -8.22
N ASN A 40 1.51 15.31 -6.93
CA ASN A 40 2.18 16.25 -6.04
C ASN A 40 3.30 15.56 -5.26
N TYR A 41 3.59 14.31 -5.64
CA TYR A 41 4.64 13.55 -4.98
C TYR A 41 4.28 13.30 -3.51
N VAL A 42 3.00 13.47 -3.18
CA VAL A 42 2.54 13.26 -1.82
C VAL A 42 1.80 11.92 -1.70
N GLY A 43 2.11 11.17 -0.65
CA GLY A 43 1.47 9.88 -0.43
C GLY A 43 -0.03 10.05 -0.21
N THR A 44 -0.82 9.69 -1.21
CA THR A 44 -2.27 9.79 -1.10
C THR A 44 -2.80 8.84 -0.04
N VAL A 45 -3.72 9.33 0.78
CA VAL A 45 -4.29 8.51 1.85
C VAL A 45 -5.47 7.69 1.32
N VAL A 46 -5.18 6.69 0.51
CA VAL A 46 -6.23 5.84 -0.06
C VAL A 46 -7.00 5.14 1.06
N ALA A 47 -6.33 4.22 1.76
CA ALA A 47 -6.96 3.51 2.86
C ALA A 47 -5.91 3.08 3.88
N GLU A 48 -6.28 3.16 5.16
CA GLU A 48 -5.37 2.77 6.23
C GLU A 48 -6.05 1.76 7.16
N SER A 49 -5.32 0.70 7.50
CA SER A 49 -5.85 -0.32 8.38
C SER A 49 -4.85 -0.67 9.48
N VAL A 50 -5.20 -0.34 10.72
CA VAL A 50 -4.34 -0.62 11.86
C VAL A 50 -5.06 -1.47 12.90
N ALA A 51 -4.44 -2.58 13.28
CA ALA A 51 -5.03 -3.46 14.28
C ALA A 51 -5.29 -2.71 15.58
N GLU A 52 -6.06 -3.33 16.47
CA GLU A 52 -6.39 -2.71 17.74
C GLU A 52 -5.13 -2.44 18.56
N GLY A 53 -5.12 -1.35 19.30
CA GLY A 53 -4.00 -1.02 20.17
C GLY A 53 -3.11 0.04 19.51
N TRP A 54 -3.06 0.03 18.18
CA TRP A 54 -2.28 1.01 17.44
C TRP A 54 -3.16 2.14 16.94
N PRO A 55 -2.65 3.35 17.00
CA PRO A 55 -3.41 4.56 16.56
C PRO A 55 -3.51 4.66 15.04
N GLN A 56 -4.29 5.63 14.57
CA GLN A 56 -4.45 5.82 13.13
C GLN A 56 -3.36 6.73 12.58
N ALA A 57 -2.58 6.21 11.64
CA ALA A 57 -1.50 6.98 11.04
C ALA A 57 -2.05 8.00 10.05
N ARG A 58 -3.34 7.90 9.76
CA ARG A 58 -3.98 8.79 8.81
C ARG A 58 -3.65 10.25 9.14
N ASP A 59 -3.44 10.52 10.43
CA ASP A 59 -3.13 11.87 10.87
C ASP A 59 -1.74 12.30 10.37
N GLN A 60 -0.97 11.32 9.92
CA GLN A 60 0.37 11.60 9.41
C GLN A 60 0.41 11.43 7.89
N VAL A 61 0.64 12.54 7.18
CA VAL A 61 0.69 12.50 5.73
C VAL A 61 2.13 12.29 5.25
N ILE A 62 2.39 11.13 4.65
CA ILE A 62 3.71 10.81 4.14
C ILE A 62 4.29 12.00 3.39
N GLU A 63 5.22 12.71 4.02
CA GLU A 63 5.84 13.87 3.40
C GLU A 63 6.93 13.43 2.41
N ASP A 64 7.58 12.31 2.71
CA ASP A 64 8.64 11.80 1.85
C ASP A 64 8.06 11.30 0.53
N PRO A 65 8.45 11.91 -0.55
CA PRO A 65 7.99 11.53 -1.91
C PRO A 65 8.74 10.32 -2.47
N CYS A 66 8.05 9.53 -3.29
CA CYS A 66 8.66 8.34 -3.88
C CYS A 66 9.09 8.60 -5.30
N PHE A 67 8.42 9.54 -5.96
CA PHE A 67 8.74 9.88 -7.35
C PHE A 67 10.16 10.42 -7.45
N ARG A 68 10.52 11.33 -6.56
CA ARG A 68 11.84 11.92 -6.56
C ARG A 68 12.91 10.85 -6.37
N GLU A 69 12.60 9.84 -5.56
CA GLU A 69 13.53 8.77 -5.29
C GLU A 69 13.97 8.10 -6.59
N HIS A 70 15.23 7.72 -6.67
CA HIS A 70 15.75 7.06 -7.87
C HIS A 70 15.40 5.58 -7.87
N TRP A 71 15.08 5.06 -6.69
CA TRP A 71 14.72 3.65 -6.56
C TRP A 71 13.45 3.35 -7.34
N VAL A 72 12.70 4.40 -7.68
CA VAL A 72 11.47 4.24 -8.43
C VAL A 72 11.65 3.23 -9.56
N GLU A 73 12.83 3.25 -10.19
CA GLU A 73 13.12 2.32 -11.27
C GLU A 73 13.10 0.89 -10.75
N ALA A 74 13.52 0.69 -9.51
CA ALA A 74 13.53 -0.63 -8.91
C ALA A 74 12.13 -1.24 -8.94
N TYR A 75 11.13 -0.42 -8.67
CA TYR A 75 9.75 -0.88 -8.68
C TYR A 75 9.22 -0.99 -10.11
N ARG A 76 9.69 -0.09 -10.98
CA ARG A 76 9.28 -0.09 -12.37
C ARG A 76 9.54 -1.46 -13.00
N GLN A 77 10.39 -2.25 -12.35
CA GLN A 77 10.71 -3.59 -12.85
C GLN A 77 9.70 -4.61 -12.31
N GLY A 78 8.89 -4.19 -11.37
CA GLY A 78 7.88 -5.08 -10.79
C GLY A 78 8.50 -5.99 -9.73
N ARG A 79 9.79 -5.79 -9.47
CA ARG A 79 10.49 -6.60 -8.49
C ARG A 79 9.82 -6.53 -7.13
N ILE A 80 10.32 -7.31 -6.18
CA ILE A 80 9.73 -7.33 -4.83
C ILE A 80 10.73 -6.79 -3.81
N GLN A 81 10.25 -5.95 -2.91
CA GLN A 81 11.10 -5.37 -1.89
C GLN A 81 10.72 -5.90 -0.50
N ALA A 82 11.66 -6.56 0.15
CA ALA A 82 11.42 -7.10 1.49
C ALA A 82 12.54 -6.68 2.44
N THR A 83 12.25 -5.68 3.27
CA THR A 83 13.22 -5.20 4.23
C THR A 83 12.81 -5.58 5.66
N THR A 84 13.47 -6.59 6.21
CA THR A 84 13.16 -7.04 7.56
C THR A 84 13.17 -5.87 8.53
N ASP A 85 13.85 -4.78 8.14
CA ASP A 85 13.95 -3.61 9.00
C ASP A 85 14.52 -2.43 8.21
N ILE A 86 13.72 -1.39 8.06
CA ILE A 86 14.16 -0.19 7.36
C ILE A 86 15.25 0.53 8.16
N PHE A 87 15.55 0.00 9.34
CA PHE A 87 16.56 0.61 10.21
C PHE A 87 17.96 0.41 9.63
N LYS A 88 18.13 -0.70 8.90
CA LYS A 88 19.42 -1.00 8.30
C LYS A 88 19.47 -0.47 6.87
N ALA A 89 18.71 0.58 6.61
CA ALA A 89 18.64 1.15 5.27
C ALA A 89 18.84 2.67 5.31
N GLY A 90 19.56 3.19 4.32
CA GLY A 90 19.77 4.63 4.22
C GLY A 90 20.03 5.23 5.60
N LEU A 91 20.88 4.57 6.39
CA LEU A 91 21.24 5.08 7.70
C LEU A 91 21.49 6.58 7.65
N THR A 92 21.34 7.24 8.79
CA THR A 92 21.58 8.67 8.88
C THR A 92 20.54 9.45 8.09
N GLU A 93 20.21 8.94 6.90
CA GLU A 93 19.24 9.60 6.03
C GLU A 93 17.85 9.56 6.67
N CYS A 94 16.96 10.41 6.18
CA CYS A 94 15.60 10.46 6.69
C CYS A 94 14.92 9.10 6.53
N HIS A 95 14.42 8.57 7.65
CA HIS A 95 13.78 7.27 7.62
C HIS A 95 13.14 6.95 8.98
N LEU A 96 13.97 6.50 9.92
CA LEU A 96 13.50 6.21 11.26
C LEU A 96 12.68 7.37 11.81
N ASN A 97 13.08 8.59 11.46
CA ASN A 97 12.40 9.78 11.95
C ASN A 97 10.92 9.76 11.58
N GLN A 98 10.64 9.34 10.35
CA GLN A 98 9.26 9.30 9.87
C GLN A 98 8.70 7.89 9.94
N LEU A 99 9.57 6.92 10.23
CA LEU A 99 9.16 5.53 10.29
C LEU A 99 9.07 5.05 11.73
N ARG A 100 9.80 5.73 12.62
CA ARG A 100 9.83 5.33 14.03
C ARG A 100 8.47 5.58 14.67
N PRO A 101 7.84 6.67 14.32
CA PRO A 101 6.53 7.06 14.91
C PRO A 101 5.44 6.01 14.64
N LEU A 102 5.37 5.55 13.39
CA LEU A 102 4.36 4.57 13.02
C LEU A 102 4.63 3.23 13.70
N LYS A 103 5.78 3.12 14.34
CA LYS A 103 6.14 1.91 15.06
C LYS A 103 6.24 0.72 14.11
N VAL A 104 6.58 1.02 12.86
CA VAL A 104 6.72 -0.03 11.85
C VAL A 104 8.05 -0.76 12.04
N ARG A 105 7.97 -2.01 12.50
CA ARG A 105 9.16 -2.81 12.73
C ARG A 105 9.45 -3.69 11.52
N ALA A 106 8.46 -3.82 10.64
CA ALA A 106 8.61 -4.64 9.44
C ALA A 106 8.14 -3.87 8.21
N ASN A 107 8.87 -4.00 7.12
CA ASN A 107 8.51 -3.29 5.88
C ASN A 107 8.43 -4.25 4.70
N LEU A 108 7.24 -4.36 4.12
CA LEU A 108 7.05 -5.19 2.94
C LEU A 108 6.27 -4.42 1.88
N VAL A 109 6.80 -4.36 0.67
CA VAL A 109 6.18 -3.57 -0.40
C VAL A 109 6.00 -4.41 -1.66
N VAL A 110 4.90 -4.16 -2.36
CA VAL A 110 4.61 -4.87 -3.60
C VAL A 110 3.69 -4.03 -4.49
N PRO A 111 4.25 -3.09 -5.21
CA PRO A 111 3.47 -2.15 -6.05
C PRO A 111 3.19 -2.70 -7.45
N MET A 112 1.96 -2.51 -7.93
CA MET A 112 1.59 -2.94 -9.27
C MET A 112 1.80 -1.80 -10.25
N VAL A 113 2.09 -2.15 -11.50
CA VAL A 113 2.39 -1.15 -12.52
C VAL A 113 1.43 -1.26 -13.70
N ILE A 114 1.06 -0.12 -14.26
CA ILE A 114 0.18 -0.08 -15.42
C ILE A 114 0.69 0.91 -16.45
N ASP A 115 0.83 0.45 -17.69
CA ASP A 115 1.33 1.32 -18.76
C ASP A 115 2.71 1.85 -18.39
N ASP A 116 3.57 0.96 -17.90
CA ASP A 116 4.93 1.34 -17.53
C ASP A 116 4.91 2.45 -16.48
N GLN A 117 3.99 2.33 -15.52
CA GLN A 117 3.88 3.30 -14.46
C GLN A 117 3.21 2.69 -13.23
N LEU A 118 3.59 3.17 -12.05
CA LEU A 118 3.01 2.68 -10.81
C LEU A 118 1.61 3.25 -10.61
N PHE A 119 0.72 2.42 -10.07
CA PHE A 119 -0.65 2.85 -9.84
C PHE A 119 -0.98 2.82 -8.35
N GLY A 120 -0.45 1.83 -7.65
CA GLY A 120 -0.71 1.69 -6.22
C GLY A 120 0.40 0.89 -5.54
N LEU A 121 0.49 1.02 -4.22
CA LEU A 121 1.52 0.31 -3.47
C LEU A 121 0.94 -0.27 -2.19
N LEU A 122 0.90 -1.60 -2.10
CA LEU A 122 0.38 -2.26 -0.92
C LEU A 122 1.50 -2.60 0.05
N ILE A 123 1.50 -1.96 1.21
CA ILE A 123 2.56 -2.17 2.20
C ILE A 123 1.98 -2.74 3.50
N ALA A 124 2.69 -3.69 4.08
CA ALA A 124 2.26 -4.30 5.32
C ALA A 124 3.34 -4.19 6.39
N HIS A 125 3.05 -3.47 7.46
CA HIS A 125 4.02 -3.28 8.54
C HIS A 125 3.58 -4.04 9.79
N GLN A 126 4.50 -4.85 10.33
CA GLN A 126 4.24 -5.54 11.59
C GLN A 126 4.66 -4.67 12.78
N ALA A 127 3.68 -4.25 13.55
CA ALA A 127 3.94 -3.35 14.68
C ALA A 127 4.29 -4.14 15.93
N SER A 128 4.13 -5.45 15.84
CA SER A 128 4.39 -6.32 16.99
C SER A 128 5.82 -6.85 16.95
N GLU A 129 6.35 -7.03 15.75
CA GLU A 129 7.70 -7.55 15.59
C GLU A 129 7.99 -7.82 14.11
N PRO A 130 9.23 -7.71 13.73
CA PRO A 130 9.67 -7.96 12.32
C PRO A 130 9.59 -9.43 11.95
N ARG A 131 8.87 -9.72 10.87
CA ARG A 131 8.65 -11.11 10.45
C ARG A 131 9.27 -11.35 9.08
N GLN A 132 9.89 -12.52 8.91
CA GLN A 132 10.44 -12.90 7.61
C GLN A 132 9.34 -13.37 6.67
N TRP A 133 9.14 -12.64 5.59
CA TRP A 133 8.07 -12.96 4.65
C TRP A 133 8.28 -14.37 4.08
N GLN A 134 7.19 -15.13 4.00
CA GLN A 134 7.26 -16.47 3.43
C GLN A 134 7.22 -16.42 1.90
N GLU A 135 8.04 -17.25 1.27
CA GLU A 135 8.09 -17.29 -0.19
C GLU A 135 6.68 -17.36 -0.77
N ILE A 136 5.84 -18.19 -0.16
CA ILE A 136 4.47 -18.34 -0.62
C ILE A 136 3.64 -17.12 -0.22
N GLU A 137 3.94 -16.55 0.94
CA GLU A 137 3.21 -15.39 1.43
C GLU A 137 3.49 -14.17 0.54
N ILE A 138 4.73 -14.06 0.08
CA ILE A 138 5.12 -12.94 -0.77
C ILE A 138 4.40 -13.01 -2.12
N ASP A 139 4.46 -14.18 -2.76
CA ASP A 139 3.81 -14.36 -4.05
C ASP A 139 2.32 -14.16 -3.93
N GLN A 140 1.71 -14.76 -2.91
CA GLN A 140 0.28 -14.65 -2.71
C GLN A 140 -0.12 -13.20 -2.44
N PHE A 141 0.63 -12.54 -1.57
CA PHE A 141 0.34 -11.15 -1.23
C PHE A 141 0.49 -10.26 -2.45
N SER A 142 1.54 -10.50 -3.23
CA SER A 142 1.77 -9.72 -4.44
C SER A 142 0.62 -9.91 -5.42
N GLU A 143 -0.04 -11.06 -5.34
CA GLU A 143 -1.18 -11.35 -6.21
C GLU A 143 -2.35 -10.42 -5.89
N LEU A 144 -2.55 -10.15 -4.61
CA LEU A 144 -3.63 -9.27 -4.19
C LEU A 144 -3.45 -7.88 -4.81
N ALA A 145 -2.21 -7.38 -4.79
CA ALA A 145 -1.93 -6.08 -5.35
C ALA A 145 -2.14 -6.08 -6.86
N SER A 146 -1.64 -7.12 -7.51
CA SER A 146 -1.80 -7.24 -8.96
C SER A 146 -3.27 -7.32 -9.34
N THR A 147 -4.06 -7.92 -8.46
CA THR A 147 -5.49 -8.09 -8.72
C THR A 147 -6.14 -6.74 -8.99
N GLY A 148 -5.94 -5.80 -8.07
CA GLY A 148 -6.53 -4.46 -8.23
C GLY A 148 -6.16 -3.86 -9.57
N SER A 149 -4.92 -4.10 -10.01
CA SER A 149 -4.45 -3.56 -11.28
C SER A 149 -5.32 -4.06 -12.43
N LEU A 150 -5.91 -5.23 -12.25
CA LEU A 150 -6.76 -5.82 -13.28
C LEU A 150 -8.05 -5.01 -13.43
N VAL A 151 -8.74 -4.80 -12.32
CA VAL A 151 -9.99 -4.06 -12.34
C VAL A 151 -9.74 -2.56 -12.26
N LEU A 152 -8.86 -2.18 -11.34
CA LEU A 152 -8.54 -0.76 -11.16
C LEU A 152 -8.23 -0.10 -12.49
N GLU A 153 -7.50 -0.82 -13.35
CA GLU A 153 -7.14 -0.30 -14.65
C GLU A 153 -8.39 -0.15 -15.53
N ARG A 154 -9.15 -1.23 -15.66
CA ARG A 154 -10.35 -1.19 -16.49
C ARG A 154 -11.40 -0.26 -15.87
N LEU A 155 -11.46 -0.24 -14.54
CA LEU A 155 -12.42 0.60 -13.84
C LEU A 155 -12.03 2.08 -13.93
N HIS A 156 -10.82 2.38 -13.47
CA HIS A 156 -10.33 3.75 -13.49
C HIS A 156 -10.53 4.38 -14.87
N PHE A 157 -10.30 3.59 -15.91
CA PHE A 157 -10.47 4.08 -17.28
C PHE A 157 -11.94 4.24 -17.62
N LEU A 158 -12.73 3.21 -17.33
CA LEU A 158 -14.16 3.25 -17.60
C LEU A 158 -14.78 4.52 -17.04
N GLU A 159 -14.52 4.79 -15.75
CA GLU A 159 -15.04 5.99 -15.11
C GLU A 159 -14.58 7.24 -15.85
N GLN A 160 -13.34 7.21 -16.33
CA GLN A 160 -12.78 8.36 -17.04
C GLN A 160 -13.54 8.61 -18.34
N THR A 161 -13.70 7.58 -19.14
CA THR A 161 -14.38 7.71 -20.43
C THR A 161 -15.82 8.18 -20.23
N ILE A 162 -16.40 7.80 -19.10
CA ILE A 162 -17.78 8.17 -18.80
C ILE A 162 -17.91 9.68 -18.66
N ALA A 163 -16.86 10.32 -18.16
CA ALA A 163 -16.86 11.77 -17.98
C ALA A 163 -16.95 12.48 -19.32
N SER A 164 -15.96 12.23 -20.18
CA SER A 164 -15.94 12.86 -21.50
C SER A 164 -17.14 12.41 -22.33
N LEU A 165 -17.51 11.14 -22.16
CA LEU A 165 -18.66 10.60 -22.91
C LEU A 165 -19.90 10.57 -22.02
C31 PVN B . 14.45 10.51 3.16
C32 PVN B . 12.96 10.78 3.37
C3 PVN B . 14.91 10.68 1.68
C2 PVN B . 15.19 11.88 1.02
C21 PVN B . 15.12 13.31 1.58
C1 PVN B . 15.57 11.61 -0.29
O1 PVN B . 15.87 12.45 -1.14
N1 PVN B . 15.58 10.32 -0.54
C4 PVN B . 15.14 9.55 0.64
C5 PVN B . 13.93 8.70 0.19
C6 PVN B . 14.12 7.15 0.22
C7 PVN B . 15.00 6.51 -0.61
C41 PVN B . 15.89 7.24 -1.64
N2 PVN B . 13.52 6.20 0.98
C9 PVN B . 13.98 4.95 0.69
C8 PVN B . 14.95 5.12 -0.35
C51 PVN B . 15.83 4.06 -1.10
C52 PVN B . 17.09 3.52 -0.40
C53 PVN B . 16.90 2.63 0.85
O54 PVN B . 17.28 3.06 1.96
O55 PVN B . 16.36 1.51 0.71
C10 PVN B . 13.68 3.65 1.18
C11 PVN B . 12.31 3.22 1.31
C12 PVN B . 11.84 2.08 1.97
C61 PVN B . 12.75 1.05 2.69
C62 PVN B . 12.67 -0.46 2.41
C63 PVN B . 13.40 -0.82 1.10
O64 PVN B . 14.33 -1.64 1.18
O65 PVN B . 12.99 -0.28 0.06
N3 PVN B . 11.21 3.83 0.83
C14 PVN B . 10.05 3.19 1.11
C13 PVN B . 10.43 2.06 1.83
C71 PVN B . 9.46 1.00 2.39
C15 PVN B . 8.73 3.59 0.73
C16 PVN B . 8.16 4.78 1.28
C17 PVN B . 7.10 4.62 2.18
C81 PVN B . 6.46 3.28 2.65
N4 PVN B . 8.33 6.12 1.20
C19 PVN B . 7.45 6.76 1.98
O19 PVN B . 7.38 7.97 2.12
C18 PVN B . 6.63 5.85 2.64
C91 PVN B . 5.47 6.06 3.65
C92 PVN B . 5.57 5.44 5.06
H321 PVN B . 12.45 10.55 2.55
H322 PVN B . 12.63 10.21 4.13
HC4 PVN B . 15.84 8.85 1.09
H211 PVN B . 15.75 13.90 1.07
H212 PVN B . 14.19 13.65 1.51
H213 PVN B . 15.38 13.28 2.55
HN1 PVN B . 15.84 9.83 -1.38
H5C1 PVN B . 13.10 8.94 0.87
H5C2 PVN B . 13.65 9.00 -0.82
HN2 PVN B . 12.82 6.40 1.67
H411 PVN B . 15.73 8.23 -1.56
H412 PVN B . 16.85 7.06 -1.44
H413 PVN B . 15.66 6.94 -2.57
H101 PVN B . 14.50 2.99 1.47
H511 PVN B . 16.14 4.51 -1.93
H512 PVN B . 15.23 3.29 -1.32
H521 PVN B . 17.60 2.98 -1.07
H522 PVN B . 17.65 4.31 -0.12
H611 PVN B . 12.53 1.15 3.67
H612 PVN B . 13.69 1.33 2.52
H621 PVN B . 11.71 -0.72 2.34
H622 PVN B . 13.10 -0.94 3.17
H151 PVN B . 8.21 3.04 0.08
H711 PVN B . 9.28 0.32 1.67
H712 PVN B . 9.86 0.54 3.18
H713 PVN B . 8.59 1.42 2.64
HN4 PVN B . 9.00 6.60 0.65
H811 PVN B . 7.05 2.87 3.35
H812 PVN B . 5.56 3.49 3.07
H813 PVN B . 6.36 2.66 1.88
H911 PVN B . 5.36 7.05 3.78
H912 PVN B . 4.64 5.69 3.22
H921 PVN B . 5.68 6.17 5.73
H922 PVN B . 4.72 4.94 5.26
H923 PVN B . 6.35 4.81 5.09
H323 PVN B . 12.81 11.75 3.59
HXT PVN B . 14.59 9.46 3.39
N MET A 1 -34.01 -2.82 9.12
CA MET A 1 -33.83 -4.28 9.40
C MET A 1 -32.74 -4.84 8.50
N ALA A 2 -31.87 -3.95 8.01
CA ALA A 2 -30.78 -4.38 7.14
C ALA A 2 -29.60 -3.43 7.27
N ALA A 3 -28.41 -3.92 6.95
CA ALA A 3 -27.20 -3.10 7.03
C ALA A 3 -27.08 -2.21 5.79
N VAL A 4 -28.06 -1.33 5.61
CA VAL A 4 -28.05 -0.41 4.47
C VAL A 4 -26.71 0.31 4.38
N GLN A 5 -26.13 0.61 5.54
CA GLN A 5 -24.85 1.32 5.58
C GLN A 5 -23.79 0.53 4.81
N LEU A 6 -23.84 -0.79 4.92
CA LEU A 6 -22.87 -1.64 4.23
C LEU A 6 -22.95 -1.42 2.72
N SER A 7 -24.16 -1.30 2.21
CA SER A 7 -24.37 -1.10 0.78
C SER A 7 -23.72 0.21 0.33
N GLU A 8 -23.69 1.19 1.22
CA GLU A 8 -23.10 2.48 0.90
C GLU A 8 -21.64 2.33 0.51
N LEU A 9 -21.11 1.11 0.68
CA LEU A 9 -19.72 0.85 0.34
C LEU A 9 -19.60 0.33 -1.09
N ARG A 10 -19.05 1.15 -1.97
CA ARG A 10 -18.89 0.77 -3.37
C ARG A 10 -18.11 1.83 -4.13
N ASP A 11 -17.96 3.00 -3.52
CA ASP A 11 -17.25 4.10 -4.15
C ASP A 11 -15.78 3.72 -4.39
N ARG A 12 -15.01 4.66 -4.94
CA ARG A 12 -13.61 4.41 -5.23
C ARG A 12 -12.88 3.96 -3.96
N GLN A 13 -13.30 4.49 -2.82
CA GLN A 13 -12.68 4.16 -1.55
C GLN A 13 -13.01 2.72 -1.15
N ALA A 14 -14.21 2.27 -1.51
CA ALA A 14 -14.64 0.92 -1.19
C ALA A 14 -13.66 -0.12 -1.74
N ILE A 15 -13.42 -0.05 -3.04
CA ILE A 15 -12.51 -0.98 -3.70
C ILE A 15 -11.12 -0.91 -3.08
N PHE A 16 -10.77 0.27 -2.57
CA PHE A 16 -9.46 0.47 -1.97
C PHE A 16 -9.43 -0.09 -0.55
N GLU A 17 -10.44 0.27 0.25
CA GLU A 17 -10.53 -0.21 1.62
C GLU A 17 -10.53 -1.74 1.66
N THR A 18 -10.98 -2.35 0.57
CA THR A 18 -11.04 -3.81 0.50
C THR A 18 -9.64 -4.40 0.41
N LEU A 19 -8.91 -4.03 -0.65
CA LEU A 19 -7.55 -4.55 -0.84
C LEU A 19 -6.82 -4.65 0.49
N VAL A 20 -6.75 -3.54 1.21
CA VAL A 20 -6.08 -3.52 2.50
C VAL A 20 -6.75 -4.47 3.48
N ALA A 21 -8.07 -4.58 3.38
CA ALA A 21 -8.83 -5.47 4.25
C ALA A 21 -8.35 -6.91 4.08
N LYS A 22 -8.22 -7.34 2.83
CA LYS A 22 -7.74 -8.69 2.55
C LYS A 22 -6.27 -8.83 2.94
N GLY A 23 -5.46 -7.84 2.55
CA GLY A 23 -4.04 -7.85 2.89
C GLY A 23 -3.84 -8.18 4.36
N ARG A 24 -4.58 -7.51 5.23
CA ARG A 24 -4.48 -7.74 6.66
C ARG A 24 -4.72 -9.22 6.99
N GLU A 25 -5.74 -9.80 6.36
CA GLU A 25 -6.08 -11.19 6.60
C GLU A 25 -5.11 -12.11 5.87
N LEU A 26 -4.73 -11.72 4.65
CA LEU A 26 -3.82 -12.52 3.85
C LEU A 26 -2.44 -12.58 4.49
N LEU A 27 -1.83 -11.41 4.68
CA LEU A 27 -0.51 -11.34 5.30
C LEU A 27 -0.61 -11.67 6.79
N ALA A 28 -1.78 -11.40 7.37
CA ALA A 28 -1.96 -11.59 8.81
C ALA A 28 -0.99 -10.70 9.58
N CYS A 29 -0.82 -9.47 9.13
CA CYS A 29 0.11 -8.55 9.78
C CYS A 29 -0.62 -7.69 10.82
N ASP A 30 0.01 -7.49 11.96
CA ASP A 30 -0.57 -6.66 13.00
C ASP A 30 -1.07 -5.34 12.44
N ARG A 31 -0.37 -4.84 11.42
CA ARG A 31 -0.74 -3.56 10.81
C ARG A 31 -0.42 -3.58 9.31
N VAL A 32 -1.27 -2.91 8.53
CA VAL A 32 -1.06 -2.81 7.10
C VAL A 32 -1.65 -1.52 6.56
N ILE A 33 -0.99 -0.93 5.56
CA ILE A 33 -1.44 0.33 4.99
C ILE A 33 -1.20 0.38 3.49
N VAL A 34 -2.01 1.16 2.79
CA VAL A 34 -1.84 1.33 1.35
C VAL A 34 -1.44 2.77 1.03
N TYR A 35 -0.44 2.91 0.17
CA TYR A 35 0.07 4.24 -0.17
C TYR A 35 0.42 4.32 -1.66
N ALA A 36 0.15 5.47 -2.26
CA ALA A 36 0.47 5.68 -3.66
C ALA A 36 1.08 7.07 -3.86
N PHE A 37 1.71 7.27 -5.00
CA PHE A 37 2.35 8.56 -5.29
C PHE A 37 1.46 9.39 -6.21
N ASP A 38 0.81 10.39 -5.64
CA ASP A 38 -0.06 11.28 -6.41
C ASP A 38 0.78 12.21 -7.30
N ASP A 39 0.18 13.31 -7.72
CA ASP A 39 0.88 14.27 -8.57
C ASP A 39 1.54 15.35 -7.73
N ASN A 40 1.64 15.11 -6.42
CA ASN A 40 2.23 16.08 -5.52
C ASN A 40 3.37 15.45 -4.72
N TYR A 41 4.02 14.46 -5.32
CA TYR A 41 5.14 13.79 -4.66
C TYR A 41 4.77 13.44 -3.21
N VAL A 42 3.48 13.49 -2.91
CA VAL A 42 3.01 13.16 -1.57
C VAL A 42 2.28 11.82 -1.57
N GLY A 43 2.61 10.97 -0.60
CA GLY A 43 1.97 9.66 -0.50
C GLY A 43 0.49 9.79 -0.19
N THR A 44 -0.34 9.70 -1.22
CA THR A 44 -1.78 9.80 -1.05
C THR A 44 -2.28 8.75 -0.07
N VAL A 45 -3.08 9.19 0.91
CA VAL A 45 -3.61 8.28 1.92
C VAL A 45 -4.78 7.48 1.36
N VAL A 46 -4.48 6.44 0.59
CA VAL A 46 -5.51 5.59 0.03
C VAL A 46 -6.37 4.97 1.13
N ALA A 47 -5.76 4.10 1.92
CA ALA A 47 -6.46 3.45 3.02
C ALA A 47 -5.49 3.10 4.15
N GLU A 48 -5.94 3.27 5.38
CA GLU A 48 -5.11 2.95 6.53
C GLU A 48 -5.83 1.99 7.47
N SER A 49 -5.14 0.93 7.88
CA SER A 49 -5.73 -0.06 8.76
C SER A 49 -4.76 -0.43 9.88
N VAL A 50 -5.15 -0.16 11.12
CA VAL A 50 -4.31 -0.47 12.27
C VAL A 50 -5.05 -1.38 13.25
N ALA A 51 -4.43 -2.50 13.60
CA ALA A 51 -5.03 -3.44 14.53
C ALA A 51 -5.34 -2.76 15.85
N GLU A 52 -6.10 -3.44 16.70
CA GLU A 52 -6.48 -2.88 18.00
C GLU A 52 -5.25 -2.60 18.84
N GLY A 53 -5.29 -1.52 19.60
CA GLY A 53 -4.18 -1.15 20.48
C GLY A 53 -3.32 -0.08 19.85
N TRP A 54 -3.25 -0.08 18.53
CA TRP A 54 -2.47 0.93 17.81
C TRP A 54 -3.39 2.03 17.27
N PRO A 55 -2.90 3.24 17.22
CA PRO A 55 -3.68 4.41 16.73
C PRO A 55 -3.75 4.46 15.20
N GLN A 56 -4.62 5.32 14.69
CA GLN A 56 -4.77 5.47 13.25
C GLN A 56 -3.66 6.33 12.67
N ALA A 57 -2.86 5.75 11.80
CA ALA A 57 -1.75 6.47 11.18
C ALA A 57 -2.27 7.41 10.10
N ARG A 58 -3.54 7.26 9.74
CA ARG A 58 -4.14 8.08 8.70
C ARG A 58 -3.96 9.57 9.03
N ASP A 59 -3.94 9.89 10.31
CA ASP A 59 -3.79 11.28 10.74
C ASP A 59 -2.39 11.78 10.42
N GLN A 60 -1.50 10.86 10.06
CA GLN A 60 -0.12 11.24 9.72
C GLN A 60 0.09 11.17 8.22
N VAL A 61 0.38 12.32 7.61
CA VAL A 61 0.62 12.37 6.17
C VAL A 61 2.10 12.15 5.87
N ILE A 62 2.43 10.95 5.40
CA ILE A 62 3.80 10.61 5.07
C ILE A 62 4.39 11.67 4.13
N GLU A 63 5.42 12.37 4.61
CA GLU A 63 6.05 13.42 3.82
C GLU A 63 7.00 12.81 2.78
N ASP A 64 7.49 11.62 3.08
CA ASP A 64 8.41 10.93 2.17
C ASP A 64 7.75 10.71 0.81
N PRO A 65 8.36 11.23 -0.24
CA PRO A 65 7.83 11.10 -1.62
C PRO A 65 8.15 9.73 -2.23
N CYS A 66 9.35 9.24 -1.98
CA CYS A 66 9.77 7.95 -2.52
C CYS A 66 9.95 8.03 -4.03
N PHE A 67 9.09 8.82 -4.67
CA PHE A 67 9.16 8.98 -6.13
C PHE A 67 10.54 9.47 -6.55
N ARG A 68 11.11 10.37 -5.75
CA ARG A 68 12.43 10.92 -6.06
C ARG A 68 13.40 9.79 -6.40
N GLU A 69 14.62 10.16 -6.77
CA GLU A 69 15.64 9.17 -7.13
C GLU A 69 15.14 8.28 -8.25
N HIS A 70 15.86 7.18 -8.49
CA HIS A 70 15.49 6.24 -9.55
C HIS A 70 14.72 5.06 -8.96
N TRP A 71 14.41 5.14 -7.67
CA TRP A 71 13.69 4.06 -7.00
C TRP A 71 12.41 3.73 -7.77
N VAL A 72 11.82 4.74 -8.40
CA VAL A 72 10.61 4.53 -9.17
C VAL A 72 10.82 3.47 -10.24
N GLU A 73 11.99 3.50 -10.88
CA GLU A 73 12.31 2.52 -11.92
C GLU A 73 12.37 1.11 -11.32
N ALA A 74 12.80 1.02 -10.07
CA ALA A 74 12.89 -0.27 -9.40
C ALA A 74 11.56 -0.99 -9.42
N TYR A 75 10.49 -0.26 -9.11
CA TYR A 75 9.15 -0.84 -9.11
C TYR A 75 8.61 -0.93 -10.54
N ARG A 76 9.11 -0.06 -11.41
CA ARG A 76 8.66 -0.05 -12.80
C ARG A 76 8.99 -1.37 -13.48
N GLN A 77 9.90 -2.13 -12.88
CA GLN A 77 10.32 -3.41 -13.46
C GLN A 77 9.72 -4.57 -12.66
N GLY A 78 9.01 -4.24 -11.59
CA GLY A 78 8.38 -5.26 -10.76
C GLY A 78 9.37 -5.81 -9.74
N ARG A 79 10.21 -4.93 -9.20
CA ARG A 79 11.20 -5.35 -8.21
C ARG A 79 10.54 -5.63 -6.87
N ILE A 80 11.08 -6.59 -6.13
CA ILE A 80 10.54 -6.93 -4.82
C ILE A 80 11.46 -6.44 -3.71
N GLN A 81 10.90 -5.64 -2.81
CA GLN A 81 11.69 -5.08 -1.71
C GLN A 81 11.23 -5.67 -0.38
N ALA A 82 12.13 -6.36 0.30
CA ALA A 82 11.81 -6.93 1.61
C ALA A 82 12.87 -6.53 2.64
N THR A 83 12.53 -5.54 3.46
CA THR A 83 13.46 -5.05 4.47
C THR A 83 12.97 -5.43 5.87
N THR A 84 13.63 -6.42 6.46
CA THR A 84 13.28 -6.86 7.80
C THR A 84 13.24 -5.68 8.76
N ASP A 85 13.92 -4.61 8.39
CA ASP A 85 13.98 -3.42 9.23
C ASP A 85 14.56 -2.24 8.46
N ILE A 86 13.76 -1.19 8.30
CA ILE A 86 14.22 0.01 7.61
C ILE A 86 15.24 0.75 8.45
N PHE A 87 15.53 0.23 9.64
CA PHE A 87 16.46 0.88 10.56
C PHE A 87 17.88 0.78 10.01
N LYS A 88 18.16 -0.28 9.26
CA LYS A 88 19.48 -0.48 8.68
C LYS A 88 19.54 0.07 7.26
N ALA A 89 18.74 1.10 7.00
CA ALA A 89 18.67 1.68 5.66
C ALA A 89 18.83 3.19 5.73
N GLY A 90 19.55 3.76 4.77
CA GLY A 90 19.72 5.21 4.70
C GLY A 90 19.95 5.79 6.08
N LEU A 91 20.80 5.14 6.86
CA LEU A 91 21.14 5.63 8.19
C LEU A 91 21.36 7.14 8.17
N THR A 92 21.23 7.78 9.33
CA THR A 92 21.45 9.21 9.43
C THR A 92 20.37 9.98 8.67
N GLU A 93 20.06 9.52 7.47
CA GLU A 93 19.05 10.18 6.65
C GLU A 93 17.67 10.07 7.30
N CYS A 94 16.76 10.93 6.90
CA CYS A 94 15.41 10.92 7.44
C CYS A 94 14.73 9.58 7.16
N HIS A 95 14.22 8.95 8.21
CA HIS A 95 13.58 7.65 8.06
C HIS A 95 12.91 7.23 9.38
N LEU A 96 13.71 6.72 10.31
CA LEU A 96 13.19 6.33 11.61
C LEU A 96 12.32 7.43 12.20
N ASN A 97 12.66 8.69 11.89
CA ASN A 97 11.93 9.82 12.43
C ASN A 97 10.45 9.74 12.05
N GLN A 98 10.19 9.36 10.81
CA GLN A 98 8.81 9.30 10.32
C GLN A 98 8.29 7.87 10.38
N LEU A 99 9.18 6.92 10.67
CA LEU A 99 8.81 5.52 10.73
C LEU A 99 8.76 5.03 12.17
N ARG A 100 9.51 5.69 13.04
CA ARG A 100 9.56 5.29 14.44
C ARG A 100 8.22 5.51 15.12
N PRO A 101 7.57 6.60 14.79
CA PRO A 101 6.25 6.97 15.37
C PRO A 101 5.18 5.91 15.09
N LEU A 102 5.13 5.45 13.85
CA LEU A 102 4.13 4.46 13.45
C LEU A 102 4.45 3.11 14.07
N LYS A 103 5.62 3.00 14.70
CA LYS A 103 6.01 1.76 15.36
C LYS A 103 6.20 0.64 14.34
N VAL A 104 6.52 1.03 13.10
CA VAL A 104 6.74 0.05 12.04
C VAL A 104 8.10 -0.62 12.20
N ARG A 105 8.09 -1.89 12.58
CA ARG A 105 9.33 -2.63 12.78
C ARG A 105 9.61 -3.53 11.57
N ALA A 106 8.59 -3.72 10.74
CA ALA A 106 8.73 -4.55 9.56
C ALA A 106 8.27 -3.79 8.31
N ASN A 107 9.03 -3.91 7.23
CA ASN A 107 8.67 -3.22 5.99
C ASN A 107 8.64 -4.18 4.81
N LEU A 108 7.47 -4.33 4.22
CA LEU A 108 7.30 -5.20 3.05
C LEU A 108 6.56 -4.45 1.95
N VAL A 109 7.14 -4.45 0.74
CA VAL A 109 6.54 -3.74 -0.37
C VAL A 109 6.45 -4.61 -1.61
N VAL A 110 5.42 -4.38 -2.41
CA VAL A 110 5.22 -5.14 -3.65
C VAL A 110 4.74 -4.21 -4.75
N PRO A 111 5.34 -4.28 -5.90
CA PRO A 111 5.03 -3.37 -7.04
C PRO A 111 3.68 -3.68 -7.69
N MET A 112 2.92 -2.62 -8.00
CA MET A 112 1.65 -2.78 -8.70
C MET A 112 1.60 -1.87 -9.91
N VAL A 113 1.45 -2.46 -11.08
CA VAL A 113 1.47 -1.70 -12.32
C VAL A 113 0.21 -1.92 -13.14
N ILE A 114 -0.13 -0.94 -13.97
CA ILE A 114 -1.32 -1.04 -14.82
C ILE A 114 -0.97 -0.61 -16.24
N ASP A 115 -1.32 -1.45 -17.21
CA ASP A 115 -1.01 -1.14 -18.61
C ASP A 115 0.41 -0.63 -18.74
N ASP A 116 1.36 -1.35 -18.14
CA ASP A 116 2.76 -0.96 -18.20
C ASP A 116 2.95 0.41 -17.55
N GLN A 117 2.29 0.63 -16.43
CA GLN A 117 2.40 1.90 -15.71
C GLN A 117 2.26 1.69 -14.21
N LEU A 118 3.17 2.28 -13.44
CA LEU A 118 3.13 2.15 -12.00
C LEU A 118 1.99 2.98 -11.41
N PHE A 119 1.18 2.34 -10.56
CA PHE A 119 0.03 3.01 -9.95
C PHE A 119 0.28 3.24 -8.47
N GLY A 120 0.66 2.17 -7.77
CA GLY A 120 0.89 2.26 -6.33
C GLY A 120 1.51 0.97 -5.80
N LEU A 121 1.75 0.93 -4.50
CA LEU A 121 2.35 -0.25 -3.88
C LEU A 121 1.67 -0.55 -2.55
N LEU A 122 1.47 -1.84 -2.28
CA LEU A 122 0.86 -2.27 -1.03
C LEU A 122 1.93 -2.58 0.01
N ILE A 123 1.85 -1.94 1.16
CA ILE A 123 2.87 -2.13 2.21
C ILE A 123 2.24 -2.69 3.47
N ALA A 124 2.94 -3.63 4.10
CA ALA A 124 2.46 -4.24 5.34
C ALA A 124 3.52 -4.12 6.43
N HIS A 125 3.18 -3.41 7.50
CA HIS A 125 4.12 -3.22 8.61
C HIS A 125 3.64 -3.97 9.86
N GLN A 126 4.54 -4.76 10.43
CA GLN A 126 4.25 -5.42 11.70
C GLN A 126 4.66 -4.55 12.88
N ALA A 127 3.68 -4.17 13.70
CA ALA A 127 3.94 -3.27 14.82
C ALA A 127 4.28 -4.07 16.07
N SER A 128 4.19 -5.40 15.97
CA SER A 128 4.46 -6.26 17.11
C SER A 128 5.89 -6.78 17.07
N GLU A 129 6.42 -6.94 15.86
CA GLU A 129 7.78 -7.46 15.69
C GLU A 129 8.07 -7.69 14.21
N PRO A 130 9.30 -7.54 13.83
CA PRO A 130 9.74 -7.77 12.42
C PRO A 130 9.68 -9.24 12.02
N ARG A 131 8.95 -9.53 10.95
CA ARG A 131 8.76 -10.91 10.51
C ARG A 131 9.34 -11.12 9.12
N GLN A 132 9.97 -12.27 8.91
CA GLN A 132 10.50 -12.60 7.59
C GLN A 132 9.39 -13.09 6.68
N TRP A 133 9.19 -12.38 5.58
CA TRP A 133 8.11 -12.72 4.64
C TRP A 133 8.34 -14.11 4.07
N GLN A 134 7.25 -14.84 3.87
CA GLN A 134 7.34 -16.16 3.25
C GLN A 134 7.26 -16.07 1.74
N GLU A 135 8.04 -16.92 1.07
CA GLU A 135 8.07 -16.92 -0.39
C GLU A 135 6.65 -16.95 -0.95
N ILE A 136 5.79 -17.73 -0.32
CA ILE A 136 4.40 -17.84 -0.76
C ILE A 136 3.62 -16.59 -0.38
N GLU A 137 3.97 -16.01 0.76
CA GLU A 137 3.27 -14.81 1.24
C GLU A 137 3.53 -13.63 0.31
N ILE A 138 4.74 -13.54 -0.21
CA ILE A 138 5.10 -12.46 -1.13
C ILE A 138 4.35 -12.60 -2.45
N ASP A 139 4.36 -13.82 -3.00
CA ASP A 139 3.67 -14.08 -4.26
C ASP A 139 2.16 -13.87 -4.10
N GLN A 140 1.59 -14.48 -3.06
CA GLN A 140 0.16 -14.36 -2.82
C GLN A 140 -0.22 -12.91 -2.58
N PHE A 141 0.57 -12.22 -1.77
CA PHE A 141 0.31 -10.81 -1.46
C PHE A 141 0.46 -9.96 -2.71
N SER A 142 1.51 -10.21 -3.48
CA SER A 142 1.74 -9.48 -4.72
C SER A 142 0.57 -9.68 -5.67
N GLU A 143 0.00 -10.88 -5.67
CA GLU A 143 -1.16 -11.17 -6.51
C GLU A 143 -2.32 -10.26 -6.15
N LEU A 144 -2.50 -10.00 -4.85
CA LEU A 144 -3.56 -9.12 -4.38
C LEU A 144 -3.42 -7.74 -5.01
N ALA A 145 -2.19 -7.23 -5.02
CA ALA A 145 -1.93 -5.91 -5.61
C ALA A 145 -2.21 -5.92 -7.11
N SER A 146 -1.72 -6.97 -7.79
CA SER A 146 -1.94 -7.09 -9.22
C SER A 146 -3.43 -7.09 -9.55
N THR A 147 -4.23 -7.59 -8.62
CA THR A 147 -5.67 -7.66 -8.82
C THR A 147 -6.25 -6.25 -8.99
N GLY A 148 -5.81 -5.33 -8.12
CA GLY A 148 -6.27 -3.95 -8.20
C GLY A 148 -6.16 -3.41 -9.62
N SER A 149 -5.06 -3.77 -10.29
CA SER A 149 -4.84 -3.34 -11.67
C SER A 149 -6.03 -3.74 -12.55
N LEU A 150 -6.54 -4.95 -12.33
CA LEU A 150 -7.68 -5.44 -13.08
C LEU A 150 -8.85 -4.47 -12.99
N VAL A 151 -9.17 -4.05 -11.76
CA VAL A 151 -10.28 -3.14 -11.54
C VAL A 151 -9.93 -1.74 -12.01
N LEU A 152 -8.85 -1.19 -11.45
CA LEU A 152 -8.43 0.16 -11.80
C LEU A 152 -8.36 0.32 -13.32
N GLU A 153 -7.72 -0.64 -13.98
CA GLU A 153 -7.57 -0.59 -15.43
C GLU A 153 -8.90 -0.26 -16.10
N ARG A 154 -9.83 -1.20 -16.05
CA ARG A 154 -11.14 -1.00 -16.67
C ARG A 154 -11.92 0.09 -15.95
N LEU A 155 -11.93 0.02 -14.62
CA LEU A 155 -12.65 1.01 -13.82
C LEU A 155 -12.19 2.42 -14.16
N HIS A 156 -10.90 2.68 -13.96
CA HIS A 156 -10.34 4.00 -14.24
C HIS A 156 -10.76 4.48 -15.62
N PHE A 157 -10.97 3.55 -16.54
CA PHE A 157 -11.37 3.89 -17.90
C PHE A 157 -12.84 4.28 -17.95
N LEU A 158 -13.69 3.43 -17.38
CA LEU A 158 -15.12 3.68 -17.37
C LEU A 158 -15.44 4.97 -16.62
N GLU A 159 -14.78 5.18 -15.49
CA GLU A 159 -15.00 6.37 -14.69
C GLU A 159 -14.65 7.62 -15.49
N GLN A 160 -13.48 7.61 -16.12
CA GLN A 160 -13.03 8.76 -16.90
C GLN A 160 -13.87 8.88 -18.17
N THR A 161 -14.08 7.77 -18.86
CA THR A 161 -14.84 7.78 -20.10
C THR A 161 -16.25 8.33 -19.85
N ILE A 162 -16.80 8.04 -18.69
CA ILE A 162 -18.14 8.50 -18.35
C ILE A 162 -18.23 10.02 -18.44
N ALA A 163 -17.21 10.70 -17.91
CA ALA A 163 -17.19 12.15 -17.93
C ALA A 163 -17.12 12.66 -19.37
N SER A 164 -16.54 11.85 -20.26
CA SER A 164 -16.42 12.24 -21.65
C SER A 164 -17.79 12.21 -22.34
N LEU A 165 -18.78 11.67 -21.64
CA LEU A 165 -20.14 11.60 -22.18
C LEU A 165 -20.88 12.91 -21.94
C31 PVN B . 13.95 11.13 4.06
C32 PVN B . 12.50 11.35 4.50
C3 PVN B . 14.19 11.40 2.54
C2 PVN B . 14.33 12.65 1.92
C21 PVN B . 14.26 14.03 2.59
C1 PVN B . 14.53 12.48 0.56
O1 PVN B . 14.66 13.38 -0.26
N1 PVN B . 14.56 11.21 0.24
C4 PVN B . 14.34 10.35 1.41
C5 PVN B . 13.12 9.46 1.09
C6 PVN B . 13.39 7.92 1.00
C7 PVN B . 14.15 7.36 -0.01
C41 PVN B . 14.79 8.21 -1.14
N2 PVN B . 12.99 6.90 1.79
C9 PVN B . 13.45 5.70 1.35
C8 PVN B . 14.21 5.98 0.18
C51 PVN B . 14.99 5.01 -0.78
C52 PVN B . 16.51 4.83 -0.58
C53 PVN B . 16.98 3.95 0.61
O54 PVN B . 17.89 4.39 1.35
O55 PVN B . 16.43 2.84 0.77
C10 PVN B . 13.32 4.36 1.81
C11 PVN B . 12.05 3.68 1.74
C12 PVN B . 11.73 2.41 2.21
C61 PVN B . 12.75 1.46 2.93
C62 PVN B . 12.89 -0.01 2.55
C63 PVN B . 13.70 -0.19 1.26
O64 PVN B . 14.72 -0.90 1.31
O65 PVN B . 13.26 0.38 0.23
N3 PVN B . 10.90 4.15 1.20
C14 PVN B . 9.86 3.29 1.28
C13 PVN B . 10.37 2.17 1.92
C71 PVN B . 9.56 0.89 2.24
C15 PVN B . 8.53 3.51 0.79
C16 PVN B . 7.73 4.54 1.34
C17 PVN B . 6.93 4.22 2.46
C81 PVN B . 6.83 2.85 3.16
N4 PVN B . 7.46 5.85 1.12
C19 PVN B . 6.57 6.31 2.01
O19 PVN B . 6.15 7.47 2.04
C18 PVN B . 6.18 5.32 2.90
C91 PVN B . 5.20 5.33 4.09
C92 PVN B . 5.73 4.99 5.49
H321 PVN B . 12.40 12.22 4.94
H322 PVN B . 11.91 11.34 3.68
HC4 PVN B . 15.14 9.67 1.72
H211 PVN B . 15.14 14.24 3.02
H212 PVN B . 14.06 14.73 1.90
H213 PVN B . 13.52 14.05 3.26
HN1 PVN B . 14.71 10.78 -0.67
H5C1 PVN B . 12.39 9.60 1.90
H5C2 PVN B . 12.67 9.79 0.15
HN2 PVN B . 12.42 7.02 2.61
H411 PVN B . 15.72 7.91 -1.30
H412 PVN B . 14.26 8.09 -1.98
H413 PVN B . 14.79 9.18 -0.87
H101 PVN B . 14.18 3.84 2.23
H511 PVN B . 14.88 5.39 -1.70
H512 PVN B . 14.55 4.11 -0.72
H521 PVN B . 16.88 4.42 -1.42
H522 PVN B . 16.91 5.73 -0.45
H611 PVN B . 12.47 1.47 3.89
H612 PVN B . 13.65 1.88 2.82
H621 PVN B . 11.98 -0.41 2.43
H622 PVN B . 13.36 -0.49 3.30
H151 PVN B . 8.17 2.92 0.07
H711 PVN B . 10.01 0.41 3.00
H712 PVN B . 8.64 1.13 2.51
H713 PVN B . 9.54 0.29 1.46
HN4 PVN B . 7.85 6.43 0.39
H811 PVN B . 6.05 2.34 2.80
H812 PVN B . 7.67 2.32 2.97
H813 PVN B . 6.74 2.98 4.15
H911 PVN B . 4.81 6.25 4.13
H912 PVN B . 4.47 4.67 3.88
H921 PVN B . 5.77 5.81 6.05
H922 PVN B . 5.10 4.34 5.93
H923 PVN B . 6.64 4.59 5.43
H323 PVN B . 12.21 10.61 5.12
HXT PVN B . 14.15 10.06 4.20
N MET A 1 -24.90 -1.99 9.36
CA MET A 1 -24.19 -1.74 8.07
C MET A 1 -24.34 -2.94 7.16
N ALA A 2 -24.48 -4.12 7.77
CA ALA A 2 -24.64 -5.35 6.99
C ALA A 2 -25.91 -5.29 6.15
N ALA A 3 -26.93 -4.61 6.66
CA ALA A 3 -28.20 -4.49 5.95
C ALA A 3 -28.05 -3.58 4.74
N VAL A 4 -28.50 -4.05 3.59
CA VAL A 4 -28.42 -3.26 2.36
C VAL A 4 -27.03 -2.64 2.22
N GLN A 5 -26.98 -1.50 1.55
CA GLN A 5 -25.70 -0.81 1.35
C GLN A 5 -24.79 -1.62 0.43
N LEU A 6 -24.72 -2.93 0.68
CA LEU A 6 -23.87 -3.80 -0.12
C LEU A 6 -24.21 -3.66 -1.60
N SER A 7 -25.49 -3.67 -1.92
CA SER A 7 -25.93 -3.54 -3.31
C SER A 7 -25.54 -2.18 -3.87
N GLU A 8 -25.71 -1.13 -3.06
CA GLU A 8 -25.38 0.22 -3.48
C GLU A 8 -23.89 0.48 -3.29
N LEU A 9 -23.12 -0.58 -3.04
CA LEU A 9 -21.69 -0.45 -2.84
C LEU A 9 -21.00 -0.07 -4.15
N ARG A 10 -20.52 1.18 -4.22
CA ARG A 10 -19.84 1.66 -5.41
C ARG A 10 -18.80 2.72 -5.05
N ASP A 11 -18.58 2.89 -3.75
CA ASP A 11 -17.62 3.89 -3.29
C ASP A 11 -16.19 3.47 -3.67
N ARG A 12 -15.42 4.45 -4.14
CA ARG A 12 -14.04 4.18 -4.54
C ARG A 12 -13.22 3.67 -3.35
N GLN A 13 -13.56 4.17 -2.16
CA GLN A 13 -12.84 3.77 -0.95
C GLN A 13 -13.15 2.31 -0.60
N ALA A 14 -14.38 1.90 -0.89
CA ALA A 14 -14.80 0.53 -0.59
C ALA A 14 -13.87 -0.48 -1.23
N ILE A 15 -13.71 -0.38 -2.55
CA ILE A 15 -12.85 -1.30 -3.28
C ILE A 15 -11.42 -1.26 -2.75
N PHE A 16 -11.00 -0.08 -2.28
CA PHE A 16 -9.65 0.08 -1.76
C PHE A 16 -9.56 -0.46 -0.34
N GLU A 17 -10.49 -0.05 0.52
CA GLU A 17 -10.50 -0.51 1.90
C GLU A 17 -10.54 -2.04 1.96
N THR A 18 -11.06 -2.65 0.90
CA THR A 18 -11.16 -4.10 0.84
C THR A 18 -9.79 -4.73 0.69
N LEU A 19 -9.10 -4.39 -0.40
CA LEU A 19 -7.77 -4.94 -0.66
C LEU A 19 -6.97 -5.04 0.64
N VAL A 20 -6.79 -3.91 1.32
CA VAL A 20 -6.05 -3.89 2.57
C VAL A 20 -6.68 -4.85 3.58
N ALA A 21 -8.00 -4.92 3.58
CA ALA A 21 -8.71 -5.81 4.49
C ALA A 21 -8.23 -7.25 4.33
N LYS A 22 -8.06 -7.67 3.08
CA LYS A 22 -7.56 -9.02 2.81
C LYS A 22 -6.07 -9.11 3.12
N GLY A 23 -5.35 -8.05 2.82
CA GLY A 23 -3.90 -8.03 3.05
C GLY A 23 -3.57 -8.44 4.49
N ARG A 24 -4.21 -7.77 5.45
CA ARG A 24 -3.97 -8.07 6.85
C ARG A 24 -4.32 -9.51 7.17
N GLU A 25 -5.42 -10.00 6.60
CA GLU A 25 -5.85 -11.37 6.83
C GLU A 25 -4.97 -12.35 6.06
N LEU A 26 -4.58 -11.96 4.85
CA LEU A 26 -3.72 -12.81 4.03
C LEU A 26 -2.32 -12.91 4.64
N LEU A 27 -1.68 -11.75 4.83
CA LEU A 27 -0.35 -11.72 5.41
C LEU A 27 -0.40 -12.08 6.89
N ALA A 28 -1.56 -11.86 7.51
CA ALA A 28 -1.70 -12.10 8.94
C ALA A 28 -0.71 -11.24 9.73
N CYS A 29 -0.60 -9.97 9.34
CA CYS A 29 0.30 -9.06 10.03
C CYS A 29 -0.41 -8.33 11.16
N ASP A 30 0.14 -7.19 11.57
CA ASP A 30 -0.44 -6.43 12.67
C ASP A 30 -0.96 -5.08 12.16
N ARG A 31 -0.36 -4.58 11.09
CA ARG A 31 -0.78 -3.30 10.52
C ARG A 31 -0.51 -3.26 9.02
N VAL A 32 -1.36 -2.55 8.30
CA VAL A 32 -1.20 -2.42 6.85
C VAL A 32 -1.72 -1.06 6.39
N ILE A 33 -1.02 -0.47 5.42
CA ILE A 33 -1.41 0.84 4.91
C ILE A 33 -1.31 0.88 3.38
N VAL A 34 -2.26 1.56 2.75
CA VAL A 34 -2.26 1.69 1.29
C VAL A 34 -1.85 3.09 0.88
N TYR A 35 -0.88 3.17 -0.03
CA TYR A 35 -0.38 4.47 -0.47
C TYR A 35 0.02 4.42 -1.94
N ALA A 36 -0.17 5.54 -2.64
CA ALA A 36 0.20 5.63 -4.04
C ALA A 36 0.87 6.97 -4.33
N PHE A 37 1.49 7.07 -5.50
CA PHE A 37 2.19 8.30 -5.87
C PHE A 37 1.28 9.19 -6.73
N ASP A 38 0.69 10.19 -6.10
CA ASP A 38 -0.17 11.13 -6.83
C ASP A 38 0.67 12.06 -7.70
N ASP A 39 0.08 13.20 -8.07
CA ASP A 39 0.78 14.17 -8.91
C ASP A 39 1.50 15.20 -8.04
N ASN A 40 1.63 14.91 -6.76
CA ASN A 40 2.28 15.82 -5.83
C ASN A 40 3.40 15.13 -5.08
N TYR A 41 3.99 14.13 -5.70
CA TYR A 41 5.08 13.38 -5.08
C TYR A 41 4.74 13.03 -3.64
N VAL A 42 3.46 13.09 -3.31
CA VAL A 42 3.00 12.76 -1.96
C VAL A 42 2.26 11.42 -1.96
N GLY A 43 2.47 10.64 -0.92
CA GLY A 43 1.81 9.34 -0.80
C GLY A 43 0.33 9.50 -0.50
N THR A 44 -0.47 9.66 -1.55
CA THR A 44 -1.91 9.82 -1.39
C THR A 44 -2.46 8.78 -0.41
N VAL A 45 -3.38 9.21 0.45
CA VAL A 45 -3.96 8.33 1.45
C VAL A 45 -5.14 7.56 0.86
N VAL A 46 -4.86 6.38 0.32
CA VAL A 46 -5.91 5.54 -0.25
C VAL A 46 -6.72 4.88 0.86
N ALA A 47 -6.08 3.95 1.58
CA ALA A 47 -6.75 3.26 2.68
C ALA A 47 -5.73 2.85 3.73
N GLU A 48 -6.12 2.96 5.00
CA GLU A 48 -5.24 2.57 6.10
C GLU A 48 -5.95 1.63 7.06
N SER A 49 -5.26 0.58 7.47
CA SER A 49 -5.84 -0.40 8.40
C SER A 49 -4.85 -0.72 9.51
N VAL A 50 -5.22 -0.36 10.74
CA VAL A 50 -4.36 -0.63 11.88
C VAL A 50 -5.08 -1.46 12.93
N ALA A 51 -4.47 -2.57 13.33
CA ALA A 51 -5.07 -3.45 14.33
C ALA A 51 -5.34 -2.67 15.62
N GLU A 52 -6.13 -3.27 16.51
CA GLU A 52 -6.48 -2.63 17.77
C GLU A 52 -5.23 -2.35 18.59
N GLY A 53 -5.23 -1.24 19.31
CA GLY A 53 -4.11 -0.88 20.18
C GLY A 53 -3.21 0.14 19.50
N TRP A 54 -3.14 0.09 18.18
CA TRP A 54 -2.31 1.03 17.43
C TRP A 54 -3.16 2.18 16.91
N PRO A 55 -2.63 3.37 16.93
CA PRO A 55 -3.35 4.60 16.46
C PRO A 55 -3.43 4.67 14.94
N GLN A 56 -4.26 5.57 14.44
CA GLN A 56 -4.43 5.73 13.00
C GLN A 56 -3.35 6.64 12.43
N ALA A 57 -2.60 6.13 11.45
CA ALA A 57 -1.53 6.91 10.84
C ALA A 57 -2.10 7.97 9.90
N ARG A 58 -3.40 7.89 9.65
CA ARG A 58 -4.06 8.84 8.76
C ARG A 58 -3.69 10.28 9.14
N ASP A 59 -3.52 10.51 10.44
CA ASP A 59 -3.16 11.84 10.93
C ASP A 59 -1.77 12.23 10.43
N GLN A 60 -0.99 11.24 10.03
CA GLN A 60 0.35 11.49 9.52
C GLN A 60 0.41 11.27 8.01
N VAL A 61 0.66 12.34 7.27
CA VAL A 61 0.73 12.25 5.81
C VAL A 61 2.17 12.01 5.37
N ILE A 62 2.43 10.84 4.81
CA ILE A 62 3.76 10.50 4.33
C ILE A 62 4.37 11.67 3.55
N GLU A 63 5.29 12.38 4.18
CA GLU A 63 5.93 13.53 3.54
C GLU A 63 7.02 13.06 2.59
N ASP A 64 7.66 11.94 2.93
CA ASP A 64 8.74 11.40 2.11
C ASP A 64 8.25 11.12 0.69
N PRO A 65 8.71 11.89 -0.25
CA PRO A 65 8.32 11.73 -1.69
C PRO A 65 9.18 10.70 -2.40
N CYS A 66 10.50 10.81 -2.24
CA CYS A 66 11.42 9.88 -2.88
C CYS A 66 11.02 9.63 -4.33
N PHE A 67 10.15 10.49 -4.85
CA PHE A 67 9.69 10.36 -6.23
C PHE A 67 10.77 10.80 -7.20
N ARG A 68 11.38 11.95 -6.90
CA ARG A 68 12.43 12.49 -7.76
C ARG A 68 13.81 12.13 -7.20
N GLU A 69 14.32 10.97 -7.60
CA GLU A 69 15.63 10.53 -7.14
C GLU A 69 16.11 9.32 -7.95
N HIS A 70 15.68 8.14 -7.55
CA HIS A 70 16.07 6.92 -8.25
C HIS A 70 15.29 5.72 -7.73
N TRP A 71 14.80 5.84 -6.49
CA TRP A 71 14.04 4.76 -5.88
C TRP A 71 12.84 4.39 -6.74
N VAL A 72 12.25 5.38 -7.39
CA VAL A 72 11.10 5.14 -8.25
C VAL A 72 11.39 4.03 -9.24
N GLU A 73 12.61 4.01 -9.78
CA GLU A 73 13.01 2.97 -10.73
C GLU A 73 12.92 1.60 -10.08
N ALA A 74 13.11 1.54 -8.77
CA ALA A 74 13.05 0.27 -8.05
C ALA A 74 11.69 -0.40 -8.27
N TYR A 75 10.62 0.36 -8.08
CA TYR A 75 9.28 -0.17 -8.27
C TYR A 75 8.94 -0.26 -9.75
N ARG A 76 9.53 0.64 -10.54
CA ARG A 76 9.28 0.66 -11.98
C ARG A 76 9.57 -0.71 -12.59
N GLN A 77 10.44 -1.47 -11.95
CA GLN A 77 10.80 -2.80 -12.44
C GLN A 77 9.78 -3.83 -11.99
N GLY A 78 8.89 -3.43 -11.10
CA GLY A 78 7.86 -4.33 -10.60
C GLY A 78 8.43 -5.28 -9.56
N ARG A 79 9.75 -5.25 -9.40
CA ARG A 79 10.42 -6.14 -8.44
C ARG A 79 9.75 -6.05 -7.07
N ILE A 80 10.27 -6.80 -6.12
CA ILE A 80 9.72 -6.79 -4.76
C ILE A 80 10.78 -6.36 -3.75
N GLN A 81 10.34 -5.69 -2.70
CA GLN A 81 11.26 -5.22 -1.66
C GLN A 81 10.87 -5.80 -0.30
N ALA A 82 11.80 -6.50 0.34
CA ALA A 82 11.54 -7.07 1.66
C ALA A 82 12.64 -6.69 2.63
N THR A 83 12.35 -5.69 3.47
CA THR A 83 13.32 -5.23 4.46
C THR A 83 12.86 -5.58 5.87
N THR A 84 13.49 -6.61 6.44
CA THR A 84 13.14 -7.04 7.79
C THR A 84 13.14 -5.84 8.75
N ASP A 85 13.83 -4.79 8.35
CA ASP A 85 13.92 -3.59 9.19
C ASP A 85 14.51 -2.42 8.40
N ILE A 86 13.72 -1.36 8.24
CA ILE A 86 14.19 -0.18 7.52
C ILE A 86 15.24 0.56 8.35
N PHE A 87 15.53 0.05 9.53
CA PHE A 87 16.51 0.68 10.41
C PHE A 87 17.92 0.48 9.89
N LYS A 88 18.14 -0.64 9.21
CA LYS A 88 19.45 -0.95 8.67
C LYS A 88 19.52 -0.59 7.18
N ALA A 89 18.74 0.40 6.79
CA ALA A 89 18.67 0.80 5.39
C ALA A 89 18.89 2.30 5.24
N GLY A 90 19.60 2.69 4.18
CA GLY A 90 19.82 4.11 3.90
C GLY A 90 20.15 4.86 5.18
N LEU A 91 21.05 4.30 5.97
CA LEU A 91 21.49 4.95 7.21
C LEU A 91 21.83 6.42 6.95
N THR A 92 22.04 7.17 8.02
CA THR A 92 22.40 8.58 7.90
C THR A 92 21.47 9.28 6.91
N GLU A 93 20.21 8.87 6.89
CA GLU A 93 19.23 9.47 6.00
C GLU A 93 17.85 9.50 6.65
N CYS A 94 16.97 10.33 6.13
CA CYS A 94 15.61 10.42 6.66
C CYS A 94 14.88 9.08 6.49
N HIS A 95 14.37 8.55 7.60
CA HIS A 95 13.68 7.27 7.57
C HIS A 95 12.98 7.00 8.89
N LEU A 96 13.76 6.52 9.87
CA LEU A 96 13.22 6.27 11.20
C LEU A 96 12.38 7.46 11.68
N ASN A 97 12.79 8.65 11.28
CA ASN A 97 12.09 9.86 11.71
C ASN A 97 10.61 9.78 11.36
N GLN A 98 10.30 9.31 10.16
CA GLN A 98 8.92 9.20 9.73
C GLN A 98 8.44 7.76 9.81
N LEU A 99 9.36 6.85 10.08
CA LEU A 99 9.04 5.43 10.15
C LEU A 99 8.97 4.95 11.59
N ARG A 100 9.74 5.58 12.46
CA ARG A 100 9.79 5.18 13.86
C ARG A 100 8.46 5.45 14.54
N PRO A 101 7.87 6.57 14.25
CA PRO A 101 6.57 6.99 14.87
C PRO A 101 5.47 5.98 14.62
N LEU A 102 5.38 5.50 13.39
CA LEU A 102 4.35 4.53 13.03
C LEU A 102 4.62 3.19 13.70
N LYS A 103 5.77 3.08 14.36
CA LYS A 103 6.12 1.86 15.08
C LYS A 103 6.24 0.68 14.12
N VAL A 104 6.57 0.98 12.87
CA VAL A 104 6.75 -0.06 11.87
C VAL A 104 8.07 -0.79 12.07
N ARG A 105 7.98 -2.02 12.56
CA ARG A 105 9.18 -2.82 12.81
C ARG A 105 9.49 -3.70 11.60
N ALA A 106 8.52 -3.82 10.70
CA ALA A 106 8.68 -4.66 9.51
C ALA A 106 8.20 -3.90 8.28
N ASN A 107 8.91 -4.05 7.16
CA ASN A 107 8.53 -3.38 5.93
C ASN A 107 8.44 -4.35 4.77
N LEU A 108 7.25 -4.46 4.19
CA LEU A 108 7.04 -5.32 3.03
C LEU A 108 6.30 -4.55 1.94
N VAL A 109 6.85 -4.56 0.72
CA VAL A 109 6.24 -3.81 -0.37
C VAL A 109 6.06 -4.69 -1.60
N VAL A 110 5.01 -4.40 -2.37
CA VAL A 110 4.75 -5.12 -3.61
C VAL A 110 4.14 -4.18 -4.64
N PRO A 111 4.92 -3.77 -5.61
CA PRO A 111 4.50 -2.75 -6.61
C PRO A 111 3.53 -3.32 -7.64
N MET A 112 2.54 -2.51 -8.01
CA MET A 112 1.58 -2.90 -9.05
C MET A 112 1.47 -1.80 -10.10
N VAL A 113 2.28 -1.91 -11.15
CA VAL A 113 2.30 -0.88 -12.19
C VAL A 113 1.17 -1.11 -13.20
N ILE A 114 0.75 -0.02 -13.84
CA ILE A 114 -0.31 -0.10 -14.84
C ILE A 114 0.13 0.60 -16.12
N ASP A 115 0.01 -0.08 -17.25
CA ASP A 115 0.41 0.49 -18.53
C ASP A 115 1.83 1.05 -18.43
N ASP A 116 2.75 0.25 -17.89
CA ASP A 116 4.13 0.69 -17.74
C ASP A 116 4.21 1.95 -16.89
N GLN A 117 3.40 1.98 -15.84
CA GLN A 117 3.39 3.15 -14.94
C GLN A 117 3.03 2.72 -13.52
N LEU A 118 3.59 3.41 -12.54
CA LEU A 118 3.31 3.10 -11.14
C LEU A 118 1.94 3.61 -10.74
N PHE A 119 1.07 2.71 -10.30
CA PHE A 119 -0.27 3.07 -9.89
C PHE A 119 -0.35 3.19 -8.36
N GLY A 120 -0.12 2.08 -7.68
CA GLY A 120 -0.16 2.06 -6.23
C GLY A 120 0.73 0.96 -5.66
N LEU A 121 0.86 0.92 -4.34
CA LEU A 121 1.69 -0.08 -3.70
C LEU A 121 1.08 -0.51 -2.36
N LEU A 122 0.95 -1.81 -2.16
CA LEU A 122 0.40 -2.34 -0.92
C LEU A 122 1.51 -2.65 0.08
N ILE A 123 1.50 -1.94 1.21
CA ILE A 123 2.54 -2.12 2.21
C ILE A 123 1.96 -2.72 3.49
N ALA A 124 2.69 -3.68 4.06
CA ALA A 124 2.27 -4.31 5.31
C ALA A 124 3.36 -4.18 6.37
N HIS A 125 3.08 -3.43 7.42
CA HIS A 125 4.05 -3.23 8.49
C HIS A 125 3.63 -3.97 9.75
N GLN A 126 4.54 -4.76 10.30
CA GLN A 126 4.29 -5.44 11.57
C GLN A 126 4.73 -4.56 12.74
N ALA A 127 3.76 -4.18 13.58
CA ALA A 127 4.04 -3.29 14.69
C ALA A 127 4.38 -4.08 15.95
N SER A 128 4.22 -5.40 15.86
CA SER A 128 4.47 -6.27 17.02
C SER A 128 5.90 -6.81 16.98
N GLU A 129 6.42 -6.99 15.77
CA GLU A 129 7.77 -7.54 15.61
C GLU A 129 8.06 -7.80 14.13
N PRO A 130 9.30 -7.71 13.75
CA PRO A 130 9.73 -7.97 12.34
C PRO A 130 9.65 -9.44 11.98
N ARG A 131 8.90 -9.75 10.91
CA ARG A 131 8.68 -11.12 10.50
C ARG A 131 9.28 -11.38 9.12
N GLN A 132 9.90 -12.54 8.96
CA GLN A 132 10.44 -12.92 7.66
C GLN A 132 9.33 -13.39 6.73
N TRP A 133 9.13 -12.66 5.64
CA TRP A 133 8.05 -12.98 4.71
C TRP A 133 8.22 -14.39 4.16
N GLN A 134 7.11 -15.07 3.92
CA GLN A 134 7.15 -16.42 3.35
C GLN A 134 7.07 -16.37 1.83
N GLU A 135 7.89 -17.19 1.17
CA GLU A 135 7.90 -17.23 -0.29
C GLU A 135 6.48 -17.28 -0.83
N ILE A 136 5.64 -18.11 -0.21
CA ILE A 136 4.26 -18.24 -0.63
C ILE A 136 3.45 -17.02 -0.21
N GLU A 137 3.78 -16.46 0.95
CA GLU A 137 3.06 -15.30 1.45
C GLU A 137 3.32 -14.08 0.58
N ILE A 138 4.54 -13.97 0.06
CA ILE A 138 4.90 -12.85 -0.79
C ILE A 138 4.18 -12.94 -2.14
N ASP A 139 4.23 -14.14 -2.74
CA ASP A 139 3.59 -14.35 -4.04
C ASP A 139 2.09 -14.12 -3.93
N GLN A 140 1.48 -14.66 -2.88
CA GLN A 140 0.04 -14.51 -2.68
C GLN A 140 -0.31 -13.05 -2.43
N PHE A 141 0.49 -12.38 -1.62
CA PHE A 141 0.26 -10.98 -1.30
C PHE A 141 0.38 -10.12 -2.56
N SER A 142 1.41 -10.39 -3.35
CA SER A 142 1.62 -9.67 -4.60
C SER A 142 0.42 -9.86 -5.54
N GLU A 143 -0.10 -11.08 -5.57
CA GLU A 143 -1.27 -11.38 -6.39
C GLU A 143 -2.44 -10.47 -6.01
N LEU A 144 -2.60 -10.25 -4.71
CA LEU A 144 -3.66 -9.37 -4.23
C LEU A 144 -3.50 -7.97 -4.81
N ALA A 145 -2.28 -7.46 -4.79
CA ALA A 145 -2.01 -6.13 -5.33
C ALA A 145 -2.25 -6.10 -6.83
N SER A 146 -1.75 -7.13 -7.53
CA SER A 146 -1.91 -7.21 -8.97
C SER A 146 -3.39 -7.32 -9.33
N THR A 147 -4.16 -7.96 -8.45
CA THR A 147 -5.59 -8.16 -8.70
C THR A 147 -6.27 -6.83 -9.02
N GLY A 148 -6.12 -5.87 -8.12
CA GLY A 148 -6.74 -4.56 -8.31
C GLY A 148 -6.24 -3.92 -9.60
N SER A 149 -4.96 -4.07 -9.88
CA SER A 149 -4.37 -3.49 -11.08
C SER A 149 -5.13 -3.92 -12.32
N LEU A 150 -5.58 -5.18 -12.31
CA LEU A 150 -6.31 -5.72 -13.46
C LEU A 150 -7.56 -4.89 -13.75
N VAL A 151 -8.38 -4.69 -12.72
CA VAL A 151 -9.61 -3.93 -12.88
C VAL A 151 -9.29 -2.44 -13.03
N LEU A 152 -8.41 -1.93 -12.17
CA LEU A 152 -8.04 -0.53 -12.22
C LEU A 152 -7.56 -0.14 -13.61
N GLU A 153 -6.89 -1.07 -14.28
CA GLU A 153 -6.39 -0.83 -15.63
C GLU A 153 -7.54 -0.50 -16.57
N ARG A 154 -8.52 -1.38 -16.62
CA ARG A 154 -9.67 -1.17 -17.50
C ARG A 154 -10.57 -0.06 -16.97
N LEU A 155 -10.72 -0.01 -15.65
CA LEU A 155 -11.56 0.99 -15.02
C LEU A 155 -10.96 2.39 -15.21
N HIS A 156 -9.67 2.52 -14.89
CA HIS A 156 -8.99 3.79 -15.00
C HIS A 156 -9.24 4.43 -16.37
N PHE A 157 -9.15 3.61 -17.42
CA PHE A 157 -9.35 4.10 -18.78
C PHE A 157 -10.84 4.27 -19.07
N LEU A 158 -11.62 3.23 -18.76
CA LEU A 158 -13.05 3.27 -19.01
C LEU A 158 -13.66 4.56 -18.46
N GLU A 159 -13.38 4.84 -17.19
CA GLU A 159 -13.89 6.06 -16.56
C GLU A 159 -13.39 7.29 -17.30
N GLN A 160 -12.13 7.25 -17.72
CA GLN A 160 -11.52 8.39 -18.42
C GLN A 160 -12.24 8.63 -19.75
N THR A 161 -12.33 7.59 -20.56
CA THR A 161 -12.97 7.71 -21.88
C THR A 161 -14.41 8.16 -21.73
N ILE A 162 -15.03 7.82 -20.61
CA ILE A 162 -16.42 8.18 -20.37
C ILE A 162 -16.55 9.69 -20.16
N ALA A 163 -15.49 10.30 -19.66
CA ALA A 163 -15.49 11.75 -19.42
C ALA A 163 -15.57 12.51 -20.74
N SER A 164 -15.01 11.92 -21.79
CA SER A 164 -15.01 12.55 -23.10
C SER A 164 -16.37 12.38 -23.78
N LEU A 165 -17.28 11.70 -23.10
CA LEU A 165 -18.62 11.47 -23.63
C LEU A 165 -19.59 11.09 -22.52
C31 PVN B . 14.48 10.44 3.17
C32 PVN B . 12.98 10.70 3.38
C3 PVN B . 14.93 10.56 1.69
C2 PVN B . 15.22 11.74 0.99
C21 PVN B . 15.15 13.18 1.51
C1 PVN B . 15.60 11.44 -0.31
O1 PVN B . 15.89 12.25 -1.18
N1 PVN B . 15.62 10.13 -0.51
C4 PVN B . 15.17 9.40 0.68
C5 PVN B . 13.96 8.55 0.24
C6 PVN B . 14.15 7.00 0.29
C7 PVN B . 15.05 6.34 -0.53
C41 PVN B . 15.95 7.08 -1.54
N2 PVN B . 13.55 6.04 1.05
C9 PVN B . 14.02 4.80 0.77
C8 PVN B . 15.00 4.97 -0.25
C51 PVN B . 15.88 3.89 -0.97
C52 PVN B . 17.43 3.96 -0.80
C53 PVN B . 18.14 2.68 -0.36
O54 PVN B . 18.69 2.66 0.77
O55 PVN B . 18.15 1.69 -1.13
C10 PVN B . 13.71 3.50 1.28
C11 PVN B . 12.37 3.00 1.22
C12 PVN B . 11.83 1.89 1.91
C61 PVN B . 12.65 1.01 2.89
C62 PVN B . 12.84 -0.49 2.68
C63 PVN B . 14.00 -0.78 1.71
O64 PVN B . 13.83 -0.53 0.50
O65 PVN B . 15.05 -1.25 2.20
N3 PVN B . 11.34 3.47 0.48
C14 PVN B . 10.18 2.78 0.63
C13 PVN B . 10.48 1.78 1.54
C71 PVN B . 9.47 0.72 2.04
C15 PVN B . 8.93 3.05 -0.02
C16 PVN B . 8.11 4.14 0.43
C17 PVN B . 7.02 3.82 1.25
C81 PVN B . 6.59 2.41 1.74
N4 PVN B . 8.05 5.48 0.29
C19 PVN B . 7.01 5.98 0.98
O19 PVN B . 6.71 7.17 1.03
C18 PVN B . 6.30 4.96 1.61
C91 PVN B . 5.04 4.99 2.50
C92 PVN B . 5.20 4.90 4.03
H321 PVN B . 12.50 10.59 2.51
H322 PVN B . 12.62 10.02 4.03
HC4 PVN B . 15.87 8.71 1.16
H211 PVN B . 16.06 13.49 1.79
H212 PVN B . 14.80 13.78 0.80
H213 PVN B . 14.53 13.22 2.30
HN1 PVN B . 15.90 9.63 -1.34
H5C1 PVN B . 13.14 8.78 0.92
H5C2 PVN B . 13.67 8.83 -0.77
HN2 PVN B . 12.84 6.25 1.73
H411 PVN B . 15.59 8.00 -1.71
H412 PVN B . 16.88 7.15 -1.17
H413 PVN B . 15.97 6.57 -2.41
H101 PVN B . 14.50 2.90 1.72
H511 PVN B . 15.71 4.03 -1.96
H512 PVN B . 15.57 2.99 -0.69
H521 PVN B . 17.81 4.23 -1.69
H522 PVN B . 17.62 4.67 -0.12
H611 PVN B . 12.18 1.10 3.78
H612 PVN B . 13.57 1.42 2.96
H621 PVN B . 12.00 -0.87 2.30
H622 PVN B . 13.04 -0.93 3.55
H151 PVN B . 8.63 2.48 -0.78
H711 PVN B . 9.29 0.06 1.30
H712 PVN B . 9.86 0.23 2.83
H713 PVN B . 8.62 1.15 2.30
HN4 PVN B . 8.68 6.06 -0.22
H811 PVN B . 7.13 1.73 1.26
H812 PVN B . 6.76 2.34 2.72
H813 PVN B . 5.62 2.26 1.54
H911 PVN B . 4.56 5.86 2.32
H912 PVN B . 4.46 4.23 2.22
H921 PVN B . 5.99 4.35 4.25
H922 PVN B . 5.34 5.82 4.40
H923 PVN B . 4.39 4.50 4.44
H323 PVN B . 12.84 11.63 3.73
HXT PVN B . 14.63 9.39 3.44
N MET A 1 -33.40 -12.13 5.41
CA MET A 1 -32.28 -11.19 5.16
C MET A 1 -32.58 -10.35 3.93
N ALA A 2 -32.11 -9.10 3.93
CA ALA A 2 -32.35 -8.20 2.82
C ALA A 2 -31.36 -7.05 2.84
N ALA A 3 -30.15 -7.29 2.37
CA ALA A 3 -29.11 -6.26 2.33
C ALA A 3 -29.32 -5.33 1.15
N VAL A 4 -29.70 -4.08 1.43
CA VAL A 4 -29.92 -3.10 0.37
C VAL A 4 -28.72 -2.18 0.24
N GLN A 5 -28.21 -1.71 1.37
CA GLN A 5 -27.06 -0.81 1.37
C GLN A 5 -25.86 -1.49 0.71
N LEU A 6 -25.70 -2.78 0.97
CA LEU A 6 -24.59 -3.54 0.40
C LEU A 6 -24.56 -3.39 -1.12
N SER A 7 -25.74 -3.43 -1.73
CA SER A 7 -25.84 -3.30 -3.19
C SER A 7 -25.40 -1.92 -3.63
N GLU A 8 -25.63 -0.93 -2.78
CA GLU A 8 -25.25 0.45 -3.10
C GLU A 8 -23.75 0.63 -2.94
N LEU A 9 -23.05 -0.45 -2.63
CA LEU A 9 -21.60 -0.41 -2.46
C LEU A 9 -20.91 -0.25 -3.81
N ARG A 10 -20.08 0.80 -3.92
CA ARG A 10 -19.36 1.05 -5.16
C ARG A 10 -18.36 2.19 -4.98
N ASP A 11 -18.31 2.73 -3.77
CA ASP A 11 -17.38 3.82 -3.47
C ASP A 11 -15.94 3.39 -3.73
N ARG A 12 -15.13 4.32 -4.20
CA ARG A 12 -13.73 4.03 -4.48
C ARG A 12 -13.02 3.53 -3.23
N GLN A 13 -13.45 4.02 -2.08
CA GLN A 13 -12.85 3.63 -0.81
C GLN A 13 -13.17 2.17 -0.50
N ALA A 14 -14.34 1.73 -0.93
CA ALA A 14 -14.76 0.35 -0.67
C ALA A 14 -13.78 -0.63 -1.33
N ILE A 15 -13.57 -0.47 -2.63
CA ILE A 15 -12.67 -1.35 -3.37
C ILE A 15 -11.25 -1.28 -2.80
N PHE A 16 -10.86 -0.09 -2.35
CA PHE A 16 -9.53 0.11 -1.81
C PHE A 16 -9.44 -0.43 -0.37
N GLU A 17 -10.39 -0.02 0.46
CA GLU A 17 -10.43 -0.48 1.85
C GLU A 17 -10.47 -2.01 1.90
N THR A 18 -10.94 -2.62 0.81
CA THR A 18 -11.03 -4.08 0.77
C THR A 18 -9.65 -4.70 0.64
N LEU A 19 -8.92 -4.33 -0.41
CA LEU A 19 -7.58 -4.86 -0.64
C LEU A 19 -6.83 -4.99 0.68
N VAL A 20 -6.69 -3.87 1.38
CA VAL A 20 -5.99 -3.86 2.66
C VAL A 20 -6.64 -4.84 3.64
N ALA A 21 -7.97 -4.91 3.60
CA ALA A 21 -8.71 -5.82 4.47
C ALA A 21 -8.23 -7.26 4.28
N LYS A 22 -8.07 -7.66 3.01
CA LYS A 22 -7.57 -8.99 2.71
C LYS A 22 -6.09 -9.11 3.05
N GLY A 23 -5.33 -8.06 2.74
CA GLY A 23 -3.90 -8.07 3.03
C GLY A 23 -3.63 -8.49 4.46
N ARG A 24 -4.32 -7.85 5.40
CA ARG A 24 -4.15 -8.16 6.81
C ARG A 24 -4.41 -9.64 7.07
N GLU A 25 -5.47 -10.17 6.46
CA GLU A 25 -5.83 -11.57 6.64
C GLU A 25 -4.90 -12.47 5.83
N LEU A 26 -4.51 -11.99 4.66
CA LEU A 26 -3.62 -12.77 3.79
C LEU A 26 -2.22 -12.86 4.40
N LEU A 27 -1.61 -11.72 4.64
CA LEU A 27 -0.27 -11.68 5.24
C LEU A 27 -0.33 -12.09 6.71
N ALA A 28 -1.50 -11.90 7.32
CA ALA A 28 -1.66 -12.20 8.75
C ALA A 28 -0.71 -11.35 9.58
N CYS A 29 -0.61 -10.07 9.24
CA CYS A 29 0.27 -9.16 9.96
C CYS A 29 -0.48 -8.47 11.10
N ASP A 30 0.05 -7.35 11.55
CA ASP A 30 -0.58 -6.62 12.65
C ASP A 30 -1.06 -5.24 12.18
N ARG A 31 -0.39 -4.70 11.17
CA ARG A 31 -0.77 -3.40 10.65
C ARG A 31 -0.47 -3.32 9.15
N VAL A 32 -1.33 -2.61 8.43
CA VAL A 32 -1.16 -2.45 6.99
C VAL A 32 -1.70 -1.10 6.53
N ILE A 33 -1.04 -0.50 5.54
CA ILE A 33 -1.47 0.80 5.03
C ILE A 33 -1.31 0.86 3.52
N VAL A 34 -2.24 1.54 2.85
CA VAL A 34 -2.20 1.66 1.41
C VAL A 34 -1.80 3.08 1.00
N TYR A 35 -0.84 3.19 0.09
CA TYR A 35 -0.36 4.49 -0.35
C TYR A 35 0.02 4.45 -1.82
N ALA A 36 -0.21 5.55 -2.52
CA ALA A 36 0.14 5.66 -3.92
C ALA A 36 0.81 6.99 -4.22
N PHE A 37 1.46 7.08 -5.37
CA PHE A 37 2.17 8.30 -5.75
C PHE A 37 1.32 9.14 -6.70
N ASP A 38 0.69 10.18 -6.18
CA ASP A 38 -0.11 11.07 -7.00
C ASP A 38 0.79 11.97 -7.85
N ASP A 39 0.24 13.09 -8.29
CA ASP A 39 0.99 14.02 -9.12
C ASP A 39 1.74 15.03 -8.25
N ASN A 40 1.88 14.71 -6.97
CA ASN A 40 2.55 15.60 -6.03
C ASN A 40 3.66 14.85 -5.28
N TYR A 41 4.14 13.76 -5.87
CA TYR A 41 5.18 12.97 -5.24
C TYR A 41 4.84 12.68 -3.78
N VAL A 42 3.56 12.83 -3.44
CA VAL A 42 3.12 12.58 -2.07
C VAL A 42 2.33 11.27 -1.99
N GLY A 43 2.58 10.50 -0.94
CA GLY A 43 1.90 9.23 -0.76
C GLY A 43 0.44 9.45 -0.34
N THR A 44 -0.44 9.47 -1.33
CA THR A 44 -1.87 9.67 -1.05
C THR A 44 -2.37 8.62 -0.06
N VAL A 45 -3.34 9.01 0.76
CA VAL A 45 -3.90 8.11 1.76
C VAL A 45 -5.08 7.35 1.19
N VAL A 46 -4.80 6.34 0.37
CA VAL A 46 -5.84 5.52 -0.22
C VAL A 46 -6.67 4.84 0.86
N ALA A 47 -6.04 3.91 1.58
CA ALA A 47 -6.72 3.20 2.66
C ALA A 47 -5.73 2.80 3.74
N GLU A 48 -6.15 2.92 4.99
CA GLU A 48 -5.30 2.56 6.12
C GLU A 48 -6.02 1.61 7.07
N SER A 49 -5.32 0.57 7.51
CA SER A 49 -5.91 -0.39 8.44
C SER A 49 -4.93 -0.72 9.55
N VAL A 50 -5.32 -0.38 10.78
CA VAL A 50 -4.46 -0.65 11.94
C VAL A 50 -5.19 -1.51 12.95
N ALA A 51 -4.56 -2.61 13.35
CA ALA A 51 -5.15 -3.52 14.33
C ALA A 51 -5.44 -2.78 15.62
N GLU A 52 -6.22 -3.40 16.50
CA GLU A 52 -6.58 -2.79 17.78
C GLU A 52 -5.34 -2.52 18.61
N GLY A 53 -5.35 -1.43 19.35
CA GLY A 53 -4.24 -1.09 20.22
C GLY A 53 -3.34 -0.04 19.58
N TRP A 54 -3.26 -0.06 18.25
CA TRP A 54 -2.45 0.90 17.52
C TRP A 54 -3.32 2.04 16.98
N PRO A 55 -2.83 3.24 17.08
CA PRO A 55 -3.57 4.45 16.60
C PRO A 55 -3.58 4.55 15.07
N GLN A 56 -4.44 5.41 14.55
CA GLN A 56 -4.54 5.60 13.10
C GLN A 56 -3.43 6.50 12.60
N ALA A 57 -2.56 5.94 11.76
CA ALA A 57 -1.44 6.70 11.22
C ALA A 57 -1.92 7.65 10.12
N ARG A 58 -3.17 7.48 9.71
CA ARG A 58 -3.73 8.32 8.65
C ARG A 58 -3.52 9.79 8.97
N ASP A 59 -3.39 10.10 10.26
CA ASP A 59 -3.19 11.49 10.68
C ASP A 59 -1.81 11.98 10.28
N GLN A 60 -0.96 11.06 9.83
CA GLN A 60 0.39 11.40 9.43
C GLN A 60 0.52 11.36 7.90
N VAL A 61 0.74 12.52 7.29
CA VAL A 61 0.88 12.61 5.85
C VAL A 61 2.18 11.93 5.40
N ILE A 62 2.25 11.59 4.12
CA ILE A 62 3.45 10.95 3.58
C ILE A 62 4.25 11.93 2.74
N GLU A 63 5.20 12.60 3.37
CA GLU A 63 6.00 13.60 2.67
C GLU A 63 7.11 12.95 1.85
N ASP A 64 7.60 11.81 2.33
CA ASP A 64 8.66 11.10 1.63
C ASP A 64 8.24 10.73 0.22
N PRO A 65 8.85 11.32 -0.76
CA PRO A 65 8.55 11.05 -2.20
C PRO A 65 9.29 9.82 -2.72
N CYS A 66 9.34 9.68 -4.04
CA CYS A 66 10.00 8.55 -4.66
C CYS A 66 10.44 8.89 -6.08
N PHE A 67 9.56 9.60 -6.81
CA PHE A 67 9.86 9.98 -8.18
C PHE A 67 11.18 10.73 -8.25
N ARG A 68 11.40 11.63 -7.30
CA ARG A 68 12.64 12.40 -7.27
C ARG A 68 13.85 11.49 -7.25
N GLU A 69 13.72 10.34 -6.60
CA GLU A 69 14.81 9.39 -6.51
C GLU A 69 14.66 8.30 -7.56
N HIS A 70 15.79 7.72 -7.98
CA HIS A 70 15.77 6.66 -8.99
C HIS A 70 15.06 5.43 -8.45
N TRP A 71 14.92 5.36 -7.13
CA TRP A 71 14.25 4.22 -6.51
C TRP A 71 12.92 3.93 -7.18
N VAL A 72 12.23 4.99 -7.60
CA VAL A 72 10.94 4.85 -8.26
C VAL A 72 11.04 3.84 -9.41
N GLU A 73 12.19 3.87 -10.11
CA GLU A 73 12.40 2.95 -11.22
C GLU A 73 12.48 1.51 -10.71
N ALA A 74 12.91 1.33 -9.46
CA ALA A 74 13.02 0.00 -8.88
C ALA A 74 11.68 -0.72 -8.94
N TYR A 75 10.61 -0.01 -8.61
CA TYR A 75 9.27 -0.60 -8.65
C TYR A 75 8.74 -0.62 -10.07
N ARG A 76 9.22 0.31 -10.89
CA ARG A 76 8.76 0.40 -12.27
C ARG A 76 9.10 -0.88 -13.03
N GLN A 77 10.01 -1.66 -12.48
CA GLN A 77 10.43 -2.91 -13.12
C GLN A 77 9.81 -4.11 -12.41
N GLY A 78 9.04 -3.84 -11.37
CA GLY A 78 8.39 -4.91 -10.62
C GLY A 78 9.34 -5.53 -9.60
N ARG A 79 10.19 -4.69 -9.01
CA ARG A 79 11.15 -5.16 -8.03
C ARG A 79 10.46 -5.45 -6.69
N ILE A 80 10.98 -6.44 -5.97
CA ILE A 80 10.42 -6.80 -4.67
C ILE A 80 11.33 -6.33 -3.55
N GLN A 81 10.78 -5.55 -2.62
CA GLN A 81 11.56 -5.04 -1.51
C GLN A 81 11.08 -5.63 -0.19
N ALA A 82 11.96 -6.37 0.48
CA ALA A 82 11.62 -6.96 1.77
C ALA A 82 12.67 -6.61 2.82
N THR A 83 12.35 -5.66 3.68
CA THR A 83 13.28 -5.23 4.72
C THR A 83 12.76 -5.61 6.10
N THR A 84 13.36 -6.65 6.69
CA THR A 84 12.96 -7.10 8.01
C THR A 84 12.95 -5.93 8.99
N ASP A 85 13.65 -4.86 8.64
CA ASP A 85 13.73 -3.69 9.50
C ASP A 85 14.35 -2.52 8.77
N ILE A 86 13.58 -1.44 8.60
CA ILE A 86 14.09 -0.25 7.93
C ILE A 86 15.14 0.44 8.78
N PHE A 87 15.42 -0.14 9.94
CA PHE A 87 16.39 0.46 10.87
C PHE A 87 17.81 0.22 10.37
N LYS A 88 18.01 -0.88 9.68
CA LYS A 88 19.33 -1.21 9.13
C LYS A 88 19.42 -0.79 7.67
N ALA A 89 18.66 0.24 7.30
CA ALA A 89 18.63 0.69 5.92
C ALA A 89 18.80 2.20 5.84
N GLY A 90 19.57 2.66 4.86
CA GLY A 90 19.75 4.09 4.64
C GLY A 90 20.04 4.80 5.96
N LEU A 91 20.98 4.26 6.72
CA LEU A 91 21.39 4.89 7.99
C LEU A 91 21.88 6.31 7.74
N THR A 92 21.89 7.11 8.80
CA THR A 92 22.36 8.48 8.70
C THR A 92 21.52 9.27 7.70
N GLU A 93 20.27 8.86 7.53
CA GLU A 93 19.37 9.53 6.61
C GLU A 93 17.93 9.52 7.16
N CYS A 94 17.08 10.35 6.58
CA CYS A 94 15.69 10.40 7.00
C CYS A 94 15.03 9.04 6.84
N HIS A 95 14.50 8.51 7.95
CA HIS A 95 13.87 7.20 7.92
C HIS A 95 13.21 6.90 9.27
N LEU A 96 14.01 6.45 10.23
CA LEU A 96 13.50 6.15 11.56
C LEU A 96 12.69 7.32 12.10
N ASN A 97 13.10 8.54 11.76
CA ASN A 97 12.43 9.74 12.24
C ASN A 97 10.95 9.72 11.84
N GLN A 98 10.69 9.34 10.59
CA GLN A 98 9.32 9.31 10.09
C GLN A 98 8.74 7.90 10.17
N LEU A 99 9.59 6.93 10.50
CA LEU A 99 9.17 5.54 10.56
C LEU A 99 9.05 5.08 12.01
N ARG A 100 9.79 5.75 12.90
CA ARG A 100 9.78 5.37 14.31
C ARG A 100 8.42 5.61 14.93
N PRO A 101 7.79 6.71 14.57
CA PRO A 101 6.47 7.11 15.11
C PRO A 101 5.39 6.07 14.82
N LEU A 102 5.35 5.60 13.58
CA LEU A 102 4.35 4.62 13.17
C LEU A 102 4.58 3.28 13.86
N LYS A 103 5.71 3.18 14.57
CA LYS A 103 6.03 1.95 15.30
C LYS A 103 6.14 0.78 14.34
N VAL A 104 6.49 1.07 13.09
CA VAL A 104 6.66 0.02 12.08
C VAL A 104 7.96 -0.73 12.30
N ARG A 105 7.85 -1.98 12.75
CA ARG A 105 9.03 -2.81 13.00
C ARG A 105 9.32 -3.69 11.80
N ALA A 106 8.33 -3.83 10.92
CA ALA A 106 8.48 -4.66 9.73
C ALA A 106 8.06 -3.88 8.49
N ASN A 107 8.82 -4.01 7.42
CA ASN A 107 8.49 -3.30 6.18
C ASN A 107 8.46 -4.26 4.98
N LEU A 108 7.29 -4.37 4.36
CA LEU A 108 7.13 -5.20 3.18
C LEU A 108 6.43 -4.42 2.08
N VAL A 109 7.03 -4.40 0.89
CA VAL A 109 6.45 -3.64 -0.22
C VAL A 109 6.36 -4.49 -1.48
N VAL A 110 5.35 -4.21 -2.29
CA VAL A 110 5.15 -4.91 -3.55
C VAL A 110 4.69 -3.96 -4.64
N PRO A 111 5.33 -3.98 -5.77
CA PRO A 111 5.03 -3.03 -6.88
C PRO A 111 3.71 -3.31 -7.58
N MET A 112 2.97 -2.25 -7.86
CA MET A 112 1.70 -2.39 -8.59
C MET A 112 1.70 -1.45 -9.79
N VAL A 113 1.57 -2.03 -10.99
CA VAL A 113 1.65 -1.25 -12.21
C VAL A 113 0.38 -1.42 -13.05
N ILE A 114 -0.04 -0.34 -13.69
CA ILE A 114 -1.22 -0.38 -14.55
C ILE A 114 -0.86 0.08 -15.96
N ASP A 115 -1.24 -0.72 -16.96
CA ASP A 115 -0.93 -0.38 -18.35
C ASP A 115 0.50 0.14 -18.46
N ASP A 116 1.44 -0.61 -17.88
CA ASP A 116 2.84 -0.21 -17.92
C ASP A 116 3.03 1.17 -17.31
N GLN A 117 2.31 1.43 -16.22
CA GLN A 117 2.41 2.71 -15.54
C GLN A 117 2.36 2.52 -14.02
N LEU A 118 3.12 3.35 -13.30
CA LEU A 118 3.15 3.25 -11.85
C LEU A 118 1.86 3.80 -11.24
N PHE A 119 1.22 3.00 -10.40
CA PHE A 119 -0.03 3.43 -9.77
C PHE A 119 0.17 3.61 -8.26
N GLY A 120 0.57 2.54 -7.59
CA GLY A 120 0.79 2.59 -6.15
C GLY A 120 1.42 1.30 -5.65
N LEU A 121 1.63 1.22 -4.34
CA LEU A 121 2.23 0.04 -3.74
C LEU A 121 1.58 -0.29 -2.40
N LEU A 122 1.39 -1.57 -2.14
CA LEU A 122 0.80 -2.01 -0.88
C LEU A 122 1.88 -2.35 0.14
N ILE A 123 1.80 -1.73 1.31
CA ILE A 123 2.80 -1.97 2.35
C ILE A 123 2.16 -2.58 3.59
N ALA A 124 2.84 -3.55 4.19
CA ALA A 124 2.35 -4.18 5.41
C ALA A 124 3.39 -4.07 6.52
N HIS A 125 3.06 -3.34 7.57
CA HIS A 125 3.96 -3.16 8.69
C HIS A 125 3.46 -3.91 9.93
N GLN A 126 4.32 -4.74 10.51
CA GLN A 126 3.98 -5.42 11.74
C GLN A 126 4.38 -4.57 12.96
N ALA A 127 3.38 -4.19 13.75
CA ALA A 127 3.62 -3.32 14.89
C ALA A 127 3.92 -4.14 16.14
N SER A 128 3.79 -5.46 16.02
CA SER A 128 4.00 -6.35 17.16
C SER A 128 5.42 -6.89 17.15
N GLU A 129 5.96 -7.09 15.95
CA GLU A 129 7.31 -7.64 15.80
C GLU A 129 7.63 -7.88 14.34
N PRO A 130 8.87 -7.78 13.97
CA PRO A 130 9.33 -8.01 12.57
C PRO A 130 9.26 -9.49 12.16
N ARG A 131 8.57 -9.77 11.07
CA ARG A 131 8.38 -11.13 10.62
C ARG A 131 9.04 -11.35 9.26
N GLN A 132 9.66 -12.51 9.08
CA GLN A 132 10.24 -12.86 7.79
C GLN A 132 9.17 -13.31 6.81
N TRP A 133 9.00 -12.56 5.73
CA TRP A 133 7.95 -12.86 4.76
C TRP A 133 8.15 -14.25 4.18
N GLN A 134 7.04 -14.94 3.91
CA GLN A 134 7.12 -16.26 3.31
C GLN A 134 7.07 -16.18 1.79
N GLU A 135 7.89 -16.98 1.13
CA GLU A 135 7.95 -16.99 -0.32
C GLU A 135 6.55 -17.03 -0.91
N ILE A 136 5.68 -17.84 -0.32
CA ILE A 136 4.30 -17.96 -0.79
C ILE A 136 3.50 -16.72 -0.42
N GLU A 137 3.81 -16.14 0.74
CA GLU A 137 3.10 -14.96 1.21
C GLU A 137 3.39 -13.77 0.30
N ILE A 138 4.62 -13.69 -0.19
CA ILE A 138 5.02 -12.59 -1.07
C ILE A 138 4.29 -12.69 -2.41
N ASP A 139 4.29 -13.87 -3.00
CA ASP A 139 3.62 -14.09 -4.28
C ASP A 139 2.13 -13.83 -4.15
N GLN A 140 1.52 -14.39 -3.10
CA GLN A 140 0.09 -14.22 -2.89
C GLN A 140 -0.24 -12.75 -2.63
N PHE A 141 0.57 -12.10 -1.82
CA PHE A 141 0.36 -10.69 -1.50
C PHE A 141 0.53 -9.83 -2.74
N SER A 142 1.59 -10.11 -3.50
CA SER A 142 1.84 -9.38 -4.74
C SER A 142 0.66 -9.54 -5.70
N GLU A 143 0.07 -10.73 -5.70
CA GLU A 143 -1.10 -10.99 -6.53
C GLU A 143 -2.26 -10.08 -6.13
N LEU A 144 -2.42 -9.88 -4.82
CA LEU A 144 -3.48 -9.01 -4.31
C LEU A 144 -3.33 -7.60 -4.88
N ALA A 145 -2.10 -7.10 -4.88
CA ALA A 145 -1.83 -5.77 -5.41
C ALA A 145 -2.09 -5.73 -6.92
N SER A 146 -1.61 -6.76 -7.62
CA SER A 146 -1.81 -6.85 -9.06
C SER A 146 -3.29 -6.92 -9.40
N THR A 147 -4.06 -7.56 -8.53
CA THR A 147 -5.49 -7.72 -8.76
C THR A 147 -6.14 -6.36 -9.01
N GLY A 148 -5.94 -5.43 -8.08
CA GLY A 148 -6.51 -4.09 -8.21
C GLY A 148 -6.17 -3.50 -9.57
N SER A 149 -4.96 -3.78 -10.05
CA SER A 149 -4.52 -3.27 -11.34
C SER A 149 -5.46 -3.74 -12.45
N LEU A 150 -6.01 -4.93 -12.30
CA LEU A 150 -6.90 -5.50 -13.29
C LEU A 150 -8.15 -4.65 -13.45
N VAL A 151 -8.84 -4.42 -12.34
CA VAL A 151 -10.07 -3.65 -12.35
C VAL A 151 -9.76 -2.16 -12.53
N LEU A 152 -8.73 -1.69 -11.84
CA LEU A 152 -8.34 -0.28 -11.93
C LEU A 152 -8.05 0.10 -13.38
N GLU A 153 -7.46 -0.83 -14.12
CA GLU A 153 -7.14 -0.57 -15.52
C GLU A 153 -8.39 -0.25 -16.32
N ARG A 154 -9.40 -1.12 -16.20
CA ARG A 154 -10.65 -0.92 -16.92
C ARG A 154 -11.47 0.19 -16.28
N LEU A 155 -11.43 0.26 -14.96
CA LEU A 155 -12.20 1.27 -14.23
C LEU A 155 -11.58 2.66 -14.43
N HIS A 156 -10.28 2.77 -14.15
CA HIS A 156 -9.59 4.04 -14.29
C HIS A 156 -9.88 4.67 -15.64
N PHE A 157 -9.93 3.85 -16.67
CA PHE A 157 -10.18 4.33 -18.02
C PHE A 157 -11.67 4.58 -18.23
N LEU A 158 -12.49 3.59 -17.89
CA LEU A 158 -13.93 3.70 -18.06
C LEU A 158 -14.45 4.97 -17.39
N GLU A 159 -14.05 5.18 -16.13
CA GLU A 159 -14.48 6.37 -15.41
C GLU A 159 -14.01 7.64 -16.10
N GLN A 160 -12.77 7.62 -16.57
CA GLN A 160 -12.20 8.79 -17.24
C GLN A 160 -12.90 9.02 -18.58
N THR A 161 -12.99 7.97 -19.37
CA THR A 161 -13.61 8.09 -20.69
C THR A 161 -15.06 8.56 -20.57
N ILE A 162 -15.70 8.20 -19.46
CA ILE A 162 -17.09 8.57 -19.24
C ILE A 162 -17.21 10.09 -19.11
N ALA A 163 -16.19 10.73 -18.55
CA ALA A 163 -16.20 12.18 -18.38
C ALA A 163 -16.24 12.88 -19.73
N SER A 164 -15.64 12.24 -20.74
CA SER A 164 -15.61 12.81 -22.08
C SER A 164 -16.98 12.70 -22.74
N LEU A 165 -17.89 11.99 -22.08
CA LEU A 165 -19.24 11.81 -22.62
C LEU A 165 -20.17 12.89 -22.08
C31 PVN B . 14.38 10.32 3.46
C32 PVN B . 12.94 10.82 3.68
C3 PVN B . 14.82 10.32 1.97
C2 PVN B . 15.29 11.41 1.23
C21 PVN B . 15.51 12.85 1.72
C1 PVN B . 15.57 11.02 -0.07
O1 PVN B . 15.97 11.75 -0.96
N1 PVN B . 15.37 9.73 -0.23
C4 PVN B . 14.81 9.11 0.99
C5 PVN B . 13.45 8.51 0.59
C6 PVN B . 13.39 6.95 0.47
C7 PVN B . 14.07 6.26 -0.52
C41 PVN B . 14.93 6.98 -1.59
N2 PVN B . 12.75 6.01 1.22
C9 PVN B . 12.97 4.75 0.76
C8 PVN B . 13.82 4.89 -0.37
C51 PVN B . 14.43 3.80 -1.31
C52 PVN B . 15.70 3.03 -0.86
C53 PVN B . 17.06 3.49 -1.45
O54 PVN B . 17.08 3.92 -2.63
O55 PVN B . 18.07 3.40 -0.74
C10 PVN B . 12.53 3.46 1.19
C11 PVN B . 11.14 3.23 1.47
C12 PVN B . 10.55 2.04 1.93
C61 PVN B . 11.35 0.74 2.22
C62 PVN B . 12.54 0.71 3.18
C63 PVN B . 13.82 0.25 2.46
O64 PVN B . 14.60 1.12 2.04
O65 PVN B . 14.00 -0.99 2.36
N3 PVN B . 10.11 4.10 1.35
C14 PVN B . 8.90 3.60 1.69
C13 PVN B . 9.17 2.27 2.06
C71 PVN B . 8.10 1.26 2.54
C15 PVN B . 7.65 4.27 1.67
C16 PVN B . 7.39 5.32 2.61
C17 PVN B . 6.82 4.96 3.84
C81 PVN B . 6.44 3.53 4.31
N4 PVN B . 7.52 6.67 2.69
C19 PVN B . 7.08 7.11 3.87
O19 PVN B . 7.08 8.29 4.22
C18 PVN B . 6.62 6.07 4.66
C91 PVN B . 6.01 6.05 6.09
C92 PVN B . 4.61 5.45 6.30
H321 PVN B . 12.96 11.76 3.99
H322 PVN B . 12.44 10.77 2.81
HC4 PVN B . 15.38 8.31 1.46
H211 PVN B . 15.91 12.85 2.63
H212 PVN B . 16.10 13.34 1.09
H213 PVN B . 14.61 13.32 1.75
HN1 PVN B . 15.53 9.16 -1.04
H5C1 PVN B . 12.74 8.79 1.38
H5C2 PVN B . 13.11 8.94 -0.35
HN2 PVN B . 12.18 6.24 2.02
H411 PVN B . 15.05 6.38 -2.38
H412 PVN B . 14.46 7.81 -1.88
H413 PVN B . 15.82 7.22 -1.21
H101 PVN B . 13.26 2.66 1.29
H511 PVN B . 14.68 4.28 -2.16
H512 PVN B . 13.72 3.12 -1.50
H521 PVN B . 15.76 3.11 0.14
H522 PVN B . 15.58 2.07 -1.11
H611 PVN B . 11.71 0.45 1.33
H612 PVN B . 10.68 0.07 2.56
H621 PVN B . 12.34 0.08 3.94
H622 PVN B . 12.69 1.63 3.54
H151 PVN B . 6.95 4.01 1.00
H711 PVN B . 8.27 0.37 2.10
H712 PVN B . 8.13 1.16 3.53
H713 PVN B . 7.19 1.58 2.27
HN4 PVN B . 7.89 7.28 1.99
H811 PVN B . 6.33 3.52 5.30
H812 PVN B . 5.57 3.27 3.88
H813 PVN B . 7.15 2.89 4.03
H911 PVN B . 6.65 5.53 6.66
H912 PVN B . 5.97 6.99 6.40
H921 PVN B . 4.39 5.43 7.26
H922 PVN B . 3.93 6.02 5.82
H923 PVN B . 4.59 4.51 5.93
H323 PVN B . 12.48 10.24 4.36
HXT PVN B . 14.37 9.26 3.76
#